data_2N0U
#
_entry.id   2N0U
#
loop_
_entity.id
_entity.type
_entity.pdbx_description
1 polymer 'Protein Mdm4'
2 non-polymer 4-[(4S,5R)-4-(3-chlorophenyl)-5-(4-chlorophenyl)-1-(3-oxidanylidenepiperazin-1-yl)carbonyl-4,5-dihydroimidazol-2-yl]-3-propan-2-yloxy-benzenecarbonitrile
#
_entity_poly.entity_id   1
_entity_poly.type   'polypeptide(L)'
_entity_poly.pdbx_seq_one_letter_code
;QINQVRPKLPLLKILHAAGAQGEMFTVKEVMHYLGQYIMVKQLYDQQEQHMVYCGGDLLGELLGRQSFSVKDPSPLYDML
RKNLVTLAT
;
_entity_poly.pdbx_strand_id   A
#
loop_
_chem_comp.id
_chem_comp.type
_chem_comp.name
_chem_comp.formula
48M non-polymer 4-[(4S,5R)-4-(3-chlorophenyl)-5-(4-chlorophenyl)-1-(3-oxidanylidenepiperazin-1-yl)carbonyl-4,5-dihydroimidazol-2-yl]-3-propan-2-yloxy-benzenecarbonitrile 'C30 H27 Cl2 N5 O3'
#
# COMPACT_ATOMS: atom_id res chain seq x y z
N GLN A 1 9.20 19.09 -8.17
CA GLN A 1 8.73 18.76 -6.83
C GLN A 1 7.21 18.48 -6.82
N ILE A 2 6.77 17.49 -6.02
CA ILE A 2 5.40 16.97 -6.04
C ILE A 2 4.36 17.86 -5.32
N ASN A 3 4.75 18.48 -4.19
CA ASN A 3 3.89 19.32 -3.34
C ASN A 3 2.70 18.54 -2.70
N GLN A 4 3.04 17.43 -2.04
CA GLN A 4 2.13 16.44 -1.44
C GLN A 4 2.71 15.88 -0.13
N VAL A 5 2.03 14.94 0.54
CA VAL A 5 2.32 14.52 1.92
C VAL A 5 3.05 13.18 2.06
N ARG A 6 3.86 13.07 3.13
CA ARG A 6 4.65 11.91 3.52
C ARG A 6 3.88 10.97 4.47
N PRO A 7 3.70 9.68 4.14
CA PRO A 7 3.17 8.67 5.07
C PRO A 7 4.20 8.34 6.16
N LYS A 8 3.78 7.67 7.24
CA LYS A 8 4.65 7.32 8.39
C LYS A 8 5.71 6.28 7.99
N LEU A 9 6.79 6.18 8.77
CA LEU A 9 7.96 5.31 8.52
C LEU A 9 7.62 3.87 8.08
N PRO A 10 6.73 3.09 8.76
CA PRO A 10 6.38 1.73 8.31
C PRO A 10 5.70 1.66 6.96
N LEU A 11 4.90 2.66 6.65
CA LEU A 11 4.15 2.71 5.41
C LEU A 11 5.04 3.17 4.26
N LEU A 12 5.87 4.20 4.50
CA LEU A 12 6.93 4.61 3.59
C LEU A 12 7.89 3.45 3.28
N LYS A 13 8.18 2.57 4.25
CA LYS A 13 8.96 1.34 4.06
C LYS A 13 8.41 0.43 2.97
N ILE A 14 7.09 0.19 2.92
CA ILE A 14 6.44 -0.63 1.88
C ILE A 14 6.69 0.00 0.49
N LEU A 15 6.43 1.32 0.37
CA LEU A 15 6.54 2.10 -0.85
C LEU A 15 7.98 2.17 -1.36
N HIS A 16 8.95 2.32 -0.48
CA HIS A 16 10.38 2.30 -0.81
C HIS A 16 10.86 0.90 -1.16
N ALA A 17 10.41 -0.13 -0.42
CA ALA A 17 10.62 -1.54 -0.75
C ALA A 17 10.02 -1.89 -2.12
N ALA A 18 9.03 -1.13 -2.59
CA ALA A 18 8.50 -1.20 -3.95
C ALA A 18 9.31 -0.39 -4.98
N GLY A 19 10.02 0.67 -4.57
CA GLY A 19 10.73 1.60 -5.46
C GLY A 19 9.94 2.87 -5.81
N ALA A 20 9.38 3.56 -4.81
CA ALA A 20 8.65 4.82 -4.99
C ALA A 20 9.53 5.98 -5.54
N GLN A 21 8.87 6.98 -6.13
CA GLN A 21 9.50 8.10 -6.85
C GLN A 21 9.72 9.36 -5.97
N GLY A 22 9.90 9.14 -4.65
CA GLY A 22 10.05 10.21 -3.65
C GLY A 22 9.63 9.77 -2.24
N GLU A 23 9.28 10.74 -1.41
CA GLU A 23 8.71 10.54 -0.06
C GLU A 23 7.41 11.34 0.18
N MET A 24 6.87 11.99 -0.85
CA MET A 24 5.70 12.88 -0.80
C MET A 24 4.74 12.50 -1.94
N PHE A 25 3.53 12.05 -1.65
CA PHE A 25 2.55 11.60 -2.64
C PHE A 25 1.09 11.67 -2.12
N THR A 26 0.11 11.56 -3.02
CA THR A 26 -1.32 11.39 -2.70
C THR A 26 -1.69 9.92 -2.39
N VAL A 27 -2.90 9.67 -1.86
CA VAL A 27 -3.50 8.34 -1.59
C VAL A 27 -3.44 7.46 -2.85
N LYS A 28 -3.81 8.05 -4.00
CA LYS A 28 -3.86 7.38 -5.29
C LYS A 28 -2.48 7.02 -5.84
N GLU A 29 -1.46 7.81 -5.51
CA GLU A 29 -0.05 7.51 -5.79
C GLU A 29 0.52 6.47 -4.81
N VAL A 30 0.33 6.63 -3.50
CA VAL A 30 0.86 5.68 -2.50
C VAL A 30 0.34 4.26 -2.71
N MET A 31 -0.96 4.13 -2.95
CA MET A 31 -1.59 2.83 -3.19
C MET A 31 -1.14 2.17 -4.51
N HIS A 32 -0.67 2.94 -5.51
CA HIS A 32 -0.12 2.38 -6.75
C HIS A 32 1.19 1.62 -6.50
N TYR A 33 2.01 2.12 -5.57
CA TYR A 33 3.21 1.41 -5.11
C TYR A 33 2.88 0.09 -4.39
N LEU A 34 1.70 -0.06 -3.77
CA LEU A 34 1.27 -1.35 -3.22
C LEU A 34 1.02 -2.37 -4.34
N GLY A 35 0.37 -1.95 -5.43
CA GLY A 35 0.13 -2.81 -6.59
C GLY A 35 1.43 -3.31 -7.22
N GLN A 36 2.40 -2.41 -7.44
CA GLN A 36 3.71 -2.81 -7.95
C GLN A 36 4.48 -3.66 -6.92
N TYR A 37 4.39 -3.33 -5.63
CA TYR A 37 5.02 -4.10 -4.56
C TYR A 37 4.55 -5.56 -4.60
N ILE A 38 3.23 -5.80 -4.60
CA ILE A 38 2.65 -7.14 -4.65
C ILE A 38 3.04 -7.85 -5.95
N MET A 39 3.02 -7.15 -7.08
CA MET A 39 3.42 -7.73 -8.38
C MET A 39 4.88 -8.20 -8.39
N VAL A 40 5.78 -7.49 -7.71
CA VAL A 40 7.21 -7.85 -7.57
C VAL A 40 7.43 -8.94 -6.53
N LYS A 41 6.79 -8.77 -5.37
CA LYS A 41 6.80 -9.73 -4.25
C LYS A 41 5.95 -10.99 -4.49
N GLN A 42 5.14 -11.01 -5.56
CA GLN A 42 4.08 -11.96 -5.92
C GLN A 42 3.31 -12.51 -4.69
N LEU A 43 2.61 -11.60 -3.98
CA LEU A 43 1.89 -11.95 -2.76
C LEU A 43 0.45 -12.44 -3.03
N TYR A 44 0.04 -12.61 -4.28
CA TYR A 44 -1.30 -13.04 -4.65
C TYR A 44 -1.48 -14.57 -4.69
N ASP A 45 -2.72 -15.05 -4.78
CA ASP A 45 -3.03 -16.47 -4.96
C ASP A 45 -2.73 -16.95 -6.40
N GLN A 46 -2.26 -18.19 -6.52
CA GLN A 46 -2.06 -18.95 -7.75
C GLN A 46 -3.39 -19.13 -8.51
N GLN A 47 -4.48 -19.33 -7.76
CA GLN A 47 -5.85 -19.49 -8.30
C GLN A 47 -6.54 -18.16 -8.63
N GLU A 48 -6.20 -17.08 -7.93
CA GLU A 48 -6.85 -15.76 -8.03
C GLU A 48 -5.82 -14.63 -7.89
N GLN A 49 -5.28 -14.17 -9.02
CA GLN A 49 -4.22 -13.15 -9.06
C GLN A 49 -4.64 -11.78 -8.49
N HIS A 50 -5.94 -11.47 -8.52
CA HIS A 50 -6.55 -10.29 -7.91
C HIS A 50 -6.82 -10.44 -6.39
N MET A 51 -6.61 -11.62 -5.80
CA MET A 51 -6.72 -11.88 -4.36
C MET A 51 -5.32 -11.92 -3.73
N VAL A 52 -5.08 -11.09 -2.72
CA VAL A 52 -3.74 -10.84 -2.15
C VAL A 52 -3.62 -11.51 -0.77
N TYR A 53 -2.47 -12.13 -0.51
CA TYR A 53 -2.11 -12.86 0.72
C TYR A 53 -0.74 -12.36 1.27
N CYS A 54 -0.78 -11.29 2.06
CA CYS A 54 0.35 -10.64 2.71
C CYS A 54 0.79 -11.25 4.06
N GLY A 55 0.28 -12.43 4.44
CA GLY A 55 0.64 -13.09 5.69
C GLY A 55 2.16 -13.30 5.83
N GLY A 56 2.75 -12.76 6.90
CA GLY A 56 4.20 -12.78 7.17
C GLY A 56 5.01 -11.66 6.48
N ASP A 57 4.39 -10.78 5.69
CA ASP A 57 5.03 -9.60 5.08
C ASP A 57 4.88 -8.34 5.96
N LEU A 58 5.77 -7.36 5.79
CA LEU A 58 5.63 -6.04 6.43
C LEU A 58 4.29 -5.40 6.02
N LEU A 59 3.93 -5.42 4.73
CA LEU A 59 2.64 -4.90 4.28
C LEU A 59 1.46 -5.56 5.03
N GLY A 60 1.52 -6.87 5.30
CA GLY A 60 0.50 -7.60 6.07
C GLY A 60 0.45 -7.22 7.55
N GLU A 61 1.62 -7.12 8.20
CA GLU A 61 1.75 -6.69 9.60
C GLU A 61 1.21 -5.26 9.79
N LEU A 62 1.41 -4.41 8.80
CA LEU A 62 0.94 -3.02 8.75
C LEU A 62 -0.57 -2.90 8.45
N LEU A 63 -1.09 -3.77 7.58
CA LEU A 63 -2.53 -3.95 7.34
C LEU A 63 -3.24 -4.48 8.61
N GLY A 64 -2.53 -5.27 9.43
CA GLY A 64 -3.10 -5.98 10.60
C GLY A 64 -3.88 -7.24 10.23
N ARG A 65 -3.76 -7.67 8.96
CA ARG A 65 -4.47 -8.79 8.32
C ARG A 65 -3.64 -9.37 7.17
N GLN A 66 -3.73 -10.68 7.00
CA GLN A 66 -3.01 -11.42 5.96
C GLN A 66 -3.60 -11.26 4.57
N SER A 67 -4.81 -10.73 4.42
CA SER A 67 -5.48 -10.73 3.10
C SER A 67 -6.54 -9.65 2.83
N PHE A 68 -6.67 -9.32 1.54
CA PHE A 68 -7.64 -8.39 0.95
C PHE A 68 -7.72 -8.70 -0.57
N SER A 69 -8.69 -8.09 -1.28
CA SER A 69 -8.86 -8.26 -2.73
C SER A 69 -8.72 -6.94 -3.47
N VAL A 70 -8.31 -7.02 -4.74
CA VAL A 70 -8.35 -5.91 -5.73
C VAL A 70 -9.76 -5.34 -5.86
N LYS A 71 -10.80 -6.17 -5.62
CA LYS A 71 -12.23 -5.80 -5.62
C LYS A 71 -12.75 -5.36 -4.24
N ASP A 72 -11.91 -5.36 -3.20
CA ASP A 72 -12.23 -4.91 -1.84
C ASP A 72 -11.05 -4.11 -1.22
N PRO A 73 -10.81 -2.86 -1.67
CA PRO A 73 -9.66 -2.04 -1.26
C PRO A 73 -9.74 -1.49 0.18
N SER A 74 -10.91 -1.51 0.80
CA SER A 74 -11.26 -0.89 2.08
C SER A 74 -10.17 -0.93 3.18
N PRO A 75 -9.55 -2.06 3.55
CA PRO A 75 -8.60 -2.07 4.66
C PRO A 75 -7.30 -1.30 4.37
N LEU A 76 -6.90 -1.14 3.08
CA LEU A 76 -5.75 -0.33 2.69
C LEU A 76 -6.04 1.14 2.99
N TYR A 77 -7.19 1.63 2.53
CA TYR A 77 -7.59 3.01 2.71
C TYR A 77 -7.75 3.32 4.22
N ASP A 78 -8.17 2.36 5.02
CA ASP A 78 -8.29 2.47 6.48
C ASP A 78 -6.94 2.49 7.20
N MET A 79 -5.98 1.70 6.71
CA MET A 79 -4.58 1.78 7.15
C MET A 79 -3.96 3.14 6.79
N LEU A 80 -4.41 3.81 5.71
CA LEU A 80 -3.95 5.14 5.34
C LEU A 80 -4.67 6.22 6.17
N ARG A 81 -5.97 6.06 6.49
CA ARG A 81 -6.79 7.08 7.19
C ARG A 81 -6.09 7.75 8.39
N LYS A 82 -5.36 6.94 9.17
CA LYS A 82 -4.62 7.28 10.39
C LYS A 82 -3.08 7.34 10.24
N ASN A 83 -2.53 6.92 9.10
CA ASN A 83 -1.09 6.94 8.79
C ASN A 83 -0.70 8.13 7.90
N LEU A 84 -1.60 8.46 6.98
CA LEU A 84 -1.42 9.43 5.90
C LEU A 84 -2.56 10.47 5.87
N VAL A 85 -2.18 11.75 5.89
CA VAL A 85 -3.07 12.90 5.71
C VAL A 85 -3.15 13.30 4.23
N THR A 86 -4.33 13.70 3.75
CA THR A 86 -4.59 14.04 2.34
C THR A 86 -5.25 15.42 2.18
N LEU A 87 -5.25 15.93 0.95
CA LEU A 87 -5.96 17.15 0.52
C LEU A 87 -7.49 16.98 0.63
N ALA A 88 -7.99 15.76 0.48
CA ALA A 88 -9.42 15.43 0.51
C ALA A 88 -10.10 15.83 1.83
N THR A 89 -11.31 16.40 1.74
CA THR A 89 -12.06 16.97 2.87
C THR A 89 -13.57 16.82 2.74
N 48M B . -5.55 -3.51 -9.76
CG1 48M B . -3.33 -2.68 -7.30
CG2 48M B . -6.07 -1.72 -8.07
CG3 48M B . -4.75 -5.72 -10.30
CD1 48M B . -3.30 -3.95 -6.71
CD2 48M B . -3.15 -1.55 -6.51
CD3 48M B . -6.76 -0.53 -8.27
CD4 48M B . -6.29 -2.43 -6.89
CD5 48M B . -5.95 -6.06 -10.93
CD6 48M B . -3.81 -6.74 -10.04
CE1 48M B . -3.15 -4.08 -5.33
CE2 48M B . -3.01 -1.68 -5.12
CE3 48M B . -7.64 -0.05 -7.31
CE4 48M B . -7.12 -1.92 -5.90
CE5 48M B . -6.19 -7.36 -11.37
CE6 48M B . -4.05 -8.04 -10.49
CZ1 48M B . -3.01 -2.94 -4.53
CZ2 48M B . -7.82 -0.74 -6.11
CZ3 48M B . -5.23 -8.34 -11.17
CL2 48M B . -2.85 -3.07 -2.82
CL1 48M B . -7.22 -2.74 -4.38
CM1 48M B . -5.48 -9.68 -11.68
CM2 48M B . -2.78 -7.92 -7.31
CM3 48M B . -0.66 -6.73 -8.03
NM1 48M B . -5.69 -10.72 -12.09
C1 48M B . -0.08 -5.04 -13.14
N1 48M B . -0.92 -4.55 -14.06
O1 48M B . 0.96 -5.54 -13.52
C2 48M B . -2.22 -3.95 -13.77
N2 48M B . -1.82 -4.38 -11.32
C3 48M B . -2.80 -4.44 -12.42
N3 48M B . -3.29 -3.68 -9.62
C4 48M B . -0.48 -4.95 -11.66
C5 48M B . -2.03 -3.82 -10.10
O5 48M B . -1.09 -3.40 -9.46
C6 48M B . -4.54 -4.27 -9.95
O6 48M B . -2.68 -6.47 -9.29
C7 48M B . -5.12 -2.23 -9.17
C8 48M B . -3.61 -2.50 -8.79
C9 48M B . -1.93 -7.44 -8.51
HD1 48M B . -3.43 -4.85 -7.31
HD2 48M B . -3.15 -0.55 -6.94
HD3 48M B . -6.63 0.03 -9.20
HD4 48M B . -5.79 -3.38 -6.72
HD5 48M B . -6.70 -5.30 -11.13
HE1 48M B . -3.16 -5.07 -4.86
HE2 48M B . -2.89 -0.79 -4.50
HE3 48M B . -8.18 0.89 -7.48
HE5 48M B . -7.12 -7.59 -11.88
HE6 48M B . -3.33 -8.84 -10.33
HZ2 48M B . -8.47 -0.34 -5.35
HM21 48M B . -2.24 -8.67 -6.74
HM22 48M B . -3.03 -7.09 -6.66
HM23 48M B . -3.72 -8.37 -7.66
HM31 48M B . -0.91 -5.93 -7.32
HM32 48M B . 0.01 -7.43 -7.54
HM33 48M B . -0.14 -6.28 -8.87
HN1 48M B . -0.62 -4.63 -15.03
H21 48M B . -2.08 -2.86 -13.71
H22 48M B . -2.92 -4.17 -14.57
H31 48M B . -3.67 -3.81 -12.21
H32 48M B . -3.14 -5.48 -12.55
H41 48M B . -0.42 -5.97 -11.28
H42 48M B . 0.31 -4.35 -11.20
H7 48M B . -5.10 -1.50 -9.98
H8 48M B . -3.03 -1.65 -9.16
H9 48M B . -1.64 -8.28 -9.15
N GLN A 1 9.11 18.54 -8.95
CA GLN A 1 8.70 18.29 -7.57
C GLN A 1 7.18 18.17 -7.40
N ILE A 2 6.77 17.50 -6.31
CA ILE A 2 5.39 17.19 -5.95
C ILE A 2 4.93 18.08 -4.77
N ASN A 3 3.63 18.39 -4.72
CA ASN A 3 3.00 19.27 -3.72
C ASN A 3 2.06 18.51 -2.77
N GLN A 4 2.52 17.35 -2.29
CA GLN A 4 1.78 16.33 -1.55
C GLN A 4 2.50 15.90 -0.27
N VAL A 5 1.89 14.96 0.45
CA VAL A 5 2.30 14.56 1.82
C VAL A 5 3.05 13.23 1.91
N ARG A 6 3.90 13.13 2.94
CA ARG A 6 4.74 11.98 3.30
C ARG A 6 4.06 11.06 4.35
N PRO A 7 3.88 9.75 4.08
CA PRO A 7 3.38 8.79 5.06
C PRO A 7 4.41 8.51 6.17
N LYS A 8 3.96 7.90 7.28
CA LYS A 8 4.84 7.51 8.41
C LYS A 8 5.89 6.48 7.97
N LEU A 9 6.99 6.39 8.71
CA LEU A 9 8.13 5.51 8.41
C LEU A 9 7.75 4.04 8.10
N PRO A 10 6.95 3.33 8.94
CA PRO A 10 6.55 1.94 8.65
C PRO A 10 5.69 1.79 7.39
N LEU A 11 4.89 2.81 7.02
CA LEU A 11 4.14 2.82 5.76
C LEU A 11 5.10 3.07 4.58
N LEU A 12 5.91 4.13 4.66
CA LEU A 12 6.87 4.53 3.62
C LEU A 12 7.87 3.41 3.29
N LYS A 13 8.22 2.56 4.26
CA LYS A 13 9.03 1.35 4.06
C LYS A 13 8.47 0.41 3.00
N ILE A 14 7.15 0.25 2.90
CA ILE A 14 6.48 -0.55 1.85
C ILE A 14 6.71 0.08 0.48
N LEU A 15 6.46 1.39 0.37
CA LEU A 15 6.56 2.18 -0.87
C LEU A 15 8.00 2.17 -1.40
N HIS A 16 8.98 2.30 -0.50
CA HIS A 16 10.40 2.22 -0.84
C HIS A 16 10.84 0.80 -1.18
N ALA A 17 10.36 -0.22 -0.45
CA ALA A 17 10.55 -1.63 -0.79
C ALA A 17 9.98 -1.97 -2.18
N ALA A 18 8.96 -1.24 -2.62
CA ALA A 18 8.44 -1.33 -3.97
C ALA A 18 9.26 -0.55 -5.02
N GLY A 19 10.01 0.49 -4.62
CA GLY A 19 10.72 1.41 -5.52
C GLY A 19 9.90 2.66 -5.89
N ALA A 20 9.39 3.40 -4.89
CA ALA A 20 8.68 4.67 -5.10
C ALA A 20 9.58 5.79 -5.66
N GLN A 21 8.94 6.81 -6.25
CA GLN A 21 9.60 7.92 -6.99
C GLN A 21 9.81 9.18 -6.13
N GLY A 22 9.94 9.01 -4.81
CA GLY A 22 10.04 10.11 -3.84
C GLY A 22 9.63 9.71 -2.42
N GLU A 23 9.21 10.72 -1.66
CA GLU A 23 8.66 10.57 -0.30
C GLU A 23 7.33 11.32 -0.09
N MET A 24 6.89 12.16 -1.03
CA MET A 24 5.69 13.02 -0.95
C MET A 24 4.75 12.70 -2.14
N PHE A 25 3.56 12.17 -1.88
CA PHE A 25 2.63 11.69 -2.93
C PHE A 25 1.14 11.75 -2.51
N THR A 26 0.23 11.60 -3.47
CA THR A 26 -1.23 11.46 -3.27
C THR A 26 -1.63 10.05 -2.85
N VAL A 27 -2.88 9.85 -2.38
CA VAL A 27 -3.49 8.54 -2.03
C VAL A 27 -3.39 7.56 -3.19
N LYS A 28 -3.64 8.07 -4.40
CA LYS A 28 -3.64 7.33 -5.64
C LYS A 28 -2.23 6.94 -6.13
N GLU A 29 -1.22 7.76 -5.82
CA GLU A 29 0.19 7.40 -6.04
C GLU A 29 0.72 6.44 -4.97
N VAL A 30 0.47 6.71 -3.67
CA VAL A 30 0.92 5.83 -2.59
C VAL A 30 0.41 4.40 -2.73
N MET A 31 -0.89 4.26 -2.98
CA MET A 31 -1.52 2.95 -3.16
C MET A 31 -1.06 2.24 -4.45
N HIS A 32 -0.62 2.96 -5.50
CA HIS A 32 -0.07 2.33 -6.71
C HIS A 32 1.22 1.56 -6.45
N TYR A 33 2.07 2.09 -5.55
CA TYR A 33 3.26 1.37 -5.09
C TYR A 33 2.92 0.06 -4.35
N LEU A 34 1.74 -0.07 -3.72
CA LEU A 34 1.29 -1.35 -3.16
C LEU A 34 1.01 -2.36 -4.30
N GLY A 35 0.32 -1.92 -5.35
CA GLY A 35 0.06 -2.74 -6.54
C GLY A 35 1.36 -3.24 -7.18
N GLN A 36 2.34 -2.36 -7.39
CA GLN A 36 3.64 -2.78 -7.92
C GLN A 36 4.43 -3.65 -6.93
N TYR A 37 4.38 -3.36 -5.62
CA TYR A 37 5.02 -4.18 -4.59
C TYR A 37 4.50 -5.63 -4.71
N ILE A 38 3.17 -5.82 -4.72
CA ILE A 38 2.53 -7.14 -4.81
C ILE A 38 2.91 -7.82 -6.13
N MET A 39 2.91 -7.09 -7.25
CA MET A 39 3.26 -7.63 -8.57
C MET A 39 4.72 -8.15 -8.62
N VAL A 40 5.64 -7.47 -7.95
CA VAL A 40 7.06 -7.85 -7.84
C VAL A 40 7.29 -8.97 -6.84
N LYS A 41 6.65 -8.83 -5.68
CA LYS A 41 6.66 -9.81 -4.57
C LYS A 41 5.78 -11.05 -4.82
N GLN A 42 4.95 -11.05 -5.88
CA GLN A 42 3.88 -12.00 -6.24
C GLN A 42 3.11 -12.49 -5.02
N LEU A 43 2.50 -11.54 -4.31
CA LEU A 43 1.74 -11.79 -3.09
C LEU A 43 0.26 -12.00 -3.43
N TYR A 44 -0.03 -12.69 -4.54
CA TYR A 44 -1.40 -13.05 -4.93
C TYR A 44 -1.64 -14.57 -5.04
N ASP A 45 -2.91 -14.97 -5.14
CA ASP A 45 -3.31 -16.36 -5.36
C ASP A 45 -2.96 -16.83 -6.79
N GLN A 46 -2.44 -18.05 -6.93
CA GLN A 46 -2.21 -18.74 -8.21
C GLN A 46 -3.41 -18.75 -9.17
N GLN A 47 -4.58 -19.05 -8.62
CA GLN A 47 -5.86 -19.20 -9.32
C GLN A 47 -6.64 -17.88 -9.42
N GLU A 48 -6.29 -16.88 -8.60
CA GLU A 48 -6.98 -15.58 -8.51
C GLU A 48 -6.00 -14.40 -8.26
N GLN A 49 -5.41 -13.87 -9.34
CA GLN A 49 -4.42 -12.79 -9.29
C GLN A 49 -4.89 -11.50 -8.59
N HIS A 50 -6.19 -11.22 -8.59
CA HIS A 50 -6.83 -10.09 -7.91
C HIS A 50 -7.10 -10.33 -6.40
N MET A 51 -6.85 -11.55 -5.88
CA MET A 51 -6.87 -11.88 -4.45
C MET A 51 -5.43 -11.86 -3.91
N VAL A 52 -5.19 -11.05 -2.87
CA VAL A 52 -3.85 -10.74 -2.36
C VAL A 52 -3.63 -11.44 -1.01
N TYR A 53 -2.46 -12.06 -0.84
CA TYR A 53 -2.01 -12.85 0.31
C TYR A 53 -0.61 -12.40 0.76
N CYS A 54 -0.56 -11.42 1.67
CA CYS A 54 0.64 -10.79 2.22
C CYS A 54 1.18 -11.40 3.52
N GLY A 55 0.61 -12.51 4.00
CA GLY A 55 1.05 -13.19 5.22
C GLY A 55 2.55 -13.51 5.21
N GLY A 56 3.28 -12.96 6.18
CA GLY A 56 4.74 -13.12 6.30
C GLY A 56 5.58 -12.03 5.62
N ASP A 57 5.00 -11.02 4.94
CA ASP A 57 5.74 -9.85 4.45
C ASP A 57 5.46 -8.57 5.26
N LEU A 58 6.32 -7.55 5.06
CA LEU A 58 6.17 -6.24 5.70
C LEU A 58 4.82 -5.61 5.38
N LEU A 59 4.37 -5.69 4.12
CA LEU A 59 3.05 -5.19 3.73
C LEU A 59 1.92 -5.85 4.56
N GLY A 60 1.98 -7.16 4.81
CA GLY A 60 1.01 -7.87 5.64
C GLY A 60 1.06 -7.43 7.11
N GLU A 61 2.27 -7.31 7.67
CA GLU A 61 2.45 -6.85 9.06
C GLU A 61 1.98 -5.38 9.25
N LEU A 62 2.17 -4.55 8.23
CA LEU A 62 1.73 -3.16 8.16
C LEU A 62 0.19 -3.04 8.10
N LEU A 63 -0.42 -3.73 7.14
CA LEU A 63 -1.88 -3.93 7.05
C LEU A 63 -2.49 -4.46 8.37
N GLY A 64 -1.74 -5.32 9.09
CA GLY A 64 -2.21 -6.04 10.29
C GLY A 64 -3.05 -7.27 9.96
N ARG A 65 -3.07 -7.68 8.68
CA ARG A 65 -3.81 -8.82 8.11
C ARG A 65 -3.08 -9.40 6.90
N GLN A 66 -3.16 -10.72 6.78
CA GLN A 66 -2.53 -11.49 5.71
C GLN A 66 -3.22 -11.37 4.35
N SER A 67 -4.43 -10.84 4.28
CA SER A 67 -5.18 -10.84 3.00
C SER A 67 -6.26 -9.77 2.83
N PHE A 68 -6.49 -9.42 1.57
CA PHE A 68 -7.49 -8.49 1.03
C PHE A 68 -7.61 -8.77 -0.50
N SER A 69 -8.43 -8.01 -1.23
CA SER A 69 -8.51 -8.12 -2.69
C SER A 69 -8.51 -6.77 -3.40
N VAL A 70 -8.23 -6.83 -4.70
CA VAL A 70 -8.37 -5.72 -5.67
C VAL A 70 -9.82 -5.21 -5.72
N LYS A 71 -10.80 -6.09 -5.45
CA LYS A 71 -12.25 -5.85 -5.57
C LYS A 71 -12.86 -5.30 -4.26
N ASP A 72 -12.17 -5.48 -3.13
CA ASP A 72 -12.47 -4.86 -1.83
C ASP A 72 -11.16 -4.32 -1.18
N PRO A 73 -10.64 -3.16 -1.66
CA PRO A 73 -9.39 -2.56 -1.19
C PRO A 73 -9.53 -1.83 0.17
N SER A 74 -10.71 -1.80 0.75
CA SER A 74 -11.09 -1.08 1.98
C SER A 74 -10.06 -1.07 3.12
N PRO A 75 -9.43 -2.20 3.54
CA PRO A 75 -8.50 -2.17 4.68
C PRO A 75 -7.21 -1.39 4.40
N LEU A 76 -6.83 -1.19 3.13
CA LEU A 76 -5.69 -0.33 2.77
C LEU A 76 -6.01 1.13 3.11
N TYR A 77 -7.16 1.61 2.63
CA TYR A 77 -7.59 2.98 2.86
C TYR A 77 -7.82 3.23 4.36
N ASP A 78 -8.19 2.20 5.13
CA ASP A 78 -8.30 2.25 6.60
C ASP A 78 -6.94 2.38 7.28
N MET A 79 -5.94 1.65 6.77
CA MET A 79 -4.54 1.77 7.24
C MET A 79 -3.92 3.13 6.88
N LEU A 80 -4.34 3.79 5.79
CA LEU A 80 -3.83 5.09 5.38
C LEU A 80 -4.52 6.19 6.17
N ARG A 81 -5.85 6.20 6.30
CA ARG A 81 -6.59 7.36 6.81
C ARG A 81 -6.17 7.94 8.16
N LYS A 82 -5.64 7.10 9.04
CA LYS A 82 -5.09 7.42 10.38
C LYS A 82 -3.57 7.63 10.47
N ASN A 83 -2.80 7.24 9.46
CA ASN A 83 -1.33 7.47 9.36
C ASN A 83 -0.96 8.55 8.34
N LEU A 84 -1.71 8.61 7.24
CA LEU A 84 -1.51 9.49 6.10
C LEU A 84 -2.80 10.26 5.77
N VAL A 85 -2.67 11.59 5.72
CA VAL A 85 -3.69 12.54 5.21
C VAL A 85 -2.98 13.52 4.29
N THR A 86 -3.46 13.69 3.05
CA THR A 86 -2.76 14.45 1.99
C THR A 86 -3.53 15.69 1.52
N LEU A 87 -2.88 16.50 0.70
CA LEU A 87 -3.47 17.72 0.13
C LEU A 87 -4.48 17.38 -0.97
N ALA A 88 -5.72 17.84 -0.83
CA ALA A 88 -6.84 17.58 -1.73
C ALA A 88 -7.90 18.72 -1.68
N THR A 89 -8.81 18.74 -2.66
CA THR A 89 -9.89 19.74 -2.79
C THR A 89 -11.24 19.13 -3.20
N 48M B . -5.60 -3.03 -9.93
CG1 48M B . -3.48 -2.41 -7.37
CG2 48M B . -6.05 -1.24 -8.22
CG3 48M B . -4.92 -5.29 -10.41
CD1 48M B . -3.56 -3.69 -6.82
CD2 48M B . -3.20 -1.32 -6.54
CD3 48M B . -6.63 -2.09 -7.27
CD4 48M B . -6.40 0.12 -8.22
CD5 48M B . -6.15 -5.58 -11.02
CD6 48M B . -4.03 -6.36 -10.15
CE1 48M B . -3.38 -3.89 -5.45
CE2 48M B . -3.04 -1.51 -5.17
CE3 48M B . -7.54 -1.60 -6.33
CE4 48M B . -7.31 0.60 -7.28
CE5 48M B . -6.46 -6.88 -11.43
CE6 48M B . -4.35 -7.65 -10.59
CZ1 48M B . -3.11 -2.79 -4.63
CZ2 48M B . -7.89 -0.25 -6.35
CZ3 48M B . -5.56 -7.91 -11.24
CL2 48M B . -2.87 -3.02 -2.94
CL1 48M B . -7.73 2.29 -7.29
CM1 48M B . -5.87 -9.23 -11.71
CM2 48M B . -2.97 -7.64 -7.49
CM3 48M B . -0.85 -6.47 -8.20
NM1 48M B . -6.14 -10.27 -12.10
C1 48M B . -0.15 -4.68 -13.23
N1 48M B . -0.97 -4.15 -14.15
O1 48M B . 0.89 -5.16 -13.61
C2 48M B . -2.26 -3.54 -13.84
N2 48M B . -1.91 -4.05 -11.41
C3 48M B . -2.87 -4.07 -12.52
N3 48M B . -3.37 -3.33 -9.71
C4 48M B . -0.57 -4.63 -11.75
C5 48M B . -2.12 -3.51 -10.17
O5 48M B . -1.16 -3.16 -9.50
C6 48M B . -4.64 -3.85 -10.08
O6 48M B . -2.87 -6.14 -9.43
C7 48M B . -5.12 -1.78 -9.30
C8 48M B . -3.66 -2.15 -8.87
C9 48M B . -2.14 -7.14 -8.69
HD1 48M B . -3.77 -4.55 -7.45
HD2 48M B . -3.13 -0.32 -6.94
HD3 48M B . -6.37 -3.15 -7.26
HD4 48M B . -5.96 0.79 -8.95
HD5 48M B . -6.88 -4.79 -11.21
HE1 48M B . -3.45 -4.89 -5.02
HE2 48M B . -2.83 -0.68 -4.52
HE3 48M B . -7.98 -2.26 -5.60
HE5 48M B . -7.42 -7.06 -11.92
HE6 48M B . -3.66 -8.47 -10.42
HZ2 48M B . -8.60 0.15 -5.62
HM21 48M B . -3.91 -8.07 -7.82
HM22 48M B . -2.43 -8.40 -6.93
HM23 48M B . -3.20 -6.81 -6.80
HM31 48M B . -0.31 -6.04 -9.05
HM32 48M B . -1.07 -5.67 -7.49
HM33 48M B . -0.19 -7.20 -7.72
HN1 48M B . -0.66 -4.19 -15.11
H21 48M B . -2.13 -2.46 -13.76
H22 48M B . -2.96 -3.74 -14.66
H31 48M B . -3.74 -3.42 -12.31
H32 48M B . -3.23 -5.09 -12.67
H41 48M B . -0.54 -5.68 -11.41
H42 48M B . 0.22 -4.08 -11.26
H7 48M B . -5.03 -1.03 -10.09
H8 48M B . -3.02 -1.33 -9.17
H9 48M B . -1.87 -7.97 -9.35
N GLN A 1 8.56 18.37 -6.12
CA GLN A 1 8.60 17.49 -4.94
C GLN A 1 7.19 17.13 -4.41
N ILE A 2 6.18 17.33 -5.26
CA ILE A 2 4.72 17.13 -5.07
C ILE A 2 4.12 17.98 -3.93
N ASN A 3 2.82 18.28 -4.05
CA ASN A 3 2.07 19.13 -3.11
C ASN A 3 1.13 18.32 -2.20
N GLN A 4 1.64 17.20 -1.70
CA GLN A 4 0.94 16.17 -0.92
C GLN A 4 1.80 15.67 0.27
N VAL A 5 1.29 14.71 1.05
CA VAL A 5 1.83 14.30 2.36
C VAL A 5 2.62 12.98 2.35
N ARG A 6 3.53 12.86 3.34
CA ARG A 6 4.41 11.71 3.59
C ARG A 6 3.80 10.70 4.59
N PRO A 7 3.72 9.39 4.26
CA PRO A 7 3.36 8.33 5.22
C PRO A 7 4.37 8.24 6.37
N LYS A 8 4.00 7.60 7.49
CA LYS A 8 4.94 7.34 8.60
C LYS A 8 6.02 6.33 8.16
N LEU A 9 7.18 6.39 8.79
CA LEU A 9 8.39 5.64 8.39
C LEU A 9 8.18 4.12 8.19
N PRO A 10 7.50 3.37 9.08
CA PRO A 10 7.26 1.94 8.85
C PRO A 10 6.30 1.66 7.69
N LEU A 11 5.36 2.55 7.36
CA LEU A 11 4.45 2.37 6.21
C LEU A 11 5.14 2.73 4.89
N LEU A 12 5.88 3.85 4.87
CA LEU A 12 6.71 4.29 3.74
C LEU A 12 7.72 3.22 3.28
N LYS A 13 8.20 2.36 4.18
CA LYS A 13 9.18 1.30 3.88
C LYS A 13 8.70 0.33 2.80
N ILE A 14 7.41 0.01 2.79
CA ILE A 14 6.77 -0.84 1.78
C ILE A 14 6.81 -0.14 0.40
N LEU A 15 6.46 1.15 0.36
CA LEU A 15 6.44 1.99 -0.85
C LEU A 15 7.85 2.11 -1.45
N HIS A 16 8.85 2.36 -0.60
CA HIS A 16 10.26 2.49 -0.99
C HIS A 16 10.89 1.16 -1.40
N ALA A 17 10.54 0.05 -0.74
CA ALA A 17 10.94 -1.31 -1.14
C ALA A 17 10.43 -1.68 -2.54
N ALA A 18 9.34 -1.04 -2.99
CA ALA A 18 8.87 -1.15 -4.37
C ALA A 18 9.55 -0.18 -5.35
N GLY A 19 10.12 0.93 -4.88
CA GLY A 19 10.65 2.02 -5.70
C GLY A 19 9.61 3.11 -6.00
N ALA A 20 9.30 3.93 -4.99
CA ALA A 20 8.40 5.08 -5.12
C ALA A 20 9.08 6.30 -5.78
N GLN A 21 8.27 7.24 -6.28
CA GLN A 21 8.73 8.42 -7.05
C GLN A 21 8.92 9.68 -6.16
N GLY A 22 9.26 9.48 -4.88
CA GLY A 22 9.42 10.53 -3.87
C GLY A 22 9.14 10.06 -2.44
N GLU A 23 8.80 11.01 -1.57
CA GLU A 23 8.31 10.76 -0.20
C GLU A 23 6.92 11.36 0.09
N MET A 24 6.41 12.25 -0.76
CA MET A 24 5.17 13.02 -0.59
C MET A 24 4.20 12.67 -1.74
N PHE A 25 3.05 12.07 -1.44
CA PHE A 25 2.10 11.59 -2.47
C PHE A 25 0.63 11.54 -2.02
N THR A 26 -0.27 11.44 -2.99
CA THR A 26 -1.72 11.19 -2.81
C THR A 26 -2.05 9.71 -2.58
N VAL A 27 -3.26 9.40 -2.12
CA VAL A 27 -3.82 8.05 -1.91
C VAL A 27 -3.62 7.18 -3.15
N LYS A 28 -3.92 7.76 -4.32
CA LYS A 28 -3.88 7.09 -5.62
C LYS A 28 -2.45 6.77 -6.08
N GLU A 29 -1.48 7.60 -5.68
CA GLU A 29 -0.05 7.34 -5.86
C GLU A 29 0.47 6.32 -4.85
N VAL A 30 0.21 6.49 -3.54
CA VAL A 30 0.72 5.59 -2.50
C VAL A 30 0.29 4.14 -2.71
N MET A 31 -1.00 3.94 -2.99
CA MET A 31 -1.55 2.61 -3.28
C MET A 31 -0.98 1.97 -4.55
N HIS A 32 -0.55 2.75 -5.56
CA HIS A 32 0.06 2.20 -6.78
C HIS A 32 1.38 1.48 -6.47
N TYR A 33 2.17 2.01 -5.53
CA TYR A 33 3.38 1.33 -5.06
C TYR A 33 3.08 0.04 -4.29
N LEU A 34 1.91 -0.10 -3.64
CA LEU A 34 1.49 -1.38 -3.06
C LEU A 34 1.18 -2.40 -4.16
N GLY A 35 0.43 -1.99 -5.19
CA GLY A 35 0.14 -2.83 -6.36
C GLY A 35 1.40 -3.33 -7.06
N GLN A 36 2.36 -2.43 -7.32
CA GLN A 36 3.65 -2.82 -7.90
C GLN A 36 4.50 -3.66 -6.94
N TYR A 37 4.46 -3.38 -5.63
CA TYR A 37 5.17 -4.18 -4.62
C TYR A 37 4.65 -5.62 -4.64
N ILE A 38 3.34 -5.84 -4.65
CA ILE A 38 2.75 -7.19 -4.72
C ILE A 38 3.13 -7.86 -6.04
N MET A 39 3.07 -7.13 -7.16
CA MET A 39 3.42 -7.68 -8.48
C MET A 39 4.89 -8.15 -8.55
N VAL A 40 5.83 -7.40 -7.96
CA VAL A 40 7.26 -7.81 -7.91
C VAL A 40 7.51 -8.89 -6.84
N LYS A 41 6.89 -8.77 -5.66
CA LYS A 41 6.99 -9.73 -4.54
C LYS A 41 6.13 -10.99 -4.69
N GLN A 42 5.26 -11.09 -5.72
CA GLN A 42 4.20 -12.08 -5.97
C GLN A 42 3.53 -12.55 -4.68
N LEU A 43 2.93 -11.59 -3.95
CA LEU A 43 2.23 -11.83 -2.70
C LEU A 43 0.74 -12.09 -2.97
N TYR A 44 0.43 -12.80 -4.04
CA TYR A 44 -0.93 -13.20 -4.41
C TYR A 44 -1.14 -14.71 -4.45
N ASP A 45 -2.40 -15.16 -4.54
CA ASP A 45 -2.77 -16.56 -4.72
C ASP A 45 -2.43 -17.09 -6.13
N GLN A 46 -2.09 -18.37 -6.26
CA GLN A 46 -1.78 -19.00 -7.55
C GLN A 46 -3.01 -19.15 -8.46
N GLN A 47 -4.15 -19.53 -7.89
CA GLN A 47 -5.43 -19.61 -8.60
C GLN A 47 -6.04 -18.22 -8.88
N GLU A 48 -5.74 -17.25 -8.01
CA GLU A 48 -6.40 -15.92 -7.99
C GLU A 48 -5.42 -14.76 -7.76
N GLN A 49 -4.81 -14.24 -8.83
CA GLN A 49 -3.81 -13.17 -8.79
C GLN A 49 -4.31 -11.85 -8.19
N HIS A 50 -5.62 -11.59 -8.23
CA HIS A 50 -6.30 -10.44 -7.61
C HIS A 50 -6.55 -10.63 -6.10
N MET A 51 -6.41 -11.85 -5.57
CA MET A 51 -6.46 -12.15 -4.14
C MET A 51 -5.04 -12.11 -3.56
N VAL A 52 -4.82 -11.26 -2.57
CA VAL A 52 -3.50 -10.91 -2.04
C VAL A 52 -3.30 -11.57 -0.66
N TYR A 53 -2.10 -12.11 -0.41
CA TYR A 53 -1.67 -12.84 0.79
C TYR A 53 -0.30 -12.35 1.28
N CYS A 54 -0.29 -11.56 2.36
CA CYS A 54 0.85 -10.83 2.92
C CYS A 54 1.30 -11.32 4.31
N GLY A 55 0.85 -12.49 4.78
CA GLY A 55 1.14 -13.00 6.12
C GLY A 55 2.65 -13.06 6.42
N GLY A 56 3.08 -12.31 7.44
CA GLY A 56 4.49 -12.19 7.86
C GLY A 56 5.35 -11.20 7.05
N ASP A 57 4.79 -10.50 6.05
CA ASP A 57 5.51 -9.48 5.26
C ASP A 57 5.37 -8.07 5.85
N LEU A 58 6.29 -7.15 5.49
CA LEU A 58 6.17 -5.71 5.81
C LEU A 58 4.85 -5.13 5.28
N LEU A 59 4.45 -5.46 4.05
CA LEU A 59 3.14 -5.08 3.51
C LEU A 59 1.97 -5.54 4.41
N GLY A 60 2.04 -6.76 4.96
CA GLY A 60 1.03 -7.29 5.90
C GLY A 60 1.03 -6.56 7.24
N GLU A 61 2.21 -6.18 7.75
CA GLU A 61 2.34 -5.34 8.96
C GLU A 61 1.77 -3.93 8.72
N LEU A 62 1.98 -3.36 7.53
CA LEU A 62 1.37 -2.10 7.11
C LEU A 62 -0.15 -2.18 7.08
N LEU A 63 -0.71 -3.29 6.59
CA LEU A 63 -2.16 -3.49 6.52
C LEU A 63 -2.79 -3.85 7.88
N GLY A 64 -2.04 -4.49 8.77
CA GLY A 64 -2.56 -5.09 10.02
C GLY A 64 -3.36 -6.38 9.79
N ARG A 65 -3.32 -6.93 8.57
CA ARG A 65 -3.99 -8.16 8.12
C ARG A 65 -3.16 -8.89 7.07
N GLN A 66 -3.27 -10.22 7.07
CA GLN A 66 -2.59 -11.11 6.13
C GLN A 66 -3.22 -11.15 4.73
N SER A 67 -4.44 -10.65 4.56
CA SER A 67 -5.14 -10.74 3.27
C SER A 67 -6.20 -9.67 2.98
N PHE A 68 -6.42 -9.45 1.68
CA PHE A 68 -7.40 -8.54 1.04
C PHE A 68 -7.49 -8.89 -0.47
N SER A 69 -8.41 -8.27 -1.21
CA SER A 69 -8.54 -8.43 -2.66
C SER A 69 -8.62 -7.05 -3.35
N VAL A 70 -8.20 -6.95 -4.61
CA VAL A 70 -8.40 -5.75 -5.43
C VAL A 70 -9.90 -5.42 -5.63
N LYS A 71 -10.77 -6.43 -5.45
CA LYS A 71 -12.24 -6.36 -5.53
C LYS A 71 -12.89 -5.99 -4.17
N ASP A 72 -12.09 -5.93 -3.09
CA ASP A 72 -12.48 -5.53 -1.73
C ASP A 72 -11.40 -4.58 -1.14
N PRO A 73 -11.28 -3.34 -1.67
CA PRO A 73 -10.18 -2.41 -1.37
C PRO A 73 -10.22 -1.77 0.03
N SER A 74 -11.37 -1.87 0.71
CA SER A 74 -11.72 -1.20 1.97
C SER A 74 -10.64 -1.12 3.07
N PRO A 75 -9.86 -2.17 3.41
CA PRO A 75 -8.92 -2.06 4.53
C PRO A 75 -7.73 -1.15 4.23
N LEU A 76 -7.39 -0.90 2.96
CA LEU A 76 -6.32 0.01 2.55
C LEU A 76 -6.60 1.45 3.00
N TYR A 77 -7.79 1.93 2.65
CA TYR A 77 -8.17 3.31 2.92
C TYR A 77 -8.17 3.58 4.43
N ASP A 78 -8.58 2.61 5.25
CA ASP A 78 -8.60 2.72 6.71
C ASP A 78 -7.21 2.74 7.34
N MET A 79 -6.29 1.94 6.77
CA MET A 79 -4.87 1.96 7.14
C MET A 79 -4.21 3.31 6.76
N LEU A 80 -4.70 3.99 5.72
CA LEU A 80 -4.21 5.31 5.33
C LEU A 80 -4.79 6.37 6.25
N ARG A 81 -6.10 6.36 6.57
CA ARG A 81 -6.77 7.41 7.34
C ARG A 81 -6.03 7.95 8.59
N LYS A 82 -5.36 7.06 9.32
CA LYS A 82 -4.64 7.31 10.58
C LYS A 82 -3.10 7.39 10.47
N ASN A 83 -2.52 7.06 9.31
CA ASN A 83 -1.08 7.16 9.04
C ASN A 83 -0.74 8.29 8.05
N LEU A 84 -1.61 8.48 7.05
CA LEU A 84 -1.50 9.44 5.96
C LEU A 84 -2.70 10.38 5.92
N VAL A 85 -2.41 11.68 6.01
CA VAL A 85 -3.38 12.78 5.84
C VAL A 85 -3.50 13.13 4.36
N THR A 86 -4.70 13.44 3.87
CA THR A 86 -4.97 13.81 2.47
C THR A 86 -5.99 14.96 2.36
N LEU A 87 -6.04 15.60 1.18
CA LEU A 87 -7.06 16.58 0.82
C LEU A 87 -8.45 15.94 0.64
N ALA A 88 -8.50 14.62 0.40
CA ALA A 88 -9.74 13.86 0.18
C ALA A 88 -10.68 13.90 1.39
N THR A 89 -12.00 14.01 1.14
CA THR A 89 -13.05 14.17 2.16
C THR A 89 -14.37 13.51 1.78
N 48M B . -5.45 -3.26 -9.43
CG1 48M B . -3.30 -2.34 -7.03
CG2 48M B . -5.99 -1.38 -7.83
CG3 48M B . -4.53 -5.45 -9.90
CD1 48M B . -3.25 -3.61 -6.44
CD2 48M B . -3.17 -1.21 -6.20
CD3 48M B . -6.60 -0.14 -8.01
CD4 48M B . -6.28 -2.12 -6.68
CD5 48M B . -5.75 -5.90 -10.43
CD6 48M B . -3.51 -6.39 -9.69
CE1 48M B . -3.11 -3.75 -5.06
CE2 48M B . -3.04 -1.36 -4.83
CE3 48M B . -7.48 0.36 -7.04
CE4 48M B . -7.10 -1.60 -5.70
CE5 48M B . -5.92 -7.21 -10.83
CE6 48M B . -3.69 -7.71 -10.10
CZ1 48M B . -3.01 -2.62 -4.25
CZ2 48M B . -7.73 -0.36 -5.88
CZ3 48M B . -4.89 -8.12 -10.69
CL2 48M B . -2.83 -2.76 -2.54
CL1 48M B . -7.29 -2.46 -4.21
CM1 48M B . -5.06 -9.48 -11.15
CM2 48M B . -0.62 -7.75 -8.64
CM3 48M B . -2.58 -7.49 -7.00
NM1 48M B . -5.21 -10.54 -11.55
C1 48M B . -0.29 -5.25 -12.80
N1 48M B . -1.41 -5.66 -13.42
O1 48M B . 0.77 -5.59 -13.27
C2 48M B . -2.76 -5.22 -13.05
N2 48M B . -1.78 -3.98 -11.11
C3 48M B . -2.75 -3.92 -12.24
N3 48M B . -3.19 -3.31 -9.34
C4 48M B . -0.42 -4.38 -11.55
C5 48M B . -1.96 -3.37 -9.90
O5 48M B . -1.00 -2.87 -9.34
C6 48M B . -4.40 -3.98 -9.62
O6 48M B . -2.35 -6.03 -9.00
C7 48M B . -5.05 -1.93 -8.91
C8 48M B . -3.55 -2.14 -8.52
C9 48M B . -1.64 -6.79 -7.99
HD1 48M B . -3.36 -4.50 -7.05
HD2 48M B . -3.20 -0.20 -6.64
HD3 48M B . -6.41 0.45 -8.91
HD4 48M B . -5.83 -3.09 -6.53
HD5 48M B . -6.57 -5.20 -10.59
HE1 48M B . -3.10 -4.74 -4.60
HE2 48M B . -2.99 -0.48 -4.19
HE3 48M B . -7.95 1.33 -7.19
HE5 48M B . -6.87 -7.52 -11.27
HE6 48M B . -2.89 -8.44 -9.99
HZ2 48M B . -8.38 0.04 -5.12
HM21 48M B . -0.20 -7.31 -9.54
HM22 48M B . 0.20 -7.94 -7.94
HM23 48M B . -1.06 -8.72 -8.88
HM31 48M B . -3.29 -6.79 -6.57
HM32 48M B . -3.16 -8.29 -7.49
HM33 48M B . -2.02 -7.94 -6.19
HN1 48M B . -1.29 -6.23 -14.23
H21 48M B . -3.35 -5.08 -13.96
H22 48M B . -3.25 -6.01 -12.46
H31 48M B . -2.43 -3.11 -12.90
H32 48M B . -3.76 -3.67 -11.92
H41 48M B . 0.05 -4.95 -10.75
H42 48M B . 0.17 -3.48 -11.74
H7 48M B . -5.07 -1.25 -9.76
H8 48M B . -2.99 -1.27 -8.87
H9 48M B . -1.06 -6.04 -7.44
N GLN A 1 9.19 18.66 -5.36
CA GLN A 1 9.10 17.76 -4.20
C GLN A 1 7.66 17.28 -3.91
N ILE A 2 6.77 17.43 -4.90
CA ILE A 2 5.31 17.20 -4.92
C ILE A 2 4.53 18.02 -3.88
N ASN A 3 3.25 18.30 -4.19
CA ASN A 3 2.37 19.11 -3.36
C ASN A 3 1.34 18.25 -2.59
N GLN A 4 1.85 17.24 -1.88
CA GLN A 4 1.11 16.18 -1.19
C GLN A 4 1.83 15.71 0.09
N VAL A 5 1.26 14.72 0.79
CA VAL A 5 1.66 14.29 2.14
C VAL A 5 2.45 12.98 2.17
N ARG A 6 3.31 12.84 3.19
CA ARG A 6 4.13 11.65 3.45
C ARG A 6 3.48 10.64 4.43
N PRO A 7 3.62 9.32 4.19
CA PRO A 7 3.26 8.30 5.17
C PRO A 7 4.22 8.34 6.38
N LYS A 8 3.87 7.62 7.45
CA LYS A 8 4.76 7.39 8.60
C LYS A 8 5.90 6.43 8.23
N LEU A 9 7.00 6.49 8.96
CA LEU A 9 8.26 5.78 8.70
C LEU A 9 8.11 4.26 8.37
N PRO A 10 7.41 3.44 9.18
CA PRO A 10 7.25 2.01 8.86
C PRO A 10 6.34 1.74 7.66
N LEU A 11 5.33 2.58 7.39
CA LEU A 11 4.40 2.39 6.27
C LEU A 11 5.02 2.86 4.93
N LEU A 12 5.77 3.95 4.92
CA LEU A 12 6.58 4.40 3.78
C LEU A 12 7.59 3.34 3.31
N LYS A 13 8.10 2.50 4.21
CA LYS A 13 9.09 1.46 3.90
C LYS A 13 8.63 0.47 2.84
N ILE A 14 7.33 0.19 2.78
CA ILE A 14 6.71 -0.68 1.78
C ILE A 14 6.78 -0.01 0.39
N LEU A 15 6.45 1.29 0.31
CA LEU A 15 6.48 2.07 -0.94
C LEU A 15 7.92 2.16 -1.47
N HIS A 16 8.89 2.37 -0.58
CA HIS A 16 10.32 2.41 -0.91
C HIS A 16 10.85 1.03 -1.32
N ALA A 17 10.44 -0.04 -0.65
CA ALA A 17 10.79 -1.42 -1.01
C ALA A 17 10.31 -1.78 -2.42
N ALA A 18 9.24 -1.14 -2.89
CA ALA A 18 8.78 -1.25 -4.26
C ALA A 18 9.50 -0.31 -5.25
N GLY A 19 10.09 0.80 -4.79
CA GLY A 19 10.76 1.81 -5.62
C GLY A 19 9.87 3.03 -5.95
N ALA A 20 9.28 3.67 -4.93
CA ALA A 20 8.53 4.92 -5.08
C ALA A 20 9.40 6.11 -5.56
N GLN A 21 8.74 7.14 -6.13
CA GLN A 21 9.38 8.28 -6.79
C GLN A 21 9.49 9.52 -5.87
N GLY A 22 9.60 9.31 -4.56
CA GLY A 22 9.62 10.37 -3.54
C GLY A 22 9.27 9.89 -2.13
N GLU A 23 8.78 10.83 -1.32
CA GLU A 23 8.24 10.59 0.03
C GLU A 23 6.85 11.21 0.26
N MET A 24 6.44 12.18 -0.58
CA MET A 24 5.17 12.93 -0.51
C MET A 24 4.33 12.61 -1.75
N PHE A 25 3.13 12.03 -1.60
CA PHE A 25 2.29 11.59 -2.73
C PHE A 25 0.78 11.55 -2.41
N THR A 26 -0.04 11.55 -3.46
CA THR A 26 -1.52 11.39 -3.40
C THR A 26 -1.93 9.93 -3.15
N VAL A 27 -3.20 9.70 -2.80
CA VAL A 27 -3.84 8.39 -2.56
C VAL A 27 -3.56 7.43 -3.71
N LYS A 28 -3.70 7.96 -4.92
CA LYS A 28 -3.59 7.23 -6.17
C LYS A 28 -2.14 6.84 -6.51
N GLU A 29 -1.17 7.64 -6.07
CA GLU A 29 0.25 7.32 -6.11
C GLU A 29 0.64 6.33 -5.00
N VAL A 30 0.29 6.59 -3.72
CA VAL A 30 0.67 5.73 -2.59
C VAL A 30 0.20 4.30 -2.77
N MET A 31 -1.07 4.13 -3.15
CA MET A 31 -1.64 2.80 -3.43
C MET A 31 -1.00 2.10 -4.66
N HIS A 32 -0.54 2.84 -5.68
CA HIS A 32 0.10 2.24 -6.86
C HIS A 32 1.41 1.51 -6.49
N TYR A 33 2.18 2.07 -5.56
CA TYR A 33 3.38 1.38 -5.04
C TYR A 33 3.05 0.10 -4.28
N LEU A 34 1.86 -0.03 -3.67
CA LEU A 34 1.41 -1.30 -3.08
C LEU A 34 1.10 -2.31 -4.18
N GLY A 35 0.37 -1.90 -5.22
CA GLY A 35 0.10 -2.74 -6.38
C GLY A 35 1.38 -3.27 -7.05
N GLN A 36 2.37 -2.39 -7.28
CA GLN A 36 3.66 -2.79 -7.83
C GLN A 36 4.47 -3.64 -6.84
N TYR A 37 4.42 -3.37 -5.53
CA TYR A 37 5.08 -4.18 -4.51
C TYR A 37 4.55 -5.61 -4.57
N ILE A 38 3.23 -5.79 -4.59
CA ILE A 38 2.59 -7.12 -4.65
C ILE A 38 2.96 -7.82 -5.96
N MET A 39 2.98 -7.09 -7.08
CA MET A 39 3.31 -7.66 -8.39
C MET A 39 4.77 -8.16 -8.45
N VAL A 40 5.73 -7.42 -7.87
CA VAL A 40 7.15 -7.84 -7.82
C VAL A 40 7.42 -8.91 -6.75
N LYS A 41 6.74 -8.82 -5.61
CA LYS A 41 6.77 -9.80 -4.50
C LYS A 41 5.89 -11.04 -4.71
N GLN A 42 5.02 -11.06 -5.74
CA GLN A 42 3.96 -12.01 -6.08
C GLN A 42 3.22 -12.52 -4.84
N LEU A 43 2.56 -11.59 -4.13
CA LEU A 43 1.83 -11.87 -2.90
C LEU A 43 0.35 -12.13 -3.17
N TYR A 44 0.02 -12.71 -4.33
CA TYR A 44 -1.35 -13.06 -4.72
C TYR A 44 -1.58 -14.57 -4.88
N ASP A 45 -2.86 -14.99 -4.88
CA ASP A 45 -3.26 -16.38 -5.13
C ASP A 45 -3.08 -16.79 -6.60
N GLN A 46 -2.52 -17.98 -6.83
CA GLN A 46 -2.46 -18.62 -8.16
C GLN A 46 -3.84 -18.71 -8.84
N GLN A 47 -4.89 -18.97 -8.06
CA GLN A 47 -6.27 -19.17 -8.56
C GLN A 47 -6.98 -17.85 -8.88
N GLU A 48 -6.63 -16.78 -8.15
CA GLU A 48 -7.16 -15.41 -8.31
C GLU A 48 -6.05 -14.39 -8.03
N GLN A 49 -5.42 -13.88 -9.09
CA GLN A 49 -4.27 -12.96 -9.00
C GLN A 49 -4.61 -11.60 -8.33
N HIS A 50 -5.91 -11.33 -8.16
CA HIS A 50 -6.51 -10.16 -7.54
C HIS A 50 -6.84 -10.37 -6.05
N MET A 51 -6.67 -11.58 -5.51
CA MET A 51 -6.72 -11.90 -4.08
C MET A 51 -5.30 -11.88 -3.52
N VAL A 52 -5.04 -11.01 -2.53
CA VAL A 52 -3.70 -10.71 -2.00
C VAL A 52 -3.54 -11.33 -0.60
N TYR A 53 -2.37 -11.91 -0.32
CA TYR A 53 -2.01 -12.63 0.91
C TYR A 53 -0.64 -12.19 1.44
N CYS A 54 -0.64 -11.43 2.55
CA CYS A 54 0.50 -10.71 3.13
C CYS A 54 0.89 -11.17 4.54
N GLY A 55 0.45 -12.35 4.98
CA GLY A 55 0.71 -12.85 6.34
C GLY A 55 2.21 -12.90 6.70
N GLY A 56 2.63 -12.00 7.59
CA GLY A 56 4.03 -11.85 8.06
C GLY A 56 4.92 -10.93 7.21
N ASP A 57 4.43 -10.33 6.13
CA ASP A 57 5.16 -9.40 5.27
C ASP A 57 5.10 -7.94 5.78
N LEU A 58 6.02 -7.08 5.33
CA LEU A 58 6.02 -5.65 5.67
C LEU A 58 4.72 -4.97 5.23
N LEU A 59 4.29 -5.27 4.00
CA LEU A 59 2.98 -4.87 3.48
C LEU A 59 1.81 -5.30 4.40
N GLY A 60 1.89 -6.52 4.95
CA GLY A 60 0.91 -7.03 5.92
C GLY A 60 0.92 -6.29 7.25
N GLU A 61 2.10 -5.87 7.72
CA GLU A 61 2.25 -5.02 8.91
C GLU A 61 1.69 -3.60 8.66
N LEU A 62 1.89 -3.06 7.44
CA LEU A 62 1.27 -1.80 7.00
C LEU A 62 -0.27 -1.89 7.00
N LEU A 63 -0.82 -3.01 6.54
CA LEU A 63 -2.27 -3.24 6.49
C LEU A 63 -2.89 -3.49 7.88
N GLY A 64 -2.23 -4.29 8.72
CA GLY A 64 -2.79 -4.80 9.99
C GLY A 64 -3.66 -6.06 9.81
N ARG A 65 -3.72 -6.61 8.58
CA ARG A 65 -4.46 -7.81 8.16
C ARG A 65 -3.67 -8.57 7.10
N GLN A 66 -3.75 -9.90 7.16
CA GLN A 66 -3.02 -10.82 6.28
C GLN A 66 -3.61 -10.94 4.87
N SER A 67 -4.82 -10.44 4.65
CA SER A 67 -5.45 -10.50 3.31
C SER A 67 -6.48 -9.42 3.02
N PHE A 68 -6.66 -9.17 1.71
CA PHE A 68 -7.59 -8.25 1.06
C PHE A 68 -7.65 -8.60 -0.45
N SER A 69 -8.41 -7.85 -1.25
CA SER A 69 -8.44 -8.00 -2.71
C SER A 69 -8.53 -6.66 -3.43
N VAL A 70 -8.32 -6.65 -4.75
CA VAL A 70 -8.59 -5.47 -5.58
C VAL A 70 -10.10 -5.16 -5.69
N LYS A 71 -10.97 -6.11 -5.29
CA LYS A 71 -12.43 -5.94 -5.19
C LYS A 71 -12.82 -5.15 -3.93
N ASP A 72 -12.01 -5.22 -2.88
CA ASP A 72 -12.28 -4.70 -1.53
C ASP A 72 -11.14 -3.79 -1.03
N PRO A 73 -11.18 -2.48 -1.34
CA PRO A 73 -10.14 -1.51 -0.95
C PRO A 73 -10.25 -0.99 0.49
N SER A 74 -11.33 -1.30 1.22
CA SER A 74 -11.57 -0.84 2.59
C SER A 74 -10.38 -1.03 3.56
N PRO A 75 -9.69 -2.19 3.66
CA PRO A 75 -8.53 -2.34 4.55
C PRO A 75 -7.32 -1.47 4.16
N LEU A 76 -7.17 -1.11 2.88
CA LEU A 76 -6.14 -0.18 2.39
C LEU A 76 -6.51 1.26 2.80
N TYR A 77 -7.72 1.68 2.49
CA TYR A 77 -8.22 3.01 2.85
C TYR A 77 -8.13 3.23 4.37
N ASP A 78 -8.59 2.28 5.17
CA ASP A 78 -8.48 2.26 6.64
C ASP A 78 -7.05 2.41 7.16
N MET A 79 -6.09 1.72 6.55
CA MET A 79 -4.68 1.87 6.91
C MET A 79 -4.08 3.21 6.48
N LEU A 80 -4.57 3.85 5.41
CA LEU A 80 -4.18 5.22 5.08
C LEU A 80 -4.76 6.17 6.13
N ARG A 81 -6.05 6.02 6.51
CA ARG A 81 -6.80 6.99 7.34
C ARG A 81 -6.04 7.52 8.57
N LYS A 82 -5.43 6.59 9.32
CA LYS A 82 -4.62 6.84 10.52
C LYS A 82 -3.13 7.09 10.26
N ASN A 83 -2.59 6.68 9.11
CA ASN A 83 -1.18 6.91 8.76
C ASN A 83 -0.96 8.26 8.08
N LEU A 84 -1.78 8.58 7.07
CA LEU A 84 -1.82 9.88 6.40
C LEU A 84 -3.21 10.30 5.88
N VAL A 85 -3.53 11.59 5.98
CA VAL A 85 -4.82 12.15 5.52
C VAL A 85 -4.94 12.16 3.99
N THR A 86 -3.80 12.35 3.34
CA THR A 86 -3.59 12.48 1.87
C THR A 86 -4.57 13.47 1.19
N LEU A 87 -4.79 13.35 -0.12
CA LEU A 87 -5.68 14.23 -0.90
C LEU A 87 -7.14 14.18 -0.40
N ALA A 88 -7.65 12.96 -0.20
CA ALA A 88 -8.97 12.63 0.32
C ALA A 88 -10.16 13.27 -0.45
N THR A 89 -11.38 13.09 0.08
CA THR A 89 -12.65 13.50 -0.56
C THR A 89 -13.71 13.96 0.43
N 48M B . -5.61 -2.97 -9.64
CG1 48M B . -3.43 -2.29 -7.16
CG2 48M B . -6.03 -1.08 -8.04
CG3 48M B . -4.90 -5.23 -10.17
CD1 48M B . -3.43 -3.58 -6.60
CD2 48M B . -3.23 -1.19 -6.32
CD3 48M B . -6.53 0.21 -8.25
CD4 48M B . -6.45 -1.79 -6.90
CD5 48M B . -6.15 -5.52 -10.74
CD6 48M B . -4.00 -6.28 -9.97
CE1 48M B . -3.24 -3.74 -5.23
CE2 48M B . -3.08 -1.36 -4.95
CE3 48M B . -7.42 0.78 -7.35
CE4 48M B . -7.31 -1.20 -5.99
CE5 48M B . -6.45 -6.81 -11.20
CE6 48M B . -4.30 -7.56 -10.45
CZ1 48M B . -3.06 -2.64 -4.41
CZ2 48M B . -7.83 0.07 -6.22
CZ3 48M B . -5.52 -7.83 -11.08
CL2 48M B . -2.76 -2.84 -2.72
CL1 48M B . -7.73 -2.03 -4.53
CM1 48M B . -5.81 -9.13 -11.60
CM2 48M B . -2.98 -7.57 -7.32
CM3 48M B . -0.83 -6.43 -7.99
NM1 48M B . -6.04 -10.17 -12.04
C1 48M B . -0.28 -4.77 -13.06
N1 48M B . -1.09 -4.24 -13.98
O1 48M B . 0.72 -5.34 -13.45
C2 48M B . -2.35 -3.54 -13.67
N2 48M B . -1.94 -3.98 -11.22
C3 48M B . -2.94 -3.98 -12.31
N3 48M B . -3.37 -3.25 -9.49
C4 48M B . -0.62 -4.59 -11.58
C5 48M B . -2.11 -3.43 -9.98
O5 48M B . -1.15 -3.07 -9.34
C6 48M B . -4.64 -3.79 -9.82
O6 48M B . -2.85 -6.07 -9.25
C7 48M B . -5.10 -1.70 -9.09
C8 48M B . -3.65 -2.06 -8.66
C9 48M B . -2.13 -7.09 -8.49
HD1 48M B . -3.58 -4.44 -7.22
HD2 48M B . -3.20 -0.18 -6.72
HD3 48M B . -6.23 0.77 -9.13
HD4 48M B . -6.07 -2.80 -6.72
HD5 48M B . -6.90 -4.75 -10.89
HE1 48M B . -3.24 -4.75 -4.80
HE2 48M B . -2.96 -0.49 -4.31
HE3 48M B . -7.82 1.78 -7.53
HE5 48M B . -7.41 -7.00 -11.67
HE6 48M B . -3.59 -8.38 -10.32
HZ2 48M B . -8.52 0.51 -5.51
HM21 48M B . -2.44 -8.33 -6.74
HM22 48M B . -3.23 -6.74 -6.64
HM23 48M B . -3.91 -8.02 -7.67
HM31 48M B . -0.18 -7.17 -7.52
HM32 48M B . -0.29 -5.98 -8.82
HM33 48M B . -1.05 -5.64 -7.27
HN1 48M B . -0.84 -4.36 -14.95
H21 48M B . -2.14 -2.47 -13.63
H22 48M B . -3.07 -3.72 -14.46
H31 48M B . -3.76 -3.29 -12.10
H32 48M B . -3.35 -4.98 -12.42
H41 48M B . -0.58 -5.59 -11.15
H42 48M B . 0.19 -4.00 -11.17
H7 48M B . -5.02 -1.00 -9.92
H8 48M B . -2.99 -1.25 -8.99
H9 48M B . -1.86 -7.92 -9.15
N GLN A 1 7.07 20.03 -9.76
CA GLN A 1 6.90 19.71 -8.34
C GLN A 1 5.57 18.97 -8.06
N ILE A 2 5.54 18.16 -6.99
CA ILE A 2 4.37 17.33 -6.63
C ILE A 2 3.35 18.06 -5.75
N ASN A 3 3.83 18.78 -4.73
CA ASN A 3 3.01 19.55 -3.77
C ASN A 3 2.04 18.66 -2.93
N GLN A 4 2.57 17.55 -2.41
CA GLN A 4 1.84 16.53 -1.66
C GLN A 4 2.64 16.04 -0.42
N VAL A 5 2.09 15.09 0.34
CA VAL A 5 2.58 14.67 1.66
C VAL A 5 3.34 13.34 1.72
N ARG A 6 4.08 13.13 2.81
CA ARG A 6 4.76 11.88 3.12
C ARG A 6 3.97 11.00 4.12
N PRO A 7 3.88 9.67 3.90
CA PRO A 7 3.37 8.73 4.89
C PRO A 7 4.42 8.50 6.01
N LYS A 8 4.00 7.91 7.13
CA LYS A 8 4.90 7.59 8.26
C LYS A 8 5.83 6.42 7.89
N LEU A 9 6.98 6.35 8.55
CA LEU A 9 8.12 5.47 8.25
C LEU A 9 7.78 3.98 8.04
N PRO A 10 7.06 3.29 8.95
CA PRO A 10 6.67 1.88 8.73
C PRO A 10 5.79 1.65 7.52
N LEU A 11 5.07 2.68 7.07
CA LEU A 11 4.28 2.64 5.86
C LEU A 11 5.15 2.98 4.64
N LEU A 12 5.90 4.08 4.68
CA LEU A 12 6.85 4.49 3.62
C LEU A 12 7.85 3.37 3.24
N LYS A 13 8.27 2.54 4.21
CA LYS A 13 9.16 1.40 3.94
C LYS A 13 8.59 0.38 2.94
N ILE A 14 7.27 0.17 2.92
CA ILE A 14 6.56 -0.66 1.93
C ILE A 14 6.68 -0.05 0.53
N LEU A 15 6.45 1.27 0.41
CA LEU A 15 6.54 2.02 -0.86
C LEU A 15 7.98 2.00 -1.39
N HIS A 16 8.97 2.15 -0.51
CA HIS A 16 10.39 2.10 -0.85
C HIS A 16 10.85 0.68 -1.22
N ALA A 17 10.36 -0.35 -0.51
CA ALA A 17 10.58 -1.76 -0.86
C ALA A 17 10.03 -2.10 -2.25
N ALA A 18 9.00 -1.35 -2.71
CA ALA A 18 8.51 -1.43 -4.08
C ALA A 18 9.36 -0.64 -5.09
N GLY A 19 10.07 0.41 -4.66
CA GLY A 19 10.79 1.34 -5.55
C GLY A 19 9.98 2.60 -5.91
N ALA A 20 9.49 3.34 -4.92
CA ALA A 20 8.81 4.63 -5.11
C ALA A 20 9.73 5.73 -5.68
N GLN A 21 9.12 6.77 -6.26
CA GLN A 21 9.80 7.87 -6.98
C GLN A 21 10.04 9.13 -6.11
N GLY A 22 10.15 8.94 -4.79
CA GLY A 22 10.30 10.02 -3.82
C GLY A 22 9.83 9.66 -2.40
N GLU A 23 9.44 10.68 -1.65
CA GLU A 23 8.85 10.59 -0.31
C GLU A 23 7.50 11.34 -0.18
N MET A 24 7.15 12.20 -1.15
CA MET A 24 5.93 13.02 -1.17
C MET A 24 5.02 12.58 -2.33
N PHE A 25 3.79 12.14 -2.03
CA PHE A 25 2.82 11.65 -3.03
C PHE A 25 1.35 11.76 -2.56
N THR A 26 0.41 11.64 -3.51
CA THR A 26 -1.05 11.54 -3.30
C THR A 26 -1.48 10.13 -2.91
N VAL A 27 -2.71 9.97 -2.40
CA VAL A 27 -3.36 8.68 -2.06
C VAL A 27 -3.25 7.70 -3.23
N LYS A 28 -3.52 8.21 -4.44
CA LYS A 28 -3.53 7.45 -5.68
C LYS A 28 -2.14 7.00 -6.13
N GLU A 29 -1.10 7.79 -5.82
CA GLU A 29 0.30 7.42 -6.06
C GLU A 29 0.83 6.49 -4.95
N VAL A 30 0.56 6.74 -3.66
CA VAL A 30 1.00 5.86 -2.57
C VAL A 30 0.47 4.44 -2.74
N MET A 31 -0.81 4.32 -3.06
CA MET A 31 -1.41 3.01 -3.36
C MET A 31 -0.93 2.37 -4.67
N HIS A 32 -0.45 3.14 -5.66
CA HIS A 32 0.16 2.55 -6.88
C HIS A 32 1.41 1.74 -6.55
N TYR A 33 2.23 2.24 -5.61
CA TYR A 33 3.38 1.48 -5.10
C TYR A 33 2.97 0.21 -4.35
N LEU A 34 1.77 0.13 -3.75
CA LEU A 34 1.25 -1.14 -3.21
C LEU A 34 0.98 -2.14 -4.34
N GLY A 35 0.32 -1.71 -5.41
CA GLY A 35 0.07 -2.55 -6.59
C GLY A 35 1.38 -3.09 -7.18
N GLN A 36 2.39 -2.21 -7.36
CA GLN A 36 3.70 -2.65 -7.84
C GLN A 36 4.47 -3.50 -6.80
N TYR A 37 4.31 -3.24 -5.49
CA TYR A 37 4.92 -4.04 -4.43
C TYR A 37 4.40 -5.48 -4.51
N ILE A 38 3.08 -5.66 -4.57
CA ILE A 38 2.44 -6.98 -4.66
C ILE A 38 2.86 -7.67 -5.96
N MET A 39 2.93 -6.92 -7.07
CA MET A 39 3.34 -7.45 -8.37
C MET A 39 4.81 -7.94 -8.37
N VAL A 40 5.74 -7.17 -7.77
CA VAL A 40 7.16 -7.55 -7.68
C VAL A 40 7.41 -8.66 -6.64
N LYS A 41 6.70 -8.62 -5.51
CA LYS A 41 6.65 -9.68 -4.51
C LYS A 41 5.81 -10.92 -4.90
N GLN A 42 5.00 -10.86 -5.99
CA GLN A 42 3.96 -11.81 -6.42
C GLN A 42 3.20 -12.33 -5.18
N LEU A 43 2.62 -11.36 -4.47
CA LEU A 43 2.06 -11.49 -3.13
C LEU A 43 0.56 -11.77 -3.19
N TYR A 44 0.14 -12.45 -4.26
CA TYR A 44 -1.24 -12.80 -4.59
C TYR A 44 -1.48 -14.33 -4.67
N ASP A 45 -2.74 -14.75 -4.81
CA ASP A 45 -3.07 -16.15 -5.07
C ASP A 45 -2.72 -16.58 -6.51
N GLN A 46 -2.28 -17.83 -6.65
CA GLN A 46 -2.05 -18.55 -7.91
C GLN A 46 -3.35 -18.65 -8.74
N GLN A 47 -4.47 -18.87 -8.05
CA GLN A 47 -5.80 -19.00 -8.66
C GLN A 47 -6.46 -17.64 -8.97
N GLU A 48 -6.14 -16.59 -8.20
CA GLU A 48 -6.80 -15.27 -8.24
C GLU A 48 -5.78 -14.14 -8.01
N GLN A 49 -5.21 -13.61 -9.09
CA GLN A 49 -4.16 -12.58 -9.03
C GLN A 49 -4.59 -11.25 -8.39
N HIS A 50 -5.89 -10.93 -8.45
CA HIS A 50 -6.51 -9.79 -7.75
C HIS A 50 -6.70 -10.02 -6.25
N MET A 51 -6.64 -11.26 -5.77
CA MET A 51 -6.71 -11.63 -4.35
C MET A 51 -5.29 -11.64 -3.77
N VAL A 52 -5.05 -10.82 -2.76
CA VAL A 52 -3.71 -10.53 -2.21
C VAL A 52 -3.54 -11.25 -0.86
N TYR A 53 -2.36 -11.84 -0.63
CA TYR A 53 -1.98 -12.59 0.56
C TYR A 53 -0.64 -12.08 1.13
N CYS A 54 -0.71 -11.12 2.07
CA CYS A 54 0.43 -10.45 2.71
C CYS A 54 0.88 -11.06 4.04
N GLY A 55 0.37 -12.22 4.45
CA GLY A 55 0.75 -12.88 5.70
C GLY A 55 2.27 -13.12 5.78
N GLY A 56 2.91 -12.52 6.79
CA GLY A 56 4.37 -12.57 7.00
C GLY A 56 5.19 -11.48 6.30
N ASP A 57 4.57 -10.54 5.57
CA ASP A 57 5.21 -9.37 4.95
C ASP A 57 4.89 -8.05 5.67
N LEU A 58 5.68 -7.00 5.44
CA LEU A 58 5.53 -5.71 6.11
C LEU A 58 4.16 -5.10 5.82
N LEU A 59 3.74 -5.17 4.56
CA LEU A 59 2.42 -4.71 4.15
C LEU A 59 1.28 -5.37 4.97
N GLY A 60 1.39 -6.67 5.26
CA GLY A 60 0.44 -7.40 6.08
C GLY A 60 0.49 -7.02 7.57
N GLU A 61 1.70 -6.87 8.13
CA GLU A 61 1.88 -6.43 9.53
C GLU A 61 1.37 -5.00 9.76
N LEU A 62 1.53 -4.12 8.76
CA LEU A 62 1.04 -2.75 8.73
C LEU A 62 -0.51 -2.73 8.70
N LEU A 63 -1.09 -3.43 7.71
CA LEU A 63 -2.53 -3.71 7.63
C LEU A 63 -3.09 -4.34 8.93
N GLY A 64 -2.28 -5.13 9.64
CA GLY A 64 -2.73 -5.99 10.75
C GLY A 64 -3.62 -7.13 10.22
N ARG A 65 -3.35 -7.56 8.97
CA ARG A 65 -4.18 -8.45 8.15
C ARG A 65 -3.32 -9.25 7.18
N GLN A 66 -3.64 -10.52 6.96
CA GLN A 66 -2.93 -11.35 5.96
C GLN A 66 -3.52 -11.27 4.55
N SER A 67 -4.71 -10.72 4.37
CA SER A 67 -5.35 -10.67 3.03
C SER A 67 -6.39 -9.58 2.79
N PHE A 68 -6.53 -9.21 1.51
CA PHE A 68 -7.51 -8.28 0.93
C PHE A 68 -7.58 -8.53 -0.59
N SER A 69 -8.45 -7.82 -1.32
CA SER A 69 -8.57 -7.92 -2.79
C SER A 69 -8.65 -6.54 -3.42
N VAL A 70 -8.23 -6.37 -4.68
CA VAL A 70 -8.46 -5.14 -5.45
C VAL A 70 -9.97 -4.86 -5.64
N LYS A 71 -10.81 -5.90 -5.50
CA LYS A 71 -12.28 -5.86 -5.56
C LYS A 71 -12.95 -5.63 -4.19
N ASP A 72 -12.16 -5.72 -3.10
CA ASP A 72 -12.57 -5.43 -1.71
C ASP A 72 -11.39 -4.81 -0.92
N PRO A 73 -10.95 -3.58 -1.27
CA PRO A 73 -9.71 -2.98 -0.76
C PRO A 73 -9.86 -2.16 0.54
N SER A 74 -11.07 -2.08 1.11
CA SER A 74 -11.43 -1.23 2.26
C SER A 74 -10.42 -1.18 3.42
N PRO A 75 -9.81 -2.29 3.91
CA PRO A 75 -8.84 -2.21 5.02
C PRO A 75 -7.56 -1.43 4.67
N LEU A 76 -7.18 -1.33 3.39
CA LEU A 76 -6.03 -0.51 2.96
C LEU A 76 -6.35 0.98 3.13
N TYR A 77 -7.53 1.42 2.69
CA TYR A 77 -7.91 2.82 2.84
C TYR A 77 -7.94 3.24 4.31
N ASP A 78 -8.31 2.32 5.21
CA ASP A 78 -8.29 2.54 6.67
C ASP A 78 -6.87 2.65 7.22
N MET A 79 -5.97 1.78 6.73
CA MET A 79 -4.54 1.84 7.05
C MET A 79 -3.90 3.16 6.57
N LEU A 80 -4.41 3.78 5.50
CA LEU A 80 -3.97 5.08 5.03
C LEU A 80 -4.61 6.17 5.90
N ARG A 81 -5.93 6.10 6.19
CA ARG A 81 -6.68 7.18 6.85
C ARG A 81 -6.01 7.74 8.12
N LYS A 82 -5.51 6.85 8.99
CA LYS A 82 -4.78 7.18 10.22
C LYS A 82 -3.26 7.35 10.06
N ASN A 83 -2.66 6.88 8.96
CA ASN A 83 -1.23 7.09 8.66
C ASN A 83 -1.01 8.45 7.98
N LEU A 84 -1.83 8.74 6.96
CA LEU A 84 -1.87 10.03 6.27
C LEU A 84 -3.29 10.49 5.86
N VAL A 85 -3.60 11.77 6.15
CA VAL A 85 -4.88 12.43 5.81
C VAL A 85 -4.82 13.21 4.48
N THR A 86 -3.60 13.50 4.02
CA THR A 86 -3.26 14.41 2.91
C THR A 86 -3.93 15.79 3.03
N LEU A 87 -4.10 16.52 1.91
CA LEU A 87 -4.76 17.84 1.84
C LEU A 87 -6.29 17.79 2.08
N ALA A 88 -6.85 16.59 2.25
CA ALA A 88 -8.28 16.32 2.37
C ALA A 88 -8.95 17.05 3.55
N THR A 89 -10.16 17.56 3.33
CA THR A 89 -10.91 18.39 4.29
C THR A 89 -12.44 18.21 4.22
N 48M B . -5.44 -2.92 -9.88
CG1 48M B . -3.33 -2.21 -7.40
CG2 48M B . -5.79 -0.86 -8.46
CG3 48M B . -4.79 -5.22 -10.29
CD1 48M B . -3.43 -3.46 -6.79
CD2 48M B . -3.13 -1.08 -6.60
CD3 48M B . -6.19 0.44 -8.78
CD4 48M B . -6.29 -1.45 -7.29
CD5 48M B . -6.04 -5.52 -10.86
CD6 48M B . -3.91 -6.28 -10.02
CE1 48M B . -3.36 -3.59 -5.41
CE2 48M B . -3.07 -1.21 -5.21
CE3 48M B . -7.05 1.15 -7.95
CE4 48M B . -7.13 -0.74 -6.45
CE5 48M B . -6.36 -6.81 -11.25
CE6 48M B . -4.23 -7.57 -10.45
CZ1 48M B . -3.18 -2.46 -4.62
CZ2 48M B . -7.52 0.56 -6.77
CZ3 48M B . -5.45 -7.84 -11.07
CL2 48M B . -3.09 -2.60 -2.91
CL1 48M B . -7.68 -1.44 -4.98
CM1 48M B . -5.77 -9.17 -11.54
CM2 48M B . -2.92 -7.41 -7.28
CM3 48M B . -0.73 -6.40 -8.07
NM1 48M B . -6.02 -10.22 -11.91
C1 48M B . -0.42 -5.42 -13.11
N1 48M B . -1.55 -5.74 -13.74
O1 48M B . 0.64 -5.82 -13.57
C2 48M B . -2.87 -5.20 -13.38
N2 48M B . -1.83 -4.06 -11.42
C3 48M B . -2.77 -3.91 -12.55
N3 48M B . -3.21 -3.25 -9.69
C4 48M B . -0.48 -4.54 -11.85
C5 48M B . -1.98 -3.47 -10.20
O5 48M B . -0.99 -3.10 -9.58
C6 48M B . -4.49 -3.77 -10.00
O6 48M B . -2.75 -6.05 -9.32
C7 48M B . -4.88 -1.63 -9.42
C8 48M B . -3.45 -2.02 -8.92
C9 48M B . -2.06 -7.05 -8.50
HD1 48M B . -3.58 -4.36 -7.39
HD2 48M B . -3.04 -0.08 -7.04
HD3 48M B . -5.83 0.90 -9.70
HD4 48M B . -6.00 -2.46 -7.03
HD5 48M B . -6.77 -4.73 -11.04
HE1 48M B . -3.44 -4.56 -4.95
HE2 48M B . -2.95 -0.32 -4.58
HE3 48M B . -7.35 2.16 -8.21
HE5 48M B . -7.32 -7.00 -11.73
HE6 48M B . -3.55 -8.40 -10.28
HZ2 48M B . -8.19 1.11 -6.12
HM21 48M B . -3.07 -6.54 -6.62
HM22 48M B . -3.90 -7.76 -7.58
HM23 48M B . -2.43 -8.19 -6.70
HM31 48M B . -0.10 -7.15 -7.58
HM32 48M B . -0.20 -6.03 -8.94
HM33 48M B . -0.90 -5.58 -7.39
HN1 48M B . -1.47 -6.32 -14.55
H21 48M B . -3.45 -5.01 -14.29
H22 48M B . -3.41 -5.96 -12.79
H31 48M B . -2.36 -3.13 -13.21
H32 48M B . -3.76 -3.58 -12.27
H41 48M B . -0.04 -5.14 -11.06
H42 48M B . 0.15 -3.67 -12.05
H7 48M B . -4.74 -1.02 -10.32
H8 48M B . -2.77 -1.24 -9.24
H9 48M B . -1.84 -7.93 -9.11
N GLN A 1 8.22 18.85 -9.51
CA GLN A 1 8.00 18.67 -8.07
C GLN A 1 6.51 18.51 -7.72
N ILE A 2 6.24 17.86 -6.59
CA ILE A 2 4.90 17.50 -6.10
C ILE A 2 4.51 18.35 -4.88
N ASN A 3 3.20 18.61 -4.73
CA ASN A 3 2.61 19.45 -3.68
C ASN A 3 1.71 18.64 -2.71
N GLN A 4 2.20 17.47 -2.32
CA GLN A 4 1.50 16.40 -1.59
C GLN A 4 2.25 15.96 -0.32
N VAL A 5 1.67 14.98 0.38
CA VAL A 5 2.09 14.58 1.74
C VAL A 5 2.90 13.29 1.84
N ARG A 6 3.59 13.13 2.97
CA ARG A 6 4.52 12.04 3.29
C ARG A 6 3.93 11.06 4.31
N PRO A 7 3.89 9.74 4.03
CA PRO A 7 3.42 8.72 4.97
C PRO A 7 4.45 8.43 6.07
N LYS A 8 4.02 7.74 7.14
CA LYS A 8 4.88 7.35 8.28
C LYS A 8 5.79 6.18 7.92
N LEU A 9 6.87 6.01 8.67
CA LEU A 9 8.00 5.09 8.42
C LEU A 9 7.60 3.65 8.01
N PRO A 10 6.76 2.91 8.76
CA PRO A 10 6.33 1.56 8.37
C PRO A 10 5.59 1.48 7.04
N LEU A 11 4.95 2.57 6.64
CA LEU A 11 4.23 2.66 5.39
C LEU A 11 5.17 3.07 4.26
N LEU A 12 5.99 4.11 4.47
CA LEU A 12 7.03 4.54 3.53
C LEU A 12 7.98 3.39 3.17
N LYS A 13 8.28 2.48 4.10
CA LYS A 13 9.08 1.28 3.84
C LYS A 13 8.48 0.35 2.79
N ILE A 14 7.16 0.17 2.71
CA ILE A 14 6.49 -0.62 1.65
C ILE A 14 6.77 0.03 0.28
N LEU A 15 6.54 1.35 0.18
CA LEU A 15 6.66 2.17 -1.03
C LEU A 15 8.11 2.17 -1.54
N HIS A 16 9.07 2.34 -0.64
CA HIS A 16 10.50 2.33 -0.94
C HIS A 16 11.00 0.91 -1.27
N ALA A 17 10.53 -0.12 -0.56
CA ALA A 17 10.78 -1.52 -0.87
C ALA A 17 10.26 -1.91 -2.27
N ALA A 18 9.24 -1.19 -2.76
CA ALA A 18 8.76 -1.30 -4.13
C ALA A 18 9.56 -0.46 -5.15
N GLY A 19 10.24 0.62 -4.72
CA GLY A 19 10.87 1.61 -5.60
C GLY A 19 9.94 2.77 -5.96
N ALA A 20 9.74 3.70 -5.02
CA ALA A 20 8.97 4.93 -5.20
C ALA A 20 9.76 6.05 -5.91
N GLN A 21 9.06 7.09 -6.37
CA GLN A 21 9.62 8.24 -7.11
C GLN A 21 9.75 9.52 -6.25
N GLY A 22 9.89 9.35 -4.93
CA GLY A 22 9.97 10.44 -3.95
C GLY A 22 9.57 10.03 -2.53
N GLU A 23 9.14 11.03 -1.75
CA GLU A 23 8.58 10.87 -0.39
C GLU A 23 7.24 11.62 -0.19
N MET A 24 6.80 12.45 -1.14
CA MET A 24 5.59 13.28 -1.08
C MET A 24 4.66 12.92 -2.26
N PHE A 25 3.50 12.32 -1.98
CA PHE A 25 2.56 11.81 -3.00
C PHE A 25 1.09 11.82 -2.53
N THR A 26 0.13 11.71 -3.45
CA THR A 26 -1.30 11.50 -3.15
C THR A 26 -1.59 10.07 -2.65
N VAL A 27 -2.77 9.85 -2.05
CA VAL A 27 -3.35 8.52 -1.69
C VAL A 27 -3.29 7.59 -2.90
N LYS A 28 -3.66 8.14 -4.06
CA LYS A 28 -3.59 7.56 -5.40
C LYS A 28 -2.16 7.12 -5.78
N GLU A 29 -1.17 7.99 -5.63
CA GLU A 29 0.23 7.69 -5.93
C GLU A 29 0.84 6.70 -4.92
N VAL A 30 0.56 6.82 -3.61
CA VAL A 30 1.05 5.88 -2.61
C VAL A 30 0.56 4.45 -2.86
N MET A 31 -0.74 4.30 -3.07
CA MET A 31 -1.34 3.00 -3.40
C MET A 31 -0.90 2.41 -4.76
N HIS A 32 -0.43 3.22 -5.72
CA HIS A 32 0.22 2.67 -6.93
C HIS A 32 1.46 1.83 -6.56
N TYR A 33 2.24 2.29 -5.59
CA TYR A 33 3.38 1.53 -5.08
C TYR A 33 2.95 0.28 -4.28
N LEU A 34 1.78 0.26 -3.62
CA LEU A 34 1.24 -0.98 -3.05
C LEU A 34 0.97 -2.02 -4.15
N GLY A 35 0.34 -1.61 -5.25
CA GLY A 35 0.08 -2.51 -6.37
C GLY A 35 1.37 -3.08 -6.98
N GLN A 36 2.36 -2.23 -7.23
CA GLN A 36 3.65 -2.70 -7.75
C GLN A 36 4.43 -3.52 -6.72
N TYR A 37 4.33 -3.21 -5.41
CA TYR A 37 4.94 -3.98 -4.34
C TYR A 37 4.40 -5.41 -4.34
N ILE A 38 3.07 -5.58 -4.36
CA ILE A 38 2.46 -6.91 -4.41
C ILE A 38 2.85 -7.63 -5.70
N MET A 39 2.90 -6.92 -6.83
CA MET A 39 3.27 -7.51 -8.11
C MET A 39 4.72 -8.04 -8.11
N VAL A 40 5.68 -7.32 -7.52
CA VAL A 40 7.08 -7.74 -7.41
C VAL A 40 7.32 -8.78 -6.30
N LYS A 41 6.65 -8.62 -5.15
CA LYS A 41 6.69 -9.57 -4.02
C LYS A 41 5.77 -10.81 -4.19
N GLN A 42 4.88 -10.81 -5.19
CA GLN A 42 3.80 -11.76 -5.51
C GLN A 42 3.07 -12.31 -4.26
N LEU A 43 2.31 -11.45 -3.56
CA LEU A 43 1.54 -11.88 -2.39
C LEU A 43 0.19 -12.51 -2.76
N TYR A 44 -0.21 -12.52 -4.04
CA TYR A 44 -1.54 -12.92 -4.46
C TYR A 44 -1.75 -14.45 -4.60
N ASP A 45 -3.02 -14.86 -4.72
CA ASP A 45 -3.39 -16.26 -4.99
C ASP A 45 -3.08 -16.68 -6.44
N GLN A 46 -2.62 -17.93 -6.59
CA GLN A 46 -2.38 -18.65 -7.85
C GLN A 46 -3.56 -18.52 -8.84
N GLN A 47 -4.76 -18.71 -8.31
CA GLN A 47 -6.04 -18.78 -9.03
C GLN A 47 -6.73 -17.41 -9.19
N GLU A 48 -6.47 -16.48 -8.25
CA GLU A 48 -7.13 -15.17 -8.16
C GLU A 48 -6.10 -14.06 -7.85
N GLN A 49 -5.48 -13.52 -8.90
CA GLN A 49 -4.42 -12.51 -8.81
C GLN A 49 -4.83 -11.20 -8.10
N HIS A 50 -6.13 -10.88 -8.09
CA HIS A 50 -6.70 -9.73 -7.37
C HIS A 50 -6.87 -9.98 -5.85
N MET A 51 -6.89 -11.24 -5.40
CA MET A 51 -6.90 -11.62 -3.99
C MET A 51 -5.46 -11.70 -3.46
N VAL A 52 -5.16 -10.94 -2.41
CA VAL A 52 -3.82 -10.74 -1.86
C VAL A 52 -3.71 -11.43 -0.49
N TYR A 53 -2.57 -12.09 -0.21
CA TYR A 53 -2.25 -12.80 1.04
C TYR A 53 -0.90 -12.33 1.64
N CYS A 54 -0.95 -11.30 2.49
CA CYS A 54 0.20 -10.61 3.09
C CYS A 54 0.61 -11.12 4.48
N GLY A 55 0.06 -12.25 4.96
CA GLY A 55 0.37 -12.79 6.29
C GLY A 55 1.88 -12.99 6.52
N GLY A 56 2.42 -12.30 7.53
CA GLY A 56 3.85 -12.31 7.88
C GLY A 56 4.74 -11.32 7.12
N ASP A 57 4.21 -10.54 6.17
CA ASP A 57 4.94 -9.47 5.48
C ASP A 57 4.94 -8.14 6.26
N LEU A 58 5.85 -7.21 5.92
CA LEU A 58 5.80 -5.83 6.44
C LEU A 58 4.48 -5.17 6.04
N LEU A 59 4.06 -5.32 4.77
CA LEU A 59 2.74 -4.89 4.32
C LEU A 59 1.60 -5.50 5.17
N GLY A 60 1.71 -6.76 5.58
CA GLY A 60 0.74 -7.41 6.47
C GLY A 60 0.71 -6.80 7.87
N GLU A 61 1.87 -6.47 8.44
CA GLU A 61 1.98 -5.80 9.75
C GLU A 61 1.41 -4.37 9.71
N LEU A 62 1.63 -3.65 8.59
CA LEU A 62 1.04 -2.35 8.29
C LEU A 62 -0.50 -2.40 8.25
N LEU A 63 -1.04 -3.38 7.51
CA LEU A 63 -2.48 -3.60 7.39
C LEU A 63 -3.13 -4.10 8.69
N GLY A 64 -2.37 -4.82 9.52
CA GLY A 64 -2.91 -5.55 10.68
C GLY A 64 -3.84 -6.70 10.23
N ARG A 65 -3.61 -7.19 9.01
CA ARG A 65 -4.47 -8.12 8.25
C ARG A 65 -3.62 -8.99 7.32
N GLN A 66 -3.95 -10.28 7.21
CA GLN A 66 -3.27 -11.20 6.28
C GLN A 66 -3.84 -11.21 4.87
N SER A 67 -5.05 -10.68 4.64
CA SER A 67 -5.68 -10.70 3.32
C SER A 67 -6.64 -9.54 3.03
N PHE A 68 -6.80 -9.24 1.73
CA PHE A 68 -7.71 -8.26 1.14
C PHE A 68 -7.80 -8.50 -0.39
N SER A 69 -8.65 -7.75 -1.10
CA SER A 69 -8.76 -7.79 -2.57
C SER A 69 -8.76 -6.39 -3.19
N VAL A 70 -8.29 -6.25 -4.42
CA VAL A 70 -8.43 -5.01 -5.21
C VAL A 70 -9.91 -4.64 -5.44
N LYS A 71 -10.81 -5.65 -5.35
CA LYS A 71 -12.27 -5.53 -5.50
C LYS A 71 -12.99 -5.27 -4.15
N ASP A 72 -12.26 -5.36 -3.03
CA ASP A 72 -12.73 -5.05 -1.67
C ASP A 72 -11.58 -4.42 -0.83
N PRO A 73 -11.14 -3.20 -1.19
CA PRO A 73 -9.93 -2.58 -0.64
C PRO A 73 -10.11 -1.82 0.67
N SER A 74 -11.31 -1.80 1.26
CA SER A 74 -11.64 -1.05 2.49
C SER A 74 -10.57 -1.06 3.61
N PRO A 75 -9.93 -2.18 4.01
CA PRO A 75 -8.90 -2.17 5.06
C PRO A 75 -7.57 -1.50 4.62
N LEU A 76 -7.29 -1.42 3.31
CA LEU A 76 -6.17 -0.65 2.76
C LEU A 76 -6.40 0.85 3.01
N TYR A 77 -7.57 1.34 2.62
CA TYR A 77 -7.96 2.72 2.84
C TYR A 77 -8.03 3.05 4.34
N ASP A 78 -8.46 2.10 5.18
CA ASP A 78 -8.39 2.24 6.63
C ASP A 78 -6.95 2.42 7.14
N MET A 79 -6.00 1.61 6.65
CA MET A 79 -4.58 1.77 7.02
C MET A 79 -3.94 3.07 6.48
N LEU A 80 -4.38 3.60 5.34
CA LEU A 80 -3.90 4.86 4.80
C LEU A 80 -4.47 6.01 5.64
N ARG A 81 -5.76 6.01 5.99
CA ARG A 81 -6.44 7.18 6.57
C ARG A 81 -5.92 7.67 7.92
N LYS A 82 -5.43 6.74 8.74
CA LYS A 82 -4.70 7.02 10.00
C LYS A 82 -3.17 7.06 9.87
N ASN A 83 -2.58 6.62 8.75
CA ASN A 83 -1.13 6.74 8.52
C ASN A 83 -0.77 8.06 7.84
N LEU A 84 -1.51 8.41 6.78
CA LEU A 84 -1.41 9.71 6.10
C LEU A 84 -2.73 10.47 6.01
N VAL A 85 -2.64 11.81 6.12
CA VAL A 85 -3.76 12.75 5.94
C VAL A 85 -3.36 13.76 4.87
N THR A 86 -4.04 13.72 3.73
CA THR A 86 -3.74 14.55 2.54
C THR A 86 -4.51 15.88 2.52
N LEU A 87 -4.41 16.65 1.42
CA LEU A 87 -4.95 18.01 1.27
C LEU A 87 -6.49 18.09 1.30
N ALA A 88 -7.18 16.99 0.96
CA ALA A 88 -8.65 16.91 0.98
C ALA A 88 -9.23 16.99 2.42
N THR A 89 -10.31 17.75 2.59
CA THR A 89 -10.93 18.05 3.90
C THR A 89 -12.45 18.20 3.82
N 48M B . -5.32 -2.88 -9.72
CG1 48M B . -3.25 -2.25 -7.16
CG2 48M B . -5.65 -0.82 -8.32
CG3 48M B . -4.79 -5.21 -10.04
CD1 48M B . -3.42 -3.51 -6.55
CD2 48M B . -3.03 -1.14 -6.35
CD3 48M B . -6.06 0.45 -8.70
CD4 48M B . -6.17 -1.38 -7.14
CD5 48M B . -6.04 -5.45 -10.62
CD6 48M B . -3.97 -6.32 -9.75
CE1 48M B . -3.39 -3.63 -5.17
CE2 48M B . -3.02 -1.26 -4.96
CE3 48M B . -6.96 1.18 -7.93
CE4 48M B . -7.06 -0.65 -6.36
CE5 48M B . -6.45 -6.73 -10.98
CE6 48M B . -4.38 -7.61 -10.11
CZ1 48M B . -3.20 -2.51 -4.38
CZ2 48M B . -7.46 0.63 -6.75
CZ3 48M B . -5.61 -7.81 -10.75
CL2 48M B . -3.18 -2.65 -2.66
CL1 48M B . -7.64 -1.31 -4.87
CM1 48M B . -6.02 -9.12 -11.19
CM2 48M B . -2.99 -7.44 -6.97
CM3 48M B . -0.78 -6.58 -7.83
NM1 48M B . -6.36 -10.15 -11.54
C1 48M B . -0.04 -5.01 -12.95
N1 48M B . -0.85 -4.49 -13.89
O1 48M B . 0.98 -5.56 -13.32
C2 48M B . -2.11 -3.80 -13.59
N2 48M B . -1.71 -4.20 -11.13
C3 48M B . -2.71 -4.22 -12.23
N3 48M B . -3.11 -3.32 -9.45
C4 48M B . -0.42 -4.87 -11.47
C5 48M B . -1.88 -3.59 -9.92
O5 48M B . -0.90 -3.26 -9.28
C6 48M B . -4.42 -3.78 -9.79
O6 48M B . -2.80 -6.15 -9.05
C7 48M B . -4.72 -1.61 -9.23
C8 48M B . -3.33 -2.08 -8.69
C9 48M B . -2.14 -7.15 -8.23
HD1 48M B . -3.58 -4.40 -7.17
HD2 48M B . -2.89 -0.15 -6.79
HD3 48M B . -5.69 0.87 -9.63
HD4 48M B . -5.89 -2.38 -6.83
HD5 48M B . -6.72 -4.62 -10.85
HE1 48M B . -3.52 -4.61 -4.70
HE2 48M B . -2.87 -0.39 -4.34
HE3 48M B . -7.27 2.18 -8.24
HE5 48M B . -7.41 -6.88 -11.47
HE6 48M B . -3.75 -8.47 -9.92
HZ2 48M B . -8.17 1.20 -6.15
HM21 48M B . -4.00 -7.76 -7.25
HM22 48M B . -2.53 -8.23 -6.38
HM23 48M B . -3.08 -6.55 -6.35
HM31 48M B . -0.19 -7.32 -7.28
HM32 48M B . -0.22 -6.31 -8.72
HM33 48M B . -0.89 -5.69 -7.22
HN1 48M B . -0.56 -4.59 -14.84
H21 48M B . -1.92 -2.73 -13.57
H22 48M B . -2.83 -4.01 -14.38
H31 48M B . -3.53 -3.52 -12.04
H32 48M B . -3.12 -5.23 -12.32
H41 48M B . -0.44 -5.88 -11.07
H42 48M B . 0.41 -4.32 -11.02
H7 48M B . -4.51 -1.02 -10.12
H8 48M B . -2.59 -1.33 -8.99
H9 48M B . -1.99 -8.06 -8.81
N GLN A 1 8.26 19.53 -8.84
CA GLN A 1 7.87 19.41 -7.44
C GLN A 1 6.42 18.90 -7.27
N ILE A 2 6.17 18.07 -6.24
CA ILE A 2 4.88 17.37 -6.06
C ILE A 2 3.85 18.16 -5.26
N ASN A 3 4.28 18.87 -4.21
CA ASN A 3 3.42 19.67 -3.31
C ASN A 3 2.37 18.82 -2.54
N GLN A 4 2.83 17.67 -2.00
CA GLN A 4 2.02 16.69 -1.26
C GLN A 4 2.79 16.15 -0.02
N VAL A 5 2.19 15.24 0.74
CA VAL A 5 2.62 14.80 2.08
C VAL A 5 3.29 13.42 2.14
N ARG A 6 4.14 13.22 3.16
CA ARG A 6 4.81 11.95 3.47
C ARG A 6 3.97 11.02 4.38
N PRO A 7 3.97 9.69 4.13
CA PRO A 7 3.42 8.72 5.08
C PRO A 7 4.44 8.44 6.20
N LYS A 8 4.02 7.73 7.26
CA LYS A 8 4.90 7.37 8.40
C LYS A 8 5.92 6.30 7.95
N LEU A 9 7.01 6.15 8.70
CA LEU A 9 8.17 5.33 8.34
C LEU A 9 7.86 3.84 7.98
N PRO A 10 6.99 3.11 8.71
CA PRO A 10 6.64 1.72 8.32
C PRO A 10 5.88 1.60 7.01
N LEU A 11 5.13 2.64 6.69
CA LEU A 11 4.37 2.74 5.46
C LEU A 11 5.27 3.13 4.30
N LEU A 12 6.11 4.17 4.47
CA LEU A 12 7.12 4.58 3.50
C LEU A 12 8.07 3.42 3.13
N LYS A 13 8.36 2.51 4.08
CA LYS A 13 9.11 1.26 3.82
C LYS A 13 8.45 0.36 2.78
N ILE A 14 7.12 0.23 2.73
CA ILE A 14 6.40 -0.53 1.69
C ILE A 14 6.66 0.10 0.31
N LEU A 15 6.49 1.43 0.22
CA LEU A 15 6.60 2.22 -1.00
C LEU A 15 8.03 2.16 -1.55
N HIS A 16 9.02 2.29 -0.68
CA HIS A 16 10.44 2.18 -1.02
C HIS A 16 10.85 0.75 -1.36
N ALA A 17 10.35 -0.26 -0.62
CA ALA A 17 10.55 -1.68 -0.92
C ALA A 17 10.01 -2.04 -2.32
N ALA A 18 9.00 -1.31 -2.79
CA ALA A 18 8.50 -1.42 -4.15
C ALA A 18 9.29 -0.61 -5.19
N GLY A 19 9.97 0.47 -4.79
CA GLY A 19 10.65 1.42 -5.68
C GLY A 19 9.80 2.66 -6.04
N ALA A 20 9.31 3.39 -5.02
CA ALA A 20 8.57 4.64 -5.20
C ALA A 20 9.42 5.79 -5.77
N GLN A 21 8.75 6.82 -6.32
CA GLN A 21 9.36 7.94 -7.05
C GLN A 21 9.60 9.18 -6.16
N GLY A 22 9.79 8.97 -4.86
CA GLY A 22 9.95 10.03 -3.86
C GLY A 22 9.61 9.59 -2.43
N GLU A 23 9.24 10.58 -1.62
CA GLU A 23 8.80 10.42 -0.21
C GLU A 23 7.62 11.34 0.18
N MET A 24 7.03 12.04 -0.80
CA MET A 24 5.90 12.98 -0.70
C MET A 24 4.94 12.70 -1.86
N PHE A 25 3.69 12.31 -1.59
CA PHE A 25 2.72 11.89 -2.61
C PHE A 25 1.24 12.02 -2.16
N THR A 26 0.32 11.97 -3.12
CA THR A 26 -1.14 11.87 -2.89
C THR A 26 -1.57 10.44 -2.55
N VAL A 27 -2.80 10.25 -2.04
CA VAL A 27 -3.46 8.95 -1.76
C VAL A 27 -3.35 8.02 -2.97
N LYS A 28 -3.56 8.57 -4.16
CA LYS A 28 -3.60 7.83 -5.43
C LYS A 28 -2.22 7.36 -5.88
N GLU A 29 -1.20 8.17 -5.60
CA GLU A 29 0.22 7.80 -5.77
C GLU A 29 0.66 6.76 -4.70
N VAL A 30 0.43 7.01 -3.40
CA VAL A 30 0.89 6.10 -2.33
C VAL A 30 0.32 4.69 -2.49
N MET A 31 -0.99 4.60 -2.72
CA MET A 31 -1.67 3.31 -2.86
C MET A 31 -1.24 2.52 -4.10
N HIS A 32 -0.78 3.18 -5.18
CA HIS A 32 -0.30 2.51 -6.40
C HIS A 32 0.95 1.67 -6.14
N TYR A 33 1.84 2.15 -5.26
CA TYR A 33 3.07 1.41 -4.92
C TYR A 33 2.80 0.08 -4.21
N LEU A 34 1.69 -0.09 -3.49
CA LEU A 34 1.27 -1.40 -2.97
C LEU A 34 0.99 -2.40 -4.11
N GLY A 35 0.37 -1.95 -5.20
CA GLY A 35 0.09 -2.81 -6.34
C GLY A 35 1.38 -3.33 -7.01
N GLN A 36 2.33 -2.44 -7.27
CA GLN A 36 3.64 -2.86 -7.79
C GLN A 36 4.45 -3.66 -6.75
N TYR A 37 4.31 -3.38 -5.45
CA TYR A 37 4.92 -4.14 -4.37
C TYR A 37 4.43 -5.59 -4.43
N ILE A 38 3.12 -5.82 -4.46
CA ILE A 38 2.52 -7.15 -4.53
C ILE A 38 2.97 -7.87 -5.80
N MET A 39 3.02 -7.15 -6.93
CA MET A 39 3.48 -7.70 -8.21
C MET A 39 4.94 -8.20 -8.13
N VAL A 40 5.88 -7.38 -7.61
CA VAL A 40 7.30 -7.76 -7.46
C VAL A 40 7.53 -8.80 -6.36
N LYS A 41 6.78 -8.71 -5.25
CA LYS A 41 6.78 -9.67 -4.13
C LYS A 41 5.97 -10.95 -4.39
N GLN A 42 5.16 -11.00 -5.46
CA GLN A 42 4.16 -12.00 -5.84
C GLN A 42 3.34 -12.51 -4.65
N LEU A 43 2.63 -11.56 -4.01
CA LEU A 43 1.81 -11.83 -2.83
C LEU A 43 0.35 -12.02 -3.26
N TYR A 44 0.09 -12.65 -4.41
CA TYR A 44 -1.25 -12.87 -4.95
C TYR A 44 -1.51 -14.34 -5.36
N ASP A 45 -2.78 -14.70 -5.57
CA ASP A 45 -3.18 -16.07 -5.92
C ASP A 45 -2.94 -16.41 -7.41
N GLN A 46 -2.49 -17.65 -7.67
CA GLN A 46 -2.39 -18.26 -8.99
C GLN A 46 -3.76 -18.45 -9.65
N GLN A 47 -4.80 -18.74 -8.85
CA GLN A 47 -6.17 -18.94 -9.32
C GLN A 47 -6.91 -17.62 -9.60
N GLU A 48 -6.53 -16.55 -8.88
CA GLU A 48 -7.18 -15.24 -8.89
C GLU A 48 -6.15 -14.10 -8.69
N GLN A 49 -5.63 -13.55 -9.79
CA GLN A 49 -4.54 -12.56 -9.76
C GLN A 49 -4.90 -11.26 -9.01
N HIS A 50 -6.17 -10.88 -9.02
CA HIS A 50 -6.76 -9.76 -8.28
C HIS A 50 -6.97 -10.05 -6.77
N MET A 51 -6.81 -11.29 -6.30
CA MET A 51 -6.88 -11.68 -4.89
C MET A 51 -5.48 -11.75 -4.29
N VAL A 52 -5.28 -11.06 -3.16
CA VAL A 52 -3.96 -10.83 -2.54
C VAL A 52 -3.84 -11.60 -1.21
N TYR A 53 -2.65 -12.13 -0.94
CA TYR A 53 -2.23 -12.91 0.22
C TYR A 53 -0.88 -12.39 0.76
N CYS A 54 -0.92 -11.30 1.55
CA CYS A 54 0.22 -10.56 2.10
C CYS A 54 0.79 -11.10 3.43
N GLY A 55 0.24 -12.17 4.02
CA GLY A 55 0.57 -12.62 5.39
C GLY A 55 2.05 -12.92 5.67
N GLY A 56 2.86 -13.18 4.64
CA GLY A 56 4.30 -13.41 4.73
C GLY A 56 5.19 -12.15 4.74
N ASP A 57 4.63 -10.93 4.65
CA ASP A 57 5.42 -9.69 4.43
C ASP A 57 5.06 -8.50 5.34
N LEU A 58 5.90 -7.47 5.29
CA LEU A 58 5.71 -6.20 6.01
C LEU A 58 4.37 -5.56 5.66
N LEU A 59 4.00 -5.52 4.37
CA LEU A 59 2.70 -5.01 3.97
C LEU A 59 1.53 -5.74 4.67
N GLY A 60 1.59 -7.07 4.81
CA GLY A 60 0.57 -7.83 5.55
C GLY A 60 0.55 -7.52 7.05
N GLU A 61 1.72 -7.45 7.68
CA GLU A 61 1.82 -7.09 9.10
C GLU A 61 1.30 -5.66 9.37
N LEU A 62 1.54 -4.74 8.42
CA LEU A 62 1.06 -3.36 8.43
C LEU A 62 -0.46 -3.23 8.21
N LEU A 63 -1.02 -4.00 7.27
CA LEU A 63 -2.47 -4.12 7.05
C LEU A 63 -3.16 -4.69 8.31
N GLY A 64 -2.51 -5.62 9.02
CA GLY A 64 -3.08 -6.34 10.17
C GLY A 64 -3.96 -7.54 9.76
N ARG A 65 -4.03 -7.82 8.45
CA ARG A 65 -4.68 -8.98 7.83
C ARG A 65 -3.85 -9.47 6.64
N GLN A 66 -3.81 -10.79 6.49
CA GLN A 66 -3.09 -11.49 5.42
C GLN A 66 -3.78 -11.39 4.07
N SER A 67 -5.07 -11.05 4.01
CA SER A 67 -5.83 -11.07 2.74
C SER A 67 -6.87 -9.98 2.55
N PHE A 68 -7.03 -9.59 1.29
CA PHE A 68 -7.97 -8.61 0.73
C PHE A 68 -7.99 -8.80 -0.81
N SER A 69 -8.88 -8.11 -1.52
CA SER A 69 -8.99 -8.18 -2.98
C SER A 69 -8.90 -6.79 -3.62
N VAL A 70 -8.44 -6.73 -4.87
CA VAL A 70 -8.50 -5.56 -5.75
C VAL A 70 -9.96 -5.05 -5.86
N LYS A 71 -10.94 -5.96 -5.76
CA LYS A 71 -12.39 -5.67 -5.82
C LYS A 71 -13.00 -5.29 -4.45
N ASP A 72 -12.20 -5.32 -3.39
CA ASP A 72 -12.57 -4.99 -2.00
C ASP A 72 -11.42 -4.22 -1.30
N PRO A 73 -11.17 -2.95 -1.72
CA PRO A 73 -9.98 -2.17 -1.34
C PRO A 73 -9.96 -1.66 0.12
N SER A 74 -11.08 -1.74 0.83
CA SER A 74 -11.32 -1.11 2.14
C SER A 74 -10.17 -1.17 3.17
N PRO A 75 -9.51 -2.33 3.45
CA PRO A 75 -8.49 -2.37 4.50
C PRO A 75 -7.24 -1.51 4.23
N LEU A 76 -6.90 -1.25 2.95
CA LEU A 76 -5.76 -0.39 2.60
C LEU A 76 -6.09 1.08 2.90
N TYR A 77 -7.27 1.55 2.48
CA TYR A 77 -7.71 2.92 2.76
C TYR A 77 -7.90 3.14 4.27
N ASP A 78 -8.39 2.14 5.00
CA ASP A 78 -8.50 2.18 6.46
C ASP A 78 -7.15 2.32 7.18
N MET A 79 -6.10 1.71 6.63
CA MET A 79 -4.72 1.91 7.13
C MET A 79 -4.05 3.21 6.66
N LEU A 80 -4.37 3.78 5.48
CA LEU A 80 -3.83 5.06 5.04
C LEU A 80 -4.49 6.20 5.82
N ARG A 81 -5.79 6.13 6.11
CA ARG A 81 -6.56 7.26 6.64
C ARG A 81 -6.07 7.81 7.99
N LYS A 82 -5.51 6.92 8.82
CA LYS A 82 -4.77 7.21 10.06
C LYS A 82 -3.24 7.20 9.94
N ASN A 83 -2.65 6.70 8.85
CA ASN A 83 -1.19 6.76 8.64
C ASN A 83 -0.77 8.10 8.04
N LEU A 84 -1.50 8.54 7.00
CA LEU A 84 -1.26 9.84 6.37
C LEU A 84 -2.51 10.72 6.21
N VAL A 85 -2.30 12.03 6.31
CA VAL A 85 -3.30 13.07 5.97
C VAL A 85 -3.11 13.44 4.50
N THR A 86 -4.18 13.35 3.70
CA THR A 86 -4.14 13.45 2.23
C THR A 86 -5.47 13.96 1.66
N LEU A 87 -5.62 13.95 0.32
CA LEU A 87 -6.74 14.57 -0.42
C LEU A 87 -8.09 13.84 -0.27
N ALA A 88 -8.09 12.59 0.20
CA ALA A 88 -9.30 11.79 0.41
C ALA A 88 -10.18 12.35 1.55
N THR A 89 -11.51 12.30 1.38
CA THR A 89 -12.50 12.86 2.31
C THR A 89 -13.80 12.04 2.39
N 48M B . -5.51 -2.86 -9.53
CG1 48M B . -3.27 -2.35 -7.00
CG2 48M B . -5.96 -1.21 -7.71
CG3 48M B . -4.82 -5.05 -10.25
CD1 48M B . -3.32 -3.66 -6.50
CD2 48M B . -3.04 -1.29 -6.10
CD3 48M B . -6.62 0.02 -7.82
CD4 48M B . -6.22 -2.01 -6.59
CD5 48M B . -6.04 -5.27 -10.90
CD6 48M B . -3.94 -6.14 -10.09
CE1 48M B . -3.23 -3.89 -5.13
CE2 48M B . -2.95 -1.54 -4.74
CE3 48M B . -7.50 0.45 -6.83
CE4 48M B . -7.05 -1.55 -5.57
CE5 48M B . -6.34 -6.51 -11.46
CE6 48M B . -4.25 -7.38 -10.66
CZ1 48M B . -3.06 -2.83 -4.25
CZ2 48M B . -7.70 -0.33 -5.69
CZ3 48M B . -5.44 -7.56 -11.36
CL2 48M B . -3.00 -3.09 -2.54
CL1 48M B . -7.20 -2.49 -4.13
CM1 48M B . -5.76 -8.82 -11.98
CM2 48M B . -3.01 -7.59 -7.47
CM3 48M B . -0.82 -6.48 -8.06
NM1 48M B . -6.03 -9.81 -12.49
C1 48M B . -0.30 -4.62 -13.08
N1 48M B . -1.11 -4.03 -13.99
O1 48M B . 0.61 -5.32 -13.50
C2 48M B . -2.26 -3.21 -13.62
N2 48M B . -1.87 -3.77 -11.19
C3 48M B . -2.88 -3.64 -12.27
N3 48M B . -3.27 -3.16 -9.39
C4 48M B . -0.57 -4.39 -11.61
C5 48M B . -2.03 -3.33 -9.91
O5 48M B . -1.05 -3.04 -9.26
C6 48M B . -4.55 -3.65 -9.78
O6 48M B . -2.80 -6.00 -9.33
C7 48M B . -5.01 -1.66 -8.83
C8 48M B . -3.53 -2.04 -8.48
C9 48M B . -2.12 -7.07 -8.62
HD1 48M B . -3.49 -4.49 -7.17
HD2 48M B . -2.97 -0.27 -6.46
HD3 48M B . -6.47 0.63 -8.70
HD4 48M B . -5.76 -2.98 -6.50
HD5 48M B . -6.75 -4.47 -11.04
HE1 48M B . -3.32 -4.90 -4.75
HE2 48M B . -2.81 -0.71 -4.05
HE3 48M B . -8.01 1.41 -6.93
HE5 48M B . -7.29 -6.64 -11.99
HE6 48M B . -3.57 -8.22 -10.57
HZ2 48M B . -8.36 0.03 -4.90
HM21 48M B . -3.22 -6.80 -6.75
HM22 48M B . -3.96 -7.96 -7.86
HM23 48M B . -2.51 -8.41 -6.95
HM31 48M B . -0.21 -7.26 -7.60
HM32 48M B . -0.23 -6.04 -8.87
HM33 48M B . -1.02 -5.70 -7.32
HN1 48M B . -0.91 -4.20 -14.96
H21 48M B . -1.93 -2.17 -13.54
H22 48M B . -3.02 -3.26 -14.41
H31 48M B . -3.63 -2.89 -12.02
H32 48M B . -3.37 -4.61 -12.42
H41 48M B . -0.47 -5.36 -11.13
H42 48M B . 0.25 -3.75 -11.27
H7 48M B . -4.96 -0.85 -9.57
H8 48M B . -2.90 -1.20 -8.77
H9 48M B . -1.87 -7.88 -9.32
N GLN A 1 10.32 18.13 -7.56
CA GLN A 1 9.77 17.79 -6.25
C GLN A 1 8.23 17.87 -6.19
N ILE A 2 7.65 17.14 -5.23
CA ILE A 2 6.20 17.01 -5.01
C ILE A 2 5.75 17.90 -3.83
N ASN A 3 4.49 18.35 -3.87
CA ASN A 3 3.88 19.25 -2.88
C ASN A 3 2.72 18.57 -2.10
N GLN A 4 2.97 17.32 -1.69
CA GLN A 4 2.04 16.37 -1.07
C GLN A 4 2.63 15.75 0.22
N VAL A 5 1.97 14.75 0.81
CA VAL A 5 2.28 14.30 2.19
C VAL A 5 3.10 13.02 2.33
N ARG A 6 3.91 13.00 3.40
CA ARG A 6 4.84 11.93 3.78
C ARG A 6 4.13 10.86 4.65
N PRO A 7 4.13 9.58 4.24
CA PRO A 7 3.65 8.48 5.07
C PRO A 7 4.50 8.25 6.33
N LYS A 8 3.96 7.51 7.30
CA LYS A 8 4.72 7.03 8.47
C LYS A 8 5.76 5.99 8.03
N LEU A 9 6.75 5.73 8.89
CA LEU A 9 7.94 4.91 8.60
C LEU A 9 7.63 3.53 8.01
N PRO A 10 6.75 2.67 8.58
CA PRO A 10 6.43 1.37 7.98
C PRO A 10 5.77 1.47 6.62
N LEU A 11 4.95 2.49 6.41
CA LEU A 11 4.26 2.69 5.14
C LEU A 11 5.23 3.18 4.07
N LEU A 12 6.09 4.15 4.41
CA LEU A 12 7.16 4.59 3.51
C LEU A 12 8.14 3.44 3.20
N LYS A 13 8.42 2.53 4.14
CA LYS A 13 9.24 1.33 3.92
C LYS A 13 8.67 0.38 2.86
N ILE A 14 7.38 0.06 2.92
CA ILE A 14 6.64 -0.73 1.91
C ILE A 14 6.79 -0.07 0.52
N LEU A 15 6.58 1.26 0.42
CA LEU A 15 6.64 2.04 -0.81
C LEU A 15 8.06 2.12 -1.39
N HIS A 16 9.07 2.32 -0.53
CA HIS A 16 10.48 2.32 -0.91
C HIS A 16 10.96 0.94 -1.33
N ALA A 17 10.54 -0.12 -0.64
CA ALA A 17 10.81 -1.50 -1.02
C ALA A 17 10.17 -1.87 -2.38
N ALA A 18 9.17 -1.10 -2.82
CA ALA A 18 8.61 -1.19 -4.16
C ALA A 18 9.38 -0.32 -5.19
N GLY A 19 10.05 0.75 -4.77
CA GLY A 19 10.74 1.72 -5.63
C GLY A 19 9.96 3.01 -5.88
N ALA A 20 9.40 3.64 -4.84
CA ALA A 20 8.68 4.92 -4.96
C ALA A 20 9.57 6.09 -5.45
N GLN A 21 8.94 7.09 -6.09
CA GLN A 21 9.61 8.21 -6.76
C GLN A 21 9.79 9.45 -5.86
N GLY A 22 9.96 9.23 -4.54
CA GLY A 22 10.07 10.31 -3.54
C GLY A 22 9.78 9.85 -2.11
N GLU A 23 9.34 10.81 -1.29
CA GLU A 23 8.91 10.62 0.11
C GLU A 23 7.60 11.36 0.46
N MET A 24 6.98 12.02 -0.51
CA MET A 24 5.78 12.88 -0.40
C MET A 24 4.87 12.59 -1.58
N PHE A 25 3.67 12.05 -1.36
CA PHE A 25 2.76 11.66 -2.46
C PHE A 25 1.28 11.74 -2.06
N THR A 26 0.41 11.67 -3.08
CA THR A 26 -1.06 11.59 -2.97
C THR A 26 -1.55 10.18 -2.71
N VAL A 27 -2.82 10.03 -2.31
CA VAL A 27 -3.52 8.74 -2.04
C VAL A 27 -3.36 7.78 -3.21
N LYS A 28 -3.49 8.34 -4.41
CA LYS A 28 -3.45 7.63 -5.67
C LYS A 28 -2.05 7.13 -6.05
N GLU A 29 -1.01 7.85 -5.65
CA GLU A 29 0.39 7.42 -5.78
C GLU A 29 0.79 6.44 -4.67
N VAL A 30 0.51 6.74 -3.39
CA VAL A 30 0.86 5.84 -2.26
C VAL A 30 0.26 4.45 -2.43
N MET A 31 -1.03 4.40 -2.79
CA MET A 31 -1.71 3.13 -3.03
C MET A 31 -1.27 2.44 -4.34
N HIS A 32 -0.77 3.16 -5.35
CA HIS A 32 -0.21 2.55 -6.58
C HIS A 32 1.05 1.74 -6.26
N TYR A 33 1.91 2.27 -5.38
CA TYR A 33 3.09 1.54 -4.92
C TYR A 33 2.73 0.24 -4.19
N LEU A 34 1.55 0.12 -3.56
CA LEU A 34 1.10 -1.17 -3.00
C LEU A 34 0.86 -2.20 -4.10
N GLY A 35 0.19 -1.81 -5.19
CA GLY A 35 -0.05 -2.69 -6.33
C GLY A 35 1.26 -3.18 -6.96
N GLN A 36 2.21 -2.28 -7.21
CA GLN A 36 3.52 -2.67 -7.74
C GLN A 36 4.33 -3.48 -6.72
N TYR A 37 4.23 -3.17 -5.42
CA TYR A 37 4.90 -3.93 -4.36
C TYR A 37 4.40 -5.37 -4.33
N ILE A 38 3.08 -5.60 -4.32
CA ILE A 38 2.49 -6.94 -4.33
C ILE A 38 2.90 -7.68 -5.61
N MET A 39 2.90 -6.98 -6.75
CA MET A 39 3.28 -7.56 -8.05
C MET A 39 4.75 -8.02 -8.08
N VAL A 40 5.68 -7.25 -7.51
CA VAL A 40 7.10 -7.63 -7.40
C VAL A 40 7.33 -8.68 -6.30
N LYS A 41 6.68 -8.53 -5.15
CA LYS A 41 6.72 -9.48 -4.02
C LYS A 41 5.88 -10.75 -4.19
N GLN A 42 5.06 -10.85 -5.25
CA GLN A 42 4.02 -11.85 -5.53
C GLN A 42 3.27 -12.28 -4.27
N LEU A 43 2.66 -11.30 -3.59
CA LEU A 43 1.87 -11.52 -2.40
C LEU A 43 0.41 -11.75 -2.81
N TYR A 44 0.16 -12.55 -3.85
CA TYR A 44 -1.18 -12.87 -4.33
C TYR A 44 -1.43 -14.39 -4.48
N ASP A 45 -2.70 -14.79 -4.61
CA ASP A 45 -3.11 -16.18 -4.80
C ASP A 45 -2.85 -16.72 -6.22
N GLN A 46 -2.55 -18.02 -6.31
CA GLN A 46 -2.25 -18.72 -7.56
C GLN A 46 -3.46 -18.89 -8.50
N GLN A 47 -4.65 -19.19 -7.97
CA GLN A 47 -5.90 -19.23 -8.74
C GLN A 47 -6.50 -17.82 -8.91
N GLU A 48 -6.28 -16.93 -7.94
CA GLU A 48 -6.94 -15.61 -7.87
C GLU A 48 -5.95 -14.45 -7.70
N GLN A 49 -5.38 -13.96 -8.81
CA GLN A 49 -4.35 -12.91 -8.81
C GLN A 49 -4.79 -11.57 -8.17
N HIS A 50 -6.09 -11.27 -8.17
CA HIS A 50 -6.70 -10.11 -7.50
C HIS A 50 -6.83 -10.27 -5.97
N MET A 51 -6.81 -11.51 -5.46
CA MET A 51 -6.75 -11.81 -4.02
C MET A 51 -5.30 -11.74 -3.55
N VAL A 52 -5.06 -10.87 -2.56
CA VAL A 52 -3.74 -10.53 -2.03
C VAL A 52 -3.56 -11.26 -0.69
N TYR A 53 -2.44 -11.96 -0.52
CA TYR A 53 -2.01 -12.68 0.68
C TYR A 53 -0.66 -12.14 1.19
N CYS A 54 -0.72 -11.19 2.13
CA CYS A 54 0.42 -10.51 2.78
C CYS A 54 0.85 -11.12 4.13
N GLY A 55 0.39 -12.32 4.48
CA GLY A 55 0.72 -12.96 5.77
C GLY A 55 2.24 -13.08 6.00
N GLY A 56 2.72 -12.48 7.09
CA GLY A 56 4.14 -12.42 7.46
C GLY A 56 4.97 -11.29 6.80
N ASP A 57 4.38 -10.46 5.94
CA ASP A 57 5.04 -9.31 5.30
C ASP A 57 4.85 -8.00 6.10
N LEU A 58 5.70 -7.00 5.86
CA LEU A 58 5.53 -5.63 6.41
C LEU A 58 4.17 -5.05 6.01
N LEU A 59 3.79 -5.18 4.73
CA LEU A 59 2.47 -4.77 4.26
C LEU A 59 1.33 -5.44 5.04
N GLY A 60 1.45 -6.74 5.37
CA GLY A 60 0.47 -7.46 6.19
C GLY A 60 0.45 -6.99 7.64
N GLU A 61 1.62 -6.72 8.23
CA GLU A 61 1.74 -6.20 9.60
C GLU A 61 1.10 -4.82 9.75
N LEU A 62 1.24 -3.97 8.73
CA LEU A 62 0.63 -2.64 8.69
C LEU A 62 -0.89 -2.67 8.40
N LEU A 63 -1.34 -3.59 7.54
CA LEU A 63 -2.76 -3.88 7.33
C LEU A 63 -3.41 -4.46 8.60
N GLY A 64 -2.65 -5.18 9.43
CA GLY A 64 -3.13 -5.89 10.63
C GLY A 64 -3.87 -7.20 10.29
N ARG A 65 -3.70 -7.68 9.04
CA ARG A 65 -4.40 -8.80 8.41
C ARG A 65 -3.56 -9.35 7.26
N GLN A 66 -3.69 -10.66 7.04
CA GLN A 66 -2.98 -11.40 6.00
C GLN A 66 -3.60 -11.25 4.61
N SER A 67 -4.85 -10.77 4.50
CA SER A 67 -5.53 -10.77 3.19
C SER A 67 -6.64 -9.74 2.95
N PHE A 68 -6.78 -9.35 1.69
CA PHE A 68 -7.77 -8.44 1.09
C PHE A 68 -7.79 -8.68 -0.44
N SER A 69 -8.65 -7.98 -1.20
CA SER A 69 -8.73 -8.10 -2.67
C SER A 69 -8.82 -6.73 -3.34
N VAL A 70 -8.39 -6.61 -4.60
CA VAL A 70 -8.65 -5.40 -5.40
C VAL A 70 -10.16 -5.12 -5.59
N LYS A 71 -10.99 -6.17 -5.41
CA LYS A 71 -12.46 -6.15 -5.47
C LYS A 71 -13.12 -5.86 -4.11
N ASP A 72 -12.35 -5.90 -3.02
CA ASP A 72 -12.73 -5.55 -1.65
C ASP A 72 -11.52 -4.92 -0.90
N PRO A 73 -11.08 -3.71 -1.31
CA PRO A 73 -9.82 -3.10 -0.87
C PRO A 73 -9.89 -2.24 0.39
N SER A 74 -11.07 -2.11 1.01
CA SER A 74 -11.36 -1.23 2.15
C SER A 74 -10.26 -1.11 3.23
N PRO A 75 -9.61 -2.19 3.72
CA PRO A 75 -8.60 -2.06 4.77
C PRO A 75 -7.32 -1.31 4.34
N LEU A 76 -6.99 -1.23 3.05
CA LEU A 76 -5.85 -0.42 2.58
C LEU A 76 -6.15 1.09 2.79
N TYR A 77 -7.34 1.52 2.35
CA TYR A 77 -7.77 2.90 2.52
C TYR A 77 -7.88 3.23 4.00
N ASP A 78 -8.46 2.34 4.80
CA ASP A 78 -8.55 2.50 6.26
C ASP A 78 -7.18 2.60 6.96
N MET A 79 -6.19 1.83 6.50
CA MET A 79 -4.81 1.94 6.99
C MET A 79 -4.11 3.21 6.52
N LEU A 80 -4.45 3.78 5.35
CA LEU A 80 -3.95 5.08 4.92
C LEU A 80 -4.53 6.16 5.82
N ARG A 81 -5.84 6.14 6.14
CA ARG A 81 -6.53 7.24 6.84
C ARG A 81 -5.80 7.78 8.08
N LYS A 82 -5.32 6.84 8.91
CA LYS A 82 -4.55 7.08 10.14
C LYS A 82 -3.02 7.03 9.97
N ASN A 83 -2.50 6.51 8.86
CA ASN A 83 -1.06 6.59 8.57
C ASN A 83 -0.70 7.97 8.00
N LEU A 84 -1.51 8.44 7.04
CA LEU A 84 -1.45 9.79 6.49
C LEU A 84 -2.79 10.40 6.04
N VAL A 85 -2.95 11.73 6.23
CA VAL A 85 -4.16 12.48 5.82
C VAL A 85 -4.22 12.76 4.32
N THR A 86 -3.06 12.77 3.67
CA THR A 86 -2.85 12.90 2.21
C THR A 86 -3.70 14.03 1.57
N LEU A 87 -4.17 13.83 0.34
CA LEU A 87 -5.03 14.76 -0.42
C LEU A 87 -6.45 14.95 0.18
N ALA A 88 -6.82 14.16 1.18
CA ALA A 88 -8.17 14.13 1.77
C ALA A 88 -8.53 15.44 2.48
N THR A 89 -9.81 15.84 2.38
CA THR A 89 -10.34 17.11 2.92
C THR A 89 -11.79 17.04 3.39
N 48M B . -5.48 -3.23 -9.82
CG1 48M B . -3.43 -2.52 -7.28
CG2 48M B . -5.86 -1.17 -8.44
CG3 48M B . -4.86 -5.54 -10.14
CD1 48M B . -3.56 -3.76 -6.66
CD2 48M B . -3.20 -1.38 -6.48
CD3 48M B . -6.23 0.13 -8.79
CD4 48M B . -6.40 -1.74 -7.28
CD5 48M B . -6.11 -5.84 -10.71
CD6 48M B . -4.00 -6.61 -9.82
CE1 48M B . -3.46 -3.88 -5.27
CE2 48M B . -3.12 -1.51 -5.09
CE3 48M B . -7.11 0.86 -7.98
CE4 48M B . -7.27 -1.01 -6.48
CE5 48M B . -6.46 -7.14 -11.07
CE6 48M B . -4.36 -7.92 -10.18
CZ1 48M B . -3.23 -2.75 -4.50
CZ2 48M B . -7.63 0.29 -6.82
CZ3 48M B . -5.57 -8.18 -10.82
CL2 48M B . -3.09 -2.89 -2.78
CL1 48M B . -7.87 -1.71 -5.02
CM1 48M B . -5.93 -9.51 -11.23
CM2 48M B . -3.05 -7.70 -7.04
CM3 48M B . -0.86 -6.71 -7.82
NM1 48M B . -6.23 -10.56 -11.56
C1 48M B . -0.35 -5.77 -12.87
N1 48M B . -1.48 -6.14 -13.52
O1 48M B . 0.71 -6.14 -13.33
C2 48M B . -2.81 -5.64 -13.18
N2 48M B . -1.83 -4.43 -11.22
C3 48M B . -2.74 -4.32 -12.39
N3 48M B . -3.26 -3.59 -9.55
C4 48M B . -0.47 -4.90 -11.62
C5 48M B . -2.02 -3.82 -10.02
O5 48M B . -1.04 -3.45 -9.38
C6 48M B . -4.54 -4.10 -9.88
O6 48M B . -2.84 -6.39 -9.11
C7 48M B . -4.92 -1.94 -9.36
C8 48M B . -3.52 -2.35 -8.80
C9 48M B . -2.18 -7.35 -8.27
HD1 48M B . -3.73 -4.65 -7.25
HD2 48M B . -3.09 -0.39 -6.93
HD3 48M B . -5.85 0.57 -9.69
HD4 48M B . -6.13 -2.75 -7.00
HD5 48M B . -6.80 -5.04 -10.95
HE1 48M B . -3.56 -4.86 -4.80
HE2 48M B . -2.94 -0.63 -4.48
HE3 48M B . -7.39 1.88 -8.27
HE5 48M B . -7.41 -7.33 -11.55
HE6 48M B . -3.69 -8.75 -9.97
HZ2 48M B . -8.31 0.86 -6.19
HM21 48M B . -3.21 -6.81 -6.42
HM22 48M B . -4.02 -8.08 -7.35
HM23 48M B . -2.56 -8.47 -6.43
HM31 48M B . -0.24 -7.42 -7.28
HM32 48M B . -0.29 -6.37 -8.69
HM33 48M B . -1.04 -5.84 -7.18
HN1 48M B . -1.36 -6.72 -14.32
H21 48M B . -3.38 -5.48 -14.10
H22 48M B . -3.33 -6.39 -12.58
H31 48M B . -2.34 -3.55 -13.05
H32 48M B . -3.74 -4.00 -12.13
H41 48M B . -0.05 -5.50 -10.81
H42 48M B . 0.17 -4.03 -11.79
H7 48M B . -4.74 -1.34 -10.25
H8 48M B . -2.81 -1.58 -9.12
H9 48M B . -1.95 -8.26 -8.84
N GLN A 1 7.43 19.02 -7.32
CA GLN A 1 6.34 19.87 -6.85
C GLN A 1 4.97 19.18 -6.96
N ILE A 2 4.87 18.03 -6.29
CA ILE A 2 3.63 17.23 -6.16
C ILE A 2 2.58 17.95 -5.28
N ASN A 3 3.03 18.60 -4.21
CA ASN A 3 2.20 19.33 -3.24
C ASN A 3 1.22 18.42 -2.45
N GLN A 4 1.74 17.29 -1.96
CA GLN A 4 1.05 16.27 -1.17
C GLN A 4 1.90 15.78 0.02
N VAL A 5 1.40 14.84 0.82
CA VAL A 5 1.95 14.42 2.12
C VAL A 5 2.71 13.09 2.11
N ARG A 6 3.64 12.93 3.06
CA ARG A 6 4.40 11.70 3.29
C ARG A 6 3.80 10.80 4.40
N PRO A 7 3.72 9.47 4.19
CA PRO A 7 3.37 8.52 5.25
C PRO A 7 4.52 8.32 6.25
N LYS A 8 4.23 7.70 7.40
CA LYS A 8 5.22 7.38 8.46
C LYS A 8 6.29 6.39 7.95
N LEU A 9 7.45 6.37 8.58
CA LEU A 9 8.65 5.60 8.19
C LEU A 9 8.39 4.09 7.93
N PRO A 10 7.76 3.30 8.83
CA PRO A 10 7.46 1.88 8.57
C PRO A 10 6.44 1.65 7.44
N LEU A 11 5.56 2.63 7.18
CA LEU A 11 4.59 2.57 6.08
C LEU A 11 5.31 2.88 4.75
N LEU A 12 6.06 3.98 4.72
CA LEU A 12 6.90 4.43 3.60
C LEU A 12 7.91 3.35 3.17
N LYS A 13 8.41 2.53 4.11
CA LYS A 13 9.28 1.38 3.83
C LYS A 13 8.72 0.42 2.78
N ILE A 14 7.41 0.20 2.77
CA ILE A 14 6.72 -0.66 1.78
C ILE A 14 6.80 -0.03 0.38
N LEU A 15 6.48 1.26 0.30
CA LEU A 15 6.48 2.07 -0.93
C LEU A 15 7.90 2.14 -1.52
N HIS A 16 8.90 2.37 -0.66
CA HIS A 16 10.32 2.43 -1.03
C HIS A 16 10.89 1.06 -1.40
N ALA A 17 10.48 -0.01 -0.70
CA ALA A 17 10.83 -1.39 -1.03
C ALA A 17 10.32 -1.80 -2.42
N ALA A 18 9.27 -1.12 -2.91
CA ALA A 18 8.80 -1.26 -4.29
C ALA A 18 9.50 -0.33 -5.30
N GLY A 19 10.10 0.79 -4.86
CA GLY A 19 10.66 1.84 -5.73
C GLY A 19 9.65 2.95 -6.05
N ALA A 20 9.37 3.81 -5.07
CA ALA A 20 8.54 5.01 -5.22
C ALA A 20 9.30 6.19 -5.89
N GLN A 21 8.55 7.21 -6.32
CA GLN A 21 9.08 8.39 -7.03
C GLN A 21 9.23 9.63 -6.12
N GLY A 22 9.46 9.41 -4.83
CA GLY A 22 9.61 10.47 -3.80
C GLY A 22 9.27 10.01 -2.38
N GLU A 23 8.97 10.99 -1.53
CA GLU A 23 8.42 10.79 -0.17
C GLU A 23 6.98 11.33 -0.01
N MET A 24 6.57 12.30 -0.84
CA MET A 24 5.29 13.02 -0.75
C MET A 24 4.36 12.61 -1.91
N PHE A 25 3.18 12.07 -1.62
CA PHE A 25 2.22 11.59 -2.64
C PHE A 25 0.75 11.59 -2.18
N THR A 26 -0.16 11.49 -3.14
CA THR A 26 -1.62 11.28 -2.95
C THR A 26 -1.96 9.81 -2.67
N VAL A 27 -3.19 9.54 -2.18
CA VAL A 27 -3.76 8.21 -1.89
C VAL A 27 -3.59 7.29 -3.12
N LYS A 28 -3.88 7.84 -4.30
CA LYS A 28 -3.85 7.12 -5.57
C LYS A 28 -2.44 6.77 -6.04
N GLU A 29 -1.44 7.59 -5.67
CA GLU A 29 -0.02 7.31 -5.87
C GLU A 29 0.51 6.31 -4.82
N VAL A 30 0.26 6.53 -3.52
CA VAL A 30 0.75 5.63 -2.46
C VAL A 30 0.28 4.21 -2.62
N MET A 31 -1.01 4.03 -2.91
CA MET A 31 -1.62 2.72 -3.12
C MET A 31 -1.11 2.03 -4.40
N HIS A 32 -0.69 2.77 -5.43
CA HIS A 32 -0.11 2.18 -6.65
C HIS A 32 1.21 1.45 -6.36
N TYR A 33 2.03 2.00 -5.45
CA TYR A 33 3.25 1.32 -5.00
C TYR A 33 2.94 0.05 -4.20
N LEU A 34 1.79 -0.09 -3.53
CA LEU A 34 1.38 -1.37 -2.95
C LEU A 34 1.09 -2.40 -4.05
N GLY A 35 0.36 -2.00 -5.10
CA GLY A 35 0.08 -2.85 -6.25
C GLY A 35 1.36 -3.34 -6.95
N GLN A 36 2.31 -2.42 -7.21
CA GLN A 36 3.60 -2.80 -7.79
C GLN A 36 4.45 -3.63 -6.82
N TYR A 37 4.39 -3.37 -5.50
CA TYR A 37 5.08 -4.17 -4.50
C TYR A 37 4.61 -5.63 -4.54
N ILE A 38 3.29 -5.85 -4.55
CA ILE A 38 2.71 -7.21 -4.62
C ILE A 38 3.06 -7.85 -5.96
N MET A 39 3.03 -7.09 -7.06
CA MET A 39 3.38 -7.58 -8.39
C MET A 39 4.83 -8.09 -8.47
N VAL A 40 5.78 -7.39 -7.85
CA VAL A 40 7.20 -7.82 -7.78
C VAL A 40 7.43 -8.91 -6.73
N LYS A 41 6.80 -8.81 -5.55
CA LYS A 41 6.88 -9.78 -4.45
C LYS A 41 5.99 -11.03 -4.61
N GLN A 42 5.13 -11.09 -5.64
CA GLN A 42 4.06 -12.08 -5.91
C GLN A 42 3.38 -12.60 -4.64
N LEU A 43 2.76 -11.68 -3.89
CA LEU A 43 2.05 -11.99 -2.64
C LEU A 43 0.56 -12.26 -2.91
N TYR A 44 0.22 -12.81 -4.07
CA TYR A 44 -1.16 -13.11 -4.49
C TYR A 44 -1.46 -14.62 -4.64
N ASP A 45 -2.74 -14.96 -4.83
CA ASP A 45 -3.16 -16.32 -5.21
C ASP A 45 -2.86 -16.63 -6.68
N GLN A 46 -2.65 -17.91 -6.96
CA GLN A 46 -2.47 -18.52 -8.28
C GLN A 46 -3.78 -18.50 -9.08
N GLN A 47 -4.89 -18.82 -8.39
CA GLN A 47 -6.21 -19.00 -9.01
C GLN A 47 -6.84 -17.67 -9.45
N GLU A 48 -6.65 -16.59 -8.69
CA GLU A 48 -7.04 -15.22 -9.07
C GLU A 48 -6.09 -14.22 -8.42
N GLN A 49 -5.27 -13.56 -9.23
CA GLN A 49 -4.24 -12.60 -8.79
C GLN A 49 -4.83 -11.42 -8.01
N HIS A 50 -6.13 -11.16 -8.16
CA HIS A 50 -6.88 -10.20 -7.37
C HIS A 50 -6.74 -10.42 -5.86
N MET A 51 -6.70 -11.68 -5.41
CA MET A 51 -6.60 -12.03 -4.00
C MET A 51 -5.14 -11.94 -3.54
N VAL A 52 -4.88 -11.06 -2.59
CA VAL A 52 -3.55 -10.81 -2.01
C VAL A 52 -3.48 -11.51 -0.65
N TYR A 53 -2.43 -12.29 -0.41
CA TYR A 53 -2.12 -12.98 0.85
C TYR A 53 -0.75 -12.49 1.36
N CYS A 54 -0.78 -11.45 2.19
CA CYS A 54 0.40 -10.79 2.77
C CYS A 54 1.14 -11.63 3.81
N GLY A 55 0.46 -12.56 4.50
CA GLY A 55 1.06 -13.41 5.54
C GLY A 55 1.79 -12.58 6.62
N GLY A 56 3.05 -12.93 6.88
CA GLY A 56 3.94 -12.20 7.80
C GLY A 56 4.80 -11.10 7.16
N ASP A 57 4.52 -10.68 5.91
CA ASP A 57 5.32 -9.68 5.20
C ASP A 57 5.26 -8.27 5.82
N LEU A 58 6.26 -7.44 5.51
CA LEU A 58 6.29 -6.01 5.82
C LEU A 58 5.00 -5.31 5.35
N LEU A 59 4.57 -5.56 4.10
CA LEU A 59 3.28 -5.08 3.60
C LEU A 59 2.10 -5.47 4.50
N GLY A 60 2.07 -6.73 4.97
CA GLY A 60 1.04 -7.23 5.88
C GLY A 60 1.11 -6.55 7.26
N GLU A 61 2.30 -6.14 7.70
CA GLU A 61 2.49 -5.30 8.89
C GLU A 61 1.96 -3.88 8.70
N LEU A 62 2.12 -3.27 7.52
CA LEU A 62 1.49 -2.00 7.15
C LEU A 62 -0.04 -2.11 7.20
N LEU A 63 -0.59 -3.23 6.73
CA LEU A 63 -2.03 -3.47 6.70
C LEU A 63 -2.64 -3.90 8.04
N GLY A 64 -1.85 -4.54 8.91
CA GLY A 64 -2.34 -5.22 10.13
C GLY A 64 -3.28 -6.38 9.79
N ARG A 65 -3.12 -6.96 8.58
CA ARG A 65 -4.02 -7.92 7.93
C ARG A 65 -3.25 -8.86 7.01
N GLN A 66 -3.67 -10.12 6.93
CA GLN A 66 -3.12 -11.09 5.97
C GLN A 66 -3.71 -10.99 4.58
N SER A 67 -4.90 -10.42 4.39
CA SER A 67 -5.57 -10.51 3.07
C SER A 67 -6.62 -9.43 2.76
N PHE A 68 -6.77 -9.18 1.46
CA PHE A 68 -7.72 -8.28 0.81
C PHE A 68 -7.74 -8.64 -0.69
N SER A 69 -8.58 -7.98 -1.51
CA SER A 69 -8.50 -8.11 -2.96
C SER A 69 -8.53 -6.78 -3.73
N VAL A 70 -8.18 -6.85 -5.01
CA VAL A 70 -8.34 -5.78 -6.00
C VAL A 70 -9.80 -5.29 -6.08
N LYS A 71 -10.78 -6.16 -5.78
CA LYS A 71 -12.22 -5.83 -5.71
C LYS A 71 -12.64 -5.17 -4.39
N ASP A 72 -11.77 -5.14 -3.38
CA ASP A 72 -12.06 -4.69 -2.00
C ASP A 72 -10.90 -3.83 -1.43
N PRO A 73 -10.79 -2.54 -1.81
CA PRO A 73 -9.71 -1.65 -1.38
C PRO A 73 -9.86 -1.09 0.05
N SER A 74 -11.04 -1.22 0.66
CA SER A 74 -11.38 -0.70 1.99
C SER A 74 -10.32 -0.87 3.10
N PRO A 75 -9.65 -2.02 3.29
CA PRO A 75 -8.63 -2.14 4.35
C PRO A 75 -7.36 -1.32 4.07
N LEU A 76 -7.02 -1.01 2.81
CA LEU A 76 -5.96 -0.06 2.46
C LEU A 76 -6.36 1.34 2.93
N TYR A 77 -7.58 1.73 2.56
CA TYR A 77 -8.09 3.07 2.80
C TYR A 77 -8.23 3.32 4.32
N ASP A 78 -8.67 2.30 5.07
CA ASP A 78 -8.75 2.30 6.53
C ASP A 78 -7.39 2.39 7.22
N MET A 79 -6.36 1.74 6.66
CA MET A 79 -4.98 1.87 7.17
C MET A 79 -4.30 3.19 6.80
N LEU A 80 -4.63 3.83 5.68
CA LEU A 80 -4.10 5.15 5.34
C LEU A 80 -4.76 6.23 6.18
N ARG A 81 -6.08 6.20 6.40
CA ARG A 81 -6.82 7.33 6.99
C ARG A 81 -6.34 7.84 8.36
N LYS A 82 -5.75 6.94 9.15
CA LYS A 82 -5.07 7.18 10.44
C LYS A 82 -3.54 7.30 10.41
N ASN A 83 -2.86 6.83 9.36
CA ASN A 83 -1.39 6.94 9.23
C ASN A 83 -0.95 8.11 8.33
N LEU A 84 -1.70 8.35 7.26
CA LEU A 84 -1.44 9.32 6.20
C LEU A 84 -2.57 10.36 6.13
N VAL A 85 -2.19 11.64 6.23
CA VAL A 85 -3.10 12.79 6.07
C VAL A 85 -3.30 13.10 4.58
N THR A 86 -4.53 13.43 4.18
CA THR A 86 -4.90 13.80 2.80
C THR A 86 -6.01 14.87 2.79
N LEU A 87 -6.37 15.35 1.59
CA LEU A 87 -7.40 16.37 1.36
C LEU A 87 -8.79 15.88 1.79
N ALA A 88 -9.13 14.64 1.43
CA ALA A 88 -10.37 13.93 1.72
C ALA A 88 -11.67 14.60 1.21
N THR A 89 -12.82 13.95 1.44
CA THR A 89 -14.15 14.37 0.97
C THR A 89 -15.27 14.12 1.98
N 48M B . -5.43 -3.20 -9.76
CG1 48M B . -3.33 -2.51 -7.13
CG2 48M B . -6.03 -1.48 -8.04
CG3 48M B . -4.64 -5.39 -10.37
CD1 48M B . -3.32 -3.80 -6.58
CD2 48M B . -3.16 -1.42 -6.29
CD3 48M B . -6.73 -0.29 -8.27
CD4 48M B . -6.35 -2.23 -6.90
CD5 48M B . -5.82 -5.67 -11.07
CD6 48M B . -3.74 -6.45 -10.14
CE1 48M B . -3.16 -3.98 -5.21
CE2 48M B . -3.03 -1.60 -4.91
CE3 48M B . -7.71 0.15 -7.38
CE4 48M B . -7.28 -1.76 -5.97
CE5 48M B . -6.10 -6.94 -11.57
CE6 48M B . -4.01 -7.72 -10.66
CZ1 48M B . -3.01 -2.87 -4.37
CZ2 48M B . -7.98 -0.58 -6.22
CZ3 48M B . -5.17 -7.97 -11.37
CL2 48M B . -2.78 -3.05 -2.68
CL1 48M B . -7.52 -2.62 -4.50
CM1 48M B . -5.45 -9.28 -11.93
CM2 48M B . -2.91 -7.78 -7.44
CM3 48M B . -0.72 -6.63 -7.95
NM1 48M B . -5.67 -10.30 -12.38
C1 48M B . 0.14 -4.61 -12.96
N1 48M B . -0.64 -4.02 -13.89
O1 48M B . 1.18 -5.11 -13.34
C2 48M B . -1.93 -3.40 -13.59
N2 48M B . -1.66 -4.04 -11.17
C3 48M B . -2.59 -3.98 -12.32
N3 48M B . -3.19 -3.43 -9.49
C4 48M B . -0.31 -4.60 -11.50
C5 48M B . -1.92 -3.57 -9.91
O5 48M B . -0.99 -3.22 -9.20
C6 48M B . -4.43 -3.97 -9.93
O6 48M B . -2.63 -6.25 -9.33
C7 48M B . -5.01 -1.96 -9.08
C8 48M B . -3.55 -2.28 -8.64
C9 48M B . -1.97 -7.27 -8.55
HD1 48M B . -3.43 -4.68 -7.22
HD2 48M B . -3.15 -0.40 -6.68
HD3 48M B . -6.52 0.30 -9.17
HD4 48M B . -5.84 -3.17 -6.70
HD5 48M B . -6.55 -4.88 -11.27
HE1 48M B . -3.14 -4.99 -4.78
HE2 48M B . -2.93 -0.73 -4.26
HE3 48M B . -8.24 1.08 -7.58
HE5 48M B . -7.01 -7.12 -12.12
HE6 48M B . -3.31 -8.53 -10.51
HZ2 48M B . -8.72 -0.22 -5.52
HM21 48M B . -2.41 -8.55 -6.84
HM22 48M B . -3.21 -6.97 -6.78
HM23 48M B . -3.82 -8.21 -7.87
HM31 48M B . -0.12 -6.19 -8.73
HM32 48M B . -0.99 -5.84 -7.24
HM33 48M B . -0.12 -7.38 -7.43
HN1 48M B . -0.31 -4.03 -14.84
H21 48M B . -1.77 -2.33 -13.44
H22 48M B . -2.61 -3.53 -14.44
H31 48M B . -3.45 -3.34 -12.10
H32 48M B . -2.95 -4.99 -12.53
H41 48M B . -0.29 -5.65 -11.18
H42 48M B . 0.46 -4.05 -10.97
H7 48M B . -4.93 -1.19 -9.85
H8 48M B . -2.92 -1.43 -8.93
H9 48M B . -1.67 -8.10 -9.20
N GLN A 1 7.68 18.86 -9.37
CA GLN A 1 8.05 18.79 -7.96
C GLN A 1 6.87 18.39 -7.04
N ILE A 2 5.85 17.74 -7.63
CA ILE A 2 4.64 17.11 -7.04
C ILE A 2 3.74 17.96 -6.14
N ASN A 3 4.28 18.57 -5.08
CA ASN A 3 3.59 19.41 -4.10
C ASN A 3 2.56 18.62 -3.24
N GLN A 4 3.00 17.49 -2.70
CA GLN A 4 2.22 16.55 -1.86
C GLN A 4 3.03 16.08 -0.64
N VAL A 5 2.45 15.21 0.21
CA VAL A 5 2.97 14.82 1.53
C VAL A 5 3.61 13.43 1.57
N ARG A 6 4.44 13.17 2.59
CA ARG A 6 5.01 11.85 2.89
C ARG A 6 4.22 11.06 3.95
N PRO A 7 4.05 9.73 3.78
CA PRO A 7 3.52 8.84 4.82
C PRO A 7 4.43 8.75 6.05
N LYS A 8 3.93 8.14 7.13
CA LYS A 8 4.75 7.79 8.31
C LYS A 8 5.77 6.70 7.91
N LEU A 9 6.89 6.63 8.64
CA LEU A 9 8.04 5.77 8.33
C LEU A 9 7.70 4.27 8.07
N PRO A 10 6.90 3.57 8.91
CA PRO A 10 6.50 2.18 8.63
C PRO A 10 5.70 2.01 7.35
N LEU A 11 4.98 3.05 6.94
CA LEU A 11 4.17 3.03 5.74
C LEU A 11 4.99 3.37 4.50
N LEU A 12 5.80 4.42 4.55
CA LEU A 12 6.77 4.76 3.50
C LEU A 12 7.75 3.59 3.23
N LYS A 13 8.06 2.76 4.23
CA LYS A 13 8.82 1.52 4.06
C LYS A 13 8.22 0.57 3.02
N ILE A 14 6.89 0.47 2.92
CA ILE A 14 6.20 -0.35 1.91
C ILE A 14 6.48 0.21 0.50
N LEU A 15 6.31 1.52 0.33
CA LEU A 15 6.47 2.23 -0.94
C LEU A 15 7.92 2.13 -1.43
N HIS A 16 8.88 2.29 -0.51
CA HIS A 16 10.32 2.16 -0.77
C HIS A 16 10.75 0.72 -1.02
N ALA A 17 10.18 -0.26 -0.29
CA ALA A 17 10.36 -1.69 -0.54
C ALA A 17 9.88 -2.09 -1.94
N ALA A 18 8.94 -1.34 -2.51
CA ALA A 18 8.51 -1.47 -3.89
C ALA A 18 9.38 -0.71 -4.91
N GLY A 19 10.09 0.35 -4.50
CA GLY A 19 10.81 1.29 -5.38
C GLY A 19 9.95 2.47 -5.83
N ALA A 20 9.73 3.44 -4.93
CA ALA A 20 8.99 4.68 -5.19
C ALA A 20 9.85 5.76 -5.89
N GLN A 21 9.20 6.84 -6.36
CA GLN A 21 9.82 7.94 -7.10
C GLN A 21 10.08 9.20 -6.23
N GLY A 22 10.26 9.01 -4.93
CA GLY A 22 10.46 10.07 -3.93
C GLY A 22 9.94 9.74 -2.54
N GLU A 23 9.66 10.78 -1.76
CA GLU A 23 8.94 10.71 -0.47
C GLU A 23 7.56 11.38 -0.49
N MET A 24 7.29 12.28 -1.45
CA MET A 24 6.05 13.07 -1.52
C MET A 24 5.09 12.54 -2.62
N PHE A 25 3.87 12.18 -2.27
CA PHE A 25 2.86 11.67 -3.22
C PHE A 25 1.41 11.80 -2.71
N THR A 26 0.45 11.79 -3.64
CA THR A 26 -1.00 11.71 -3.39
C THR A 26 -1.47 10.30 -3.07
N VAL A 27 -2.71 10.13 -2.57
CA VAL A 27 -3.39 8.85 -2.27
C VAL A 27 -3.31 7.90 -3.46
N LYS A 28 -3.56 8.46 -4.66
CA LYS A 28 -3.62 7.73 -5.93
C LYS A 28 -2.23 7.29 -6.43
N GLU A 29 -1.19 8.05 -6.10
CA GLU A 29 0.21 7.67 -6.32
C GLU A 29 0.70 6.65 -5.28
N VAL A 30 0.43 6.86 -3.98
CA VAL A 30 0.89 5.96 -2.92
C VAL A 30 0.34 4.55 -3.08
N MET A 31 -0.96 4.45 -3.35
CA MET A 31 -1.61 3.15 -3.59
C MET A 31 -1.06 2.42 -4.84
N HIS A 32 -0.53 3.12 -5.86
CA HIS A 32 0.09 2.46 -7.03
C HIS A 32 1.33 1.67 -6.66
N TYR A 33 2.13 2.17 -5.70
CA TYR A 33 3.27 1.42 -5.16
C TYR A 33 2.84 0.17 -4.38
N LEU A 34 1.63 0.12 -3.80
CA LEU A 34 1.09 -1.13 -3.23
C LEU A 34 0.86 -2.17 -4.34
N GLY A 35 0.22 -1.77 -5.45
CA GLY A 35 0.01 -2.64 -6.60
C GLY A 35 1.31 -3.21 -7.15
N GLN A 36 2.33 -2.36 -7.33
CA GLN A 36 3.65 -2.82 -7.77
C GLN A 36 4.38 -3.64 -6.70
N TYR A 37 4.22 -3.33 -5.40
CA TYR A 37 4.79 -4.11 -4.30
C TYR A 37 4.23 -5.54 -4.36
N ILE A 38 2.91 -5.70 -4.45
CA ILE A 38 2.25 -7.01 -4.51
C ILE A 38 2.69 -7.77 -5.78
N MET A 39 2.80 -7.08 -6.91
CA MET A 39 3.28 -7.63 -8.17
C MET A 39 4.72 -8.18 -8.03
N VAL A 40 5.68 -7.39 -7.52
CA VAL A 40 7.08 -7.81 -7.35
C VAL A 40 7.26 -8.86 -6.25
N LYS A 41 6.51 -8.73 -5.14
CA LYS A 41 6.45 -9.70 -4.04
C LYS A 41 5.61 -10.95 -4.32
N GLN A 42 4.81 -10.96 -5.41
CA GLN A 42 3.78 -11.92 -5.82
C GLN A 42 2.92 -12.38 -4.63
N LEU A 43 2.26 -11.41 -4.01
CA LEU A 43 1.37 -11.63 -2.87
C LEU A 43 -0.08 -11.73 -3.37
N TYR A 44 -0.30 -12.43 -4.49
CA TYR A 44 -1.64 -12.69 -5.03
C TYR A 44 -1.84 -14.18 -5.39
N ASP A 45 -3.09 -14.64 -5.45
CA ASP A 45 -3.40 -16.05 -5.74
C ASP A 45 -3.33 -16.38 -7.24
N GLN A 46 -2.70 -17.50 -7.58
CA GLN A 46 -2.63 -18.11 -8.92
C GLN A 46 -3.99 -18.15 -9.63
N GLN A 47 -5.00 -18.59 -8.88
CA GLN A 47 -6.37 -18.87 -9.34
C GLN A 47 -7.29 -17.63 -9.32
N GLU A 48 -6.99 -16.66 -8.45
CA GLU A 48 -7.70 -15.37 -8.33
C GLU A 48 -6.70 -14.22 -8.19
N GLN A 49 -6.20 -13.75 -9.33
CA GLN A 49 -5.09 -12.78 -9.41
C GLN A 49 -5.38 -11.42 -8.75
N HIS A 50 -6.65 -11.05 -8.62
CA HIS A 50 -7.15 -9.86 -7.92
C HIS A 50 -7.24 -10.03 -6.39
N MET A 51 -7.21 -11.26 -5.88
CA MET A 51 -7.14 -11.57 -4.45
C MET A 51 -5.68 -11.50 -3.98
N VAL A 52 -5.42 -10.60 -3.03
CA VAL A 52 -4.11 -10.33 -2.45
C VAL A 52 -3.99 -11.09 -1.12
N TYR A 53 -2.82 -11.68 -0.87
CA TYR A 53 -2.47 -12.55 0.26
C TYR A 53 -1.11 -12.14 0.86
N CYS A 54 -1.12 -11.11 1.71
CA CYS A 54 0.04 -10.48 2.35
C CYS A 54 0.51 -11.09 3.68
N GLY A 55 -0.07 -12.22 4.12
CA GLY A 55 0.31 -12.88 5.38
C GLY A 55 1.81 -13.18 5.45
N GLY A 56 2.49 -12.61 6.47
CA GLY A 56 3.94 -12.73 6.68
C GLY A 56 4.80 -11.64 6.05
N ASP A 57 4.25 -10.70 5.25
CA ASP A 57 4.95 -9.54 4.70
C ASP A 57 4.64 -8.25 5.48
N LEU A 58 5.51 -7.23 5.36
CA LEU A 58 5.37 -5.96 6.10
C LEU A 58 4.04 -5.28 5.77
N LEU A 59 3.66 -5.24 4.48
CA LEU A 59 2.37 -4.69 4.07
C LEU A 59 1.20 -5.39 4.78
N GLY A 60 1.24 -6.73 4.94
CA GLY A 60 0.22 -7.49 5.68
C GLY A 60 0.19 -7.16 7.18
N GLU A 61 1.36 -7.05 7.80
CA GLU A 61 1.49 -6.67 9.22
C GLU A 61 0.95 -5.24 9.47
N LEU A 62 1.15 -4.33 8.50
CA LEU A 62 0.67 -2.95 8.56
C LEU A 62 -0.82 -2.81 8.20
N LEU A 63 -1.34 -3.66 7.31
CA LEU A 63 -2.77 -3.81 7.03
C LEU A 63 -3.52 -4.30 8.28
N GLY A 64 -2.92 -5.22 9.03
CA GLY A 64 -3.54 -5.92 10.17
C GLY A 64 -4.40 -7.12 9.76
N ARG A 65 -4.40 -7.45 8.47
CA ARG A 65 -5.08 -8.58 7.83
C ARG A 65 -4.22 -9.13 6.69
N GLN A 66 -4.19 -10.45 6.58
CA GLN A 66 -3.44 -11.19 5.56
C GLN A 66 -4.03 -11.10 4.16
N SER A 67 -5.29 -10.67 4.00
CA SER A 67 -5.93 -10.63 2.68
C SER A 67 -6.97 -9.52 2.47
N PHE A 68 -7.11 -9.14 1.19
CA PHE A 68 -8.05 -8.17 0.63
C PHE A 68 -8.12 -8.35 -0.91
N SER A 69 -8.89 -7.52 -1.61
CA SER A 69 -9.03 -7.57 -3.09
C SER A 69 -8.92 -6.20 -3.73
N VAL A 70 -8.48 -6.13 -4.99
CA VAL A 70 -8.53 -4.92 -5.80
C VAL A 70 -9.98 -4.44 -6.02
N LYS A 71 -10.96 -5.34 -5.84
CA LYS A 71 -12.41 -5.11 -5.92
C LYS A 71 -13.02 -4.66 -4.58
N ASP A 72 -12.24 -4.68 -3.50
CA ASP A 72 -12.64 -4.32 -2.13
C ASP A 72 -11.48 -3.59 -1.41
N PRO A 73 -11.21 -2.32 -1.76
CA PRO A 73 -10.01 -1.59 -1.34
C PRO A 73 -10.01 -1.09 0.12
N SER A 74 -11.14 -1.11 0.82
CA SER A 74 -11.31 -0.53 2.18
C SER A 74 -10.21 -0.87 3.21
N PRO A 75 -9.57 -2.07 3.22
CA PRO A 75 -8.47 -2.39 4.15
C PRO A 75 -7.20 -1.56 3.90
N LEU A 76 -6.90 -1.29 2.63
CA LEU A 76 -5.80 -0.37 2.26
C LEU A 76 -6.12 1.04 2.78
N TYR A 77 -7.38 1.44 2.67
CA TYR A 77 -7.79 2.77 3.14
C TYR A 77 -7.72 2.84 4.67
N ASP A 78 -8.05 1.77 5.38
CA ASP A 78 -7.84 1.66 6.83
C ASP A 78 -6.37 1.72 7.25
N MET A 79 -5.47 1.17 6.43
CA MET A 79 -4.01 1.28 6.64
C MET A 79 -3.45 2.67 6.31
N LEU A 80 -4.05 3.43 5.38
CA LEU A 80 -3.66 4.81 5.09
C LEU A 80 -4.24 5.78 6.13
N ARG A 81 -5.56 5.80 6.34
CA ARG A 81 -6.32 6.81 7.07
C ARG A 81 -5.78 7.33 8.41
N LYS A 82 -5.11 6.45 9.17
CA LYS A 82 -4.49 6.71 10.48
C LYS A 82 -2.97 7.02 10.46
N ASN A 83 -2.27 6.68 9.37
CA ASN A 83 -0.81 6.83 9.21
C ASN A 83 -0.48 7.95 8.22
N LEU A 84 -1.18 7.92 7.08
CA LEU A 84 -1.13 8.93 6.04
C LEU A 84 -2.42 9.76 6.03
N VAL A 85 -2.26 11.08 6.08
CA VAL A 85 -3.34 12.07 5.90
C VAL A 85 -2.86 13.14 4.91
N THR A 86 -3.63 13.41 3.84
CA THR A 86 -3.30 14.41 2.81
C THR A 86 -4.10 15.72 2.97
N LEU A 87 -3.78 16.70 2.14
CA LEU A 87 -4.48 17.99 2.06
C LEU A 87 -5.80 17.83 1.28
N ALA A 88 -6.90 18.34 1.84
CA ALA A 88 -8.25 18.23 1.30
C ALA A 88 -9.12 19.44 1.66
N THR A 89 -10.11 19.72 0.80
CA THR A 89 -11.21 20.68 1.01
C THR A 89 -10.80 22.04 1.58
N 48M B . -5.39 -2.76 -10.18
CG1 48M B . -3.32 -2.19 -7.56
CG2 48M B . -5.73 -0.77 -8.69
CG3 48M B . -4.94 -5.10 -10.49
CD1 48M B . -3.47 -3.43 -6.93
CD2 48M B . -3.16 -1.05 -6.78
CD3 48M B . -6.15 0.50 -9.05
CD4 48M B . -6.22 -1.36 -7.53
CD5 48M B . -6.19 -5.29 -11.11
CD6 48M B . -4.19 -6.25 -10.15
CE1 48M B . -3.46 -3.53 -5.54
CE2 48M B . -3.18 -1.13 -5.38
CE3 48M B . -7.06 1.20 -8.24
CE4 48M B . -7.09 -0.65 -6.70
CE5 48M B . -6.64 -6.54 -11.47
CE6 48M B . -4.65 -7.51 -10.53
CZ1 48M B . -3.32 -2.37 -4.77
CZ2 48M B . -7.52 0.62 -7.06
CZ3 48M B . -5.86 -7.67 -11.19
CL2 48M B . -3.34 -2.46 -3.05
CL1 48M B . -7.60 -1.36 -5.21
CM1 48M B . -6.34 -8.96 -11.62
CM2 48M B . -3.31 -7.56 -7.43
CM3 48M B . -1.07 -6.60 -8.10
NM1 48M B . -6.76 -9.97 -11.97
C1 48M B . -0.17 -5.39 -13.13
N1 48M B . -0.89 -4.88 -14.13
O1 48M B . 0.74 -6.16 -13.41
C2 48M B . -2.03 -3.97 -13.93
N2 48M B . -1.78 -4.25 -11.44
C3 48M B . -2.73 -4.21 -12.58
N3 48M B . -3.21 -3.28 -9.83
C4 48M B . -0.52 -5.00 -11.70
C5 48M B . -1.97 -3.62 -10.23
O5 48M B . -1.00 -3.34 -9.55
C6 48M B . -4.52 -3.69 -10.23
O6 48M B . -3.04 -6.13 -9.40
C7 48M B . -4.78 -1.53 -9.64
C8 48M B . -3.41 -2.03 -9.09
C9 48M B . -2.41 -7.17 -8.62
HD1 48M B . -3.60 -4.34 -7.51
HD2 48M B . -3.06 -0.07 -7.24
HD3 48M B . -5.81 0.95 -9.97
HD4 48M B . -5.93 -2.36 -7.24
HD5 48M B . -6.81 -4.43 -11.36
HE1 48M B . -3.59 -4.49 -5.05
HE2 48M B . -3.09 -0.23 -4.78
HE3 48M B . -7.39 2.20 -8.52
HE5 48M B . -7.59 -6.66 -11.98
HE6 48M B . -4.07 -8.41 -10.29
HZ2 48M B . -8.22 1.16 -6.42
HM21 48M B . -2.84 -8.35 -6.84
HM22 48M B . -3.51 -6.71 -6.78
HM23 48M B . -4.27 -7.95 -7.79
HM31 48M B . -1.25 -5.75 -7.43
HM32 48M B . -0.51 -7.36 -7.56
HM33 48M B . -0.45 -6.25 -8.93
HN1 48M B . -0.64 -5.15 -15.07
H21 48M B . -1.66 -2.94 -13.97
H22 48M B . -2.75 -4.12 -14.74
H31 48M B . -3.45 -3.40 -12.46
H32 48M B . -3.27 -5.15 -12.63
H41 48M B . -0.54 -5.93 -11.14
H42 48M B . 0.34 -4.40 -11.36
H7 48M B . -4.56 -0.89 -10.49
H8 48M B . -2.64 -1.31 -9.39
H9 48M B . -2.20 -8.04 -9.25
N GLN A 1 10.13 17.26 -8.93
CA GLN A 1 9.74 17.24 -7.53
C GLN A 1 8.21 17.34 -7.34
N ILE A 2 7.71 16.73 -6.26
CA ILE A 2 6.28 16.67 -5.90
C ILE A 2 5.95 17.64 -4.75
N ASN A 3 4.71 18.14 -4.74
CA ASN A 3 4.19 19.12 -3.77
C ASN A 3 3.06 18.55 -2.89
N GLN A 4 3.25 17.31 -2.44
CA GLN A 4 2.27 16.45 -1.76
C GLN A 4 2.77 15.97 -0.38
N VAL A 5 2.02 15.06 0.24
CA VAL A 5 2.17 14.67 1.66
C VAL A 5 2.84 13.32 1.87
N ARG A 6 3.58 13.20 2.99
CA ARG A 6 4.31 11.99 3.38
C ARG A 6 3.52 11.06 4.34
N PRO A 7 3.61 9.73 4.16
CA PRO A 7 3.10 8.75 5.12
C PRO A 7 4.10 8.54 6.28
N LYS A 8 3.69 7.80 7.31
CA LYS A 8 4.61 7.33 8.39
C LYS A 8 5.61 6.28 7.87
N LEU A 9 6.65 6.02 8.66
CA LEU A 9 7.76 5.10 8.38
C LEU A 9 7.34 3.69 7.88
N PRO A 10 6.38 2.95 8.48
CA PRO A 10 6.01 1.62 7.98
C PRO A 10 5.43 1.64 6.57
N LEU A 11 4.58 2.62 6.25
CA LEU A 11 4.12 2.82 4.87
C LEU A 11 5.29 3.15 3.94
N LEU A 12 6.12 4.12 4.35
CA LEU A 12 7.26 4.57 3.54
C LEU A 12 8.20 3.40 3.23
N LYS A 13 8.44 2.48 4.18
CA LYS A 13 9.20 1.23 3.97
C LYS A 13 8.63 0.33 2.88
N ILE A 14 7.32 0.07 2.89
CA ILE A 14 6.60 -0.71 1.85
C ILE A 14 6.79 -0.02 0.48
N LEU A 15 6.57 1.30 0.40
CA LEU A 15 6.64 2.11 -0.81
C LEU A 15 8.06 2.17 -1.38
N HIS A 16 9.06 2.30 -0.52
CA HIS A 16 10.48 2.31 -0.91
C HIS A 16 10.98 0.93 -1.29
N ALA A 17 10.57 -0.13 -0.59
CA ALA A 17 10.84 -1.52 -0.99
C ALA A 17 10.22 -1.85 -2.36
N ALA A 18 9.19 -1.10 -2.77
CA ALA A 18 8.65 -1.16 -4.12
C ALA A 18 9.40 -0.28 -5.14
N GLY A 19 10.09 0.80 -4.69
CA GLY A 19 10.78 1.76 -5.57
C GLY A 19 10.00 3.05 -5.85
N ALA A 20 9.41 3.66 -4.82
CA ALA A 20 8.72 4.96 -4.93
C ALA A 20 9.61 6.11 -5.43
N GLN A 21 8.99 7.13 -6.05
CA GLN A 21 9.67 8.23 -6.75
C GLN A 21 9.87 9.48 -5.85
N GLY A 22 10.00 9.27 -4.54
CA GLY A 22 10.13 10.32 -3.53
C GLY A 22 9.67 9.88 -2.14
N GLU A 23 9.25 10.84 -1.32
CA GLU A 23 8.68 10.64 0.03
C GLU A 23 7.32 11.37 0.22
N MET A 24 6.83 12.05 -0.81
CA MET A 24 5.68 12.98 -0.81
C MET A 24 4.77 12.63 -2.00
N PHE A 25 3.54 12.17 -1.77
CA PHE A 25 2.63 11.71 -2.83
C PHE A 25 1.13 11.82 -2.44
N THR A 26 0.24 11.70 -3.42
CA THR A 26 -1.23 11.55 -3.25
C THR A 26 -1.64 10.09 -3.04
N VAL A 27 -2.89 9.87 -2.56
CA VAL A 27 -3.53 8.56 -2.31
C VAL A 27 -3.36 7.60 -3.48
N LYS A 28 -3.53 8.16 -4.68
CA LYS A 28 -3.47 7.46 -5.95
C LYS A 28 -2.07 6.96 -6.31
N GLU A 29 -1.03 7.71 -5.90
CA GLU A 29 0.37 7.32 -6.06
C GLU A 29 0.82 6.35 -4.96
N VAL A 30 0.51 6.63 -3.68
CA VAL A 30 0.85 5.72 -2.56
C VAL A 30 0.30 4.31 -2.77
N MET A 31 -0.98 4.21 -3.13
CA MET A 31 -1.61 2.94 -3.47
C MET A 31 -1.09 2.29 -4.77
N HIS A 32 -0.53 3.06 -5.72
CA HIS A 32 0.11 2.47 -6.92
C HIS A 32 1.38 1.73 -6.53
N TYR A 33 2.14 2.27 -5.56
CA TYR A 33 3.28 1.57 -4.99
C TYR A 33 2.88 0.30 -4.23
N LEU A 34 1.67 0.22 -3.63
CA LEU A 34 1.18 -1.05 -3.07
C LEU A 34 0.97 -2.08 -4.18
N GLY A 35 0.31 -1.70 -5.28
CA GLY A 35 0.07 -2.60 -6.41
C GLY A 35 1.37 -3.13 -7.02
N GLN A 36 2.35 -2.25 -7.26
CA GLN A 36 3.67 -2.66 -7.76
C GLN A 36 4.46 -3.47 -6.71
N TYR A 37 4.32 -3.13 -5.41
CA TYR A 37 4.95 -3.88 -4.32
C TYR A 37 4.45 -5.32 -4.30
N ILE A 38 3.14 -5.53 -4.33
CA ILE A 38 2.53 -6.87 -4.34
C ILE A 38 2.97 -7.63 -5.60
N MET A 39 2.97 -6.96 -6.75
CA MET A 39 3.42 -7.52 -8.02
C MET A 39 4.88 -8.02 -7.95
N VAL A 40 5.82 -7.19 -7.44
CA VAL A 40 7.23 -7.59 -7.29
C VAL A 40 7.45 -8.62 -6.17
N LYS A 41 6.76 -8.46 -5.03
CA LYS A 41 6.77 -9.40 -3.89
C LYS A 41 5.94 -10.68 -4.10
N GLN A 42 5.17 -10.78 -5.18
CA GLN A 42 4.13 -11.78 -5.49
C GLN A 42 3.33 -12.22 -4.27
N LEU A 43 2.65 -11.25 -3.65
CA LEU A 43 1.82 -11.46 -2.48
C LEU A 43 0.37 -11.75 -2.91
N TYR A 44 0.15 -12.43 -4.04
CA TYR A 44 -1.18 -12.75 -4.54
C TYR A 44 -1.38 -14.25 -4.84
N ASP A 45 -2.64 -14.70 -4.87
CA ASP A 45 -2.99 -16.10 -5.15
C ASP A 45 -2.83 -16.43 -6.64
N GLN A 46 -2.13 -17.51 -6.97
CA GLN A 46 -2.06 -18.10 -8.32
C GLN A 46 -3.44 -18.25 -9.00
N GLN A 47 -4.41 -18.73 -8.23
CA GLN A 47 -5.77 -19.05 -8.64
C GLN A 47 -6.69 -17.82 -8.72
N GLU A 48 -6.33 -16.73 -8.02
CA GLU A 48 -7.08 -15.48 -7.94
C GLU A 48 -6.12 -14.28 -7.80
N GLN A 49 -5.60 -13.80 -8.93
CA GLN A 49 -4.52 -12.80 -8.98
C GLN A 49 -4.87 -11.45 -8.33
N HIS A 50 -6.15 -11.09 -8.35
CA HIS A 50 -6.76 -9.93 -7.68
C HIS A 50 -6.93 -10.11 -6.16
N MET A 51 -6.64 -11.29 -5.60
CA MET A 51 -6.71 -11.58 -4.16
C MET A 51 -5.30 -11.63 -3.56
N VAL A 52 -5.06 -10.84 -2.51
CA VAL A 52 -3.72 -10.57 -1.95
C VAL A 52 -3.55 -11.29 -0.59
N TYR A 53 -2.44 -11.99 -0.40
CA TYR A 53 -1.99 -12.65 0.84
C TYR A 53 -0.71 -11.98 1.38
N CYS A 54 -0.84 -11.10 2.38
CA CYS A 54 0.24 -10.36 3.04
C CYS A 54 0.71 -10.94 4.40
N GLY A 55 0.29 -12.15 4.78
CA GLY A 55 0.65 -12.76 6.06
C GLY A 55 2.17 -12.82 6.29
N GLY A 56 2.63 -12.20 7.38
CA GLY A 56 4.05 -12.10 7.76
C GLY A 56 4.86 -10.99 7.06
N ASP A 57 4.25 -10.19 6.18
CA ASP A 57 4.90 -9.08 5.48
C ASP A 57 4.77 -7.73 6.22
N LEU A 58 5.61 -6.74 5.91
CA LEU A 58 5.47 -5.35 6.39
C LEU A 58 4.10 -4.78 6.00
N LEU A 59 3.69 -4.98 4.74
CA LEU A 59 2.35 -4.60 4.28
C LEU A 59 1.23 -5.26 5.10
N GLY A 60 1.40 -6.54 5.48
CA GLY A 60 0.47 -7.24 6.36
C GLY A 60 0.43 -6.67 7.79
N GLU A 61 1.57 -6.24 8.32
CA GLU A 61 1.68 -5.60 9.63
C GLU A 61 0.99 -4.22 9.65
N LEU A 62 1.12 -3.45 8.57
CA LEU A 62 0.40 -2.19 8.37
C LEU A 62 -1.13 -2.41 8.27
N LEU A 63 -1.55 -3.41 7.50
CA LEU A 63 -2.95 -3.79 7.32
C LEU A 63 -3.60 -4.34 8.60
N GLY A 64 -2.83 -5.02 9.46
CA GLY A 64 -3.32 -5.73 10.64
C GLY A 64 -4.08 -7.03 10.30
N ARG A 65 -3.95 -7.50 9.05
CA ARG A 65 -4.63 -8.65 8.45
C ARG A 65 -3.76 -9.27 7.35
N GLN A 66 -3.85 -10.58 7.23
CA GLN A 66 -3.08 -11.39 6.28
C GLN A 66 -3.65 -11.40 4.85
N SER A 67 -4.86 -10.88 4.63
CA SER A 67 -5.44 -10.79 3.28
C SER A 67 -6.54 -9.73 3.08
N PHE A 68 -6.68 -9.31 1.83
CA PHE A 68 -7.70 -8.40 1.28
C PHE A 68 -7.78 -8.63 -0.24
N SER A 69 -8.81 -8.12 -0.91
CA SER A 69 -9.00 -8.28 -2.34
C SER A 69 -9.15 -6.96 -3.07
N VAL A 70 -8.76 -6.93 -4.34
CA VAL A 70 -9.03 -5.84 -5.29
C VAL A 70 -10.56 -5.64 -5.45
N LYS A 71 -11.36 -6.70 -5.20
CA LYS A 71 -12.83 -6.67 -5.15
C LYS A 71 -13.41 -6.15 -3.82
N ASP A 72 -12.60 -6.06 -2.77
CA ASP A 72 -12.96 -5.60 -1.41
C ASP A 72 -11.80 -4.77 -0.80
N PRO A 73 -11.51 -3.58 -1.36
CA PRO A 73 -10.31 -2.78 -1.05
C PRO A 73 -10.37 -1.95 0.24
N SER A 74 -11.51 -1.96 0.95
CA SER A 74 -11.80 -1.14 2.14
C SER A 74 -10.70 -1.06 3.21
N PRO A 75 -9.99 -2.15 3.62
CA PRO A 75 -9.01 -2.03 4.71
C PRO A 75 -7.77 -1.22 4.33
N LEU A 76 -7.42 -1.09 3.04
CA LEU A 76 -6.25 -0.31 2.61
C LEU A 76 -6.45 1.18 2.94
N TYR A 77 -7.61 1.73 2.57
CA TYR A 77 -7.91 3.14 2.81
C TYR A 77 -7.92 3.46 4.30
N ASP A 78 -8.35 2.51 5.14
CA ASP A 78 -8.34 2.64 6.60
C ASP A 78 -6.92 2.56 7.20
N MET A 79 -6.07 1.72 6.62
CA MET A 79 -4.64 1.70 6.94
C MET A 79 -3.96 3.03 6.54
N LEU A 80 -4.45 3.74 5.52
CA LEU A 80 -3.97 5.07 5.17
C LEU A 80 -4.54 6.09 6.16
N ARG A 81 -5.84 6.04 6.51
CA ARG A 81 -6.53 7.06 7.33
C ARG A 81 -5.75 7.55 8.56
N LYS A 82 -5.11 6.61 9.26
CA LYS A 82 -4.36 6.78 10.52
C LYS A 82 -2.82 6.77 10.39
N ASN A 83 -2.28 6.48 9.20
CA ASN A 83 -0.83 6.45 8.92
C ASN A 83 -0.38 7.57 7.97
N LEU A 84 -1.32 8.04 7.14
CA LEU A 84 -1.16 9.07 6.13
C LEU A 84 -2.33 10.07 6.17
N VAL A 85 -2.01 11.34 6.43
CA VAL A 85 -3.01 12.43 6.62
C VAL A 85 -3.59 12.98 5.31
N THR A 86 -2.89 12.74 4.20
CA THR A 86 -3.21 13.09 2.79
C THR A 86 -3.58 14.58 2.58
N LEU A 87 -4.08 14.92 1.37
CA LEU A 87 -4.55 16.27 1.03
C LEU A 87 -5.74 16.69 1.91
N ALA A 88 -6.72 15.78 2.03
CA ALA A 88 -7.88 15.84 2.91
C ALA A 88 -8.79 17.09 2.73
N THR A 89 -9.83 17.20 3.57
CA THR A 89 -10.88 18.23 3.48
C THR A 89 -11.38 18.70 4.85
N 48M B . -5.83 -2.98 -9.30
CG1 48M B . -3.45 -2.22 -6.95
CG2 48M B . -6.26 -1.37 -7.47
CG3 48M B . -5.07 -5.18 -9.93
CD1 48M B . -3.34 -3.50 -6.38
CD2 48M B . -3.33 -1.10 -6.11
CD3 48M B . -7.06 -0.22 -7.51
CD4 48M B . -6.35 -2.19 -6.34
CD5 48M B . -6.32 -5.49 -10.51
CD6 48M B . -4.14 -6.22 -9.77
CE1 48M B . -3.21 -3.65 -5.00
CE2 48M B . -3.20 -1.26 -4.73
CE3 48M B . -7.88 0.12 -6.44
CE4 48M B . -7.13 -1.83 -5.25
CE5 48M B . -6.59 -6.77 -11.00
CE6 48M B . -4.41 -7.50 -10.28
CZ1 48M B . -3.17 -2.53 -4.18
CZ2 48M B . -7.91 -0.68 -5.29
CZ3 48M B . -5.63 -7.77 -10.91
CL2 48M B . -3.10 -2.70 -2.46
CL1 48M B . -7.07 -2.83 -3.84
CM1 48M B . -5.88 -9.05 -11.49
CM2 48M B . -3.09 -7.50 -7.13
CM3 48M B . -0.94 -6.36 -7.82
NM1 48M B . -6.12 -10.06 -11.97
C1 48M B . -0.93 -5.39 -12.70
N1 48M B . -2.09 -5.62 -13.34
O1 48M B . 0.06 -5.98 -13.08
C2 48M B . -3.37 -4.95 -13.04
N2 48M B . -2.25 -3.90 -11.07
C3 48M B . -3.18 -3.69 -12.19
N3 48M B . -3.58 -3.17 -9.27
C4 48M B . -0.93 -4.42 -11.53
C5 48M B . -2.36 -3.33 -9.84
O5 48M B . -1.35 -2.94 -9.27
C6 48M B . -4.85 -3.75 -9.56
O6 48M B . -2.97 -6.00 -9.05
C7 48M B . -5.37 -1.74 -8.66
C8 48M B . -3.84 -2.01 -8.41
C9 48M B . -2.24 -7.01 -8.31
HD1 48M B . -3.43 -4.38 -7.01
HD2 48M B . -3.40 -0.10 -6.53
HD3 48M B . -7.04 0.41 -8.40
HD4 48M B . -5.80 -3.10 -6.29
HD5 48M B . -7.08 -4.73 -10.64
HE1 48M B . -3.19 -4.64 -4.57
HE2 48M B . -3.17 -0.39 -4.09
HE3 48M B . -8.50 1.01 -6.48
HE5 48M B . -7.54 -6.97 -11.48
HE6 48M B . -3.67 -8.29 -10.19
HZ2 48M B . -8.52 -0.40 -4.44
HM21 48M B . -3.34 -6.69 -6.45
HM22 48M B . -4.02 -7.95 -7.48
HM23 48M B . -2.54 -8.27 -6.56
HM31 48M B . -1.15 -5.55 -7.12
HM32 48M B . -0.32 -7.10 -7.32
HM33 48M B . -0.38 -5.95 -8.66
HN1 48M B . -2.06 -6.28 -14.11
H21 48M B . -3.86 -4.69 -13.98
H22 48M B . -4.01 -5.65 -12.50
H31 48M B . -2.75 -2.90 -12.83
H32 48M B . -4.16 -3.31 -11.86
H41 48M B . -0.44 -4.94 -10.71
H42 48M B . -0.30 -3.57 -11.83
H7 48M B . -5.43 -0.94 -9.41
H8 48M B . -3.28 -1.16 -8.80
H9 48M B . -1.99 -7.84 -8.98
N GLN A 1 6.96 18.26 -11.08
CA GLN A 1 7.01 18.61 -9.66
C GLN A 1 5.72 18.22 -8.92
N ILE A 2 5.84 17.94 -7.62
CA ILE A 2 4.75 17.50 -6.73
C ILE A 2 4.54 18.48 -5.56
N ASN A 3 3.28 18.64 -5.15
CA ASN A 3 2.84 19.51 -4.05
C ASN A 3 2.03 18.73 -2.98
N GLN A 4 2.57 17.59 -2.57
CA GLN A 4 1.92 16.55 -1.74
C GLN A 4 2.73 16.19 -0.49
N VAL A 5 2.19 15.24 0.28
CA VAL A 5 2.66 14.88 1.63
C VAL A 5 3.31 13.50 1.72
N ARG A 6 4.17 13.31 2.73
CA ARG A 6 4.82 12.04 3.06
C ARG A 6 4.00 11.19 4.07
N PRO A 7 3.88 9.86 3.85
CA PRO A 7 3.34 8.94 4.85
C PRO A 7 4.36 8.74 6.00
N LYS A 8 3.88 8.26 7.15
CA LYS A 8 4.74 7.87 8.29
C LYS A 8 5.64 6.67 7.90
N LEU A 9 6.76 6.51 8.59
CA LEU A 9 7.81 5.52 8.31
C LEU A 9 7.29 4.08 8.07
N PRO A 10 6.43 3.48 8.93
CA PRO A 10 5.87 2.15 8.70
C PRO A 10 5.17 1.94 7.37
N LEU A 11 4.41 2.93 6.95
CA LEU A 11 3.75 2.89 5.65
C LEU A 11 4.75 3.17 4.52
N LEU A 12 5.57 4.22 4.64
CA LEU A 12 6.58 4.59 3.62
C LEU A 12 7.53 3.42 3.30
N LYS A 13 7.86 2.57 4.29
CA LYS A 13 8.65 1.36 4.10
C LYS A 13 8.12 0.43 3.01
N ILE A 14 6.80 0.24 2.93
CA ILE A 14 6.15 -0.58 1.87
C ILE A 14 6.43 0.04 0.48
N LEU A 15 6.19 1.35 0.35
CA LEU A 15 6.33 2.11 -0.90
C LEU A 15 7.79 2.09 -1.39
N HIS A 16 8.74 2.30 -0.48
CA HIS A 16 10.17 2.27 -0.76
C HIS A 16 10.66 0.85 -1.06
N ALA A 17 10.18 -0.16 -0.33
CA ALA A 17 10.41 -1.58 -0.61
C ALA A 17 9.88 -2.00 -2.00
N ALA A 18 8.90 -1.24 -2.54
CA ALA A 18 8.45 -1.39 -3.92
C ALA A 18 9.30 -0.62 -4.95
N GLY A 19 9.99 0.47 -4.54
CA GLY A 19 10.68 1.39 -5.45
C GLY A 19 9.82 2.58 -5.89
N ALA A 20 9.43 3.43 -4.93
CA ALA A 20 8.68 4.67 -5.18
C ALA A 20 9.53 5.77 -5.86
N GLN A 21 8.86 6.79 -6.42
CA GLN A 21 9.47 7.88 -7.20
C GLN A 21 9.72 9.16 -6.37
N GLY A 22 9.90 9.01 -5.06
CA GLY A 22 10.08 10.11 -4.10
C GLY A 22 9.65 9.76 -2.67
N GLU A 23 9.31 10.80 -1.90
CA GLU A 23 8.76 10.69 -0.55
C GLU A 23 7.41 11.42 -0.37
N MET A 24 6.97 12.20 -1.37
CA MET A 24 5.77 13.07 -1.32
C MET A 24 4.81 12.71 -2.46
N PHE A 25 3.57 12.32 -2.13
CA PHE A 25 2.59 11.82 -3.11
C PHE A 25 1.13 11.92 -2.63
N THR A 26 0.18 11.84 -3.56
CA THR A 26 -1.27 11.70 -3.32
C THR A 26 -1.65 10.26 -2.94
N VAL A 27 -2.87 10.04 -2.43
CA VAL A 27 -3.48 8.74 -2.09
C VAL A 27 -3.42 7.78 -3.28
N LYS A 28 -3.73 8.31 -4.48
CA LYS A 28 -3.76 7.59 -5.74
C LYS A 28 -2.37 7.18 -6.24
N GLU A 29 -1.33 7.95 -5.92
CA GLU A 29 0.07 7.57 -6.18
C GLU A 29 0.60 6.58 -5.12
N VAL A 30 0.38 6.84 -3.83
CA VAL A 30 0.87 5.95 -2.75
C VAL A 30 0.34 4.53 -2.90
N MET A 31 -0.97 4.41 -3.15
CA MET A 31 -1.62 3.12 -3.32
C MET A 31 -1.20 2.38 -4.60
N HIS A 32 -0.74 3.08 -5.64
CA HIS A 32 -0.19 2.44 -6.86
C HIS A 32 1.09 1.64 -6.57
N TYR A 33 1.94 2.15 -5.66
CA TYR A 33 3.11 1.41 -5.19
C TYR A 33 2.73 0.11 -4.46
N LEU A 34 1.54 -0.01 -3.85
CA LEU A 34 1.07 -1.29 -3.30
C LEU A 34 0.85 -2.33 -4.42
N GLY A 35 0.22 -1.93 -5.52
CA GLY A 35 0.02 -2.79 -6.69
C GLY A 35 1.34 -3.31 -7.25
N GLN A 36 2.32 -2.41 -7.44
CA GLN A 36 3.67 -2.81 -7.89
C GLN A 36 4.41 -3.63 -6.82
N TYR A 37 4.25 -3.32 -5.53
CA TYR A 37 4.84 -4.07 -4.42
C TYR A 37 4.36 -5.52 -4.45
N ILE A 38 3.04 -5.75 -4.54
CA ILE A 38 2.45 -7.09 -4.60
C ILE A 38 2.92 -7.80 -5.86
N MET A 39 2.99 -7.10 -7.00
CA MET A 39 3.46 -7.67 -8.26
C MET A 39 4.93 -8.11 -8.21
N VAL A 40 5.83 -7.34 -7.55
CA VAL A 40 7.25 -7.70 -7.38
C VAL A 40 7.48 -8.74 -6.27
N LYS A 41 6.73 -8.65 -5.17
CA LYS A 41 6.69 -9.64 -4.08
C LYS A 41 5.87 -10.91 -4.40
N GLN A 42 5.09 -10.91 -5.48
CA GLN A 42 4.07 -11.88 -5.92
C GLN A 42 3.24 -12.44 -4.77
N LEU A 43 2.48 -11.56 -4.08
CA LEU A 43 1.70 -11.92 -2.90
C LEU A 43 0.31 -12.48 -3.24
N TYR A 44 -0.05 -12.63 -4.51
CA TYR A 44 -1.40 -12.98 -4.94
C TYR A 44 -1.61 -14.47 -5.23
N ASP A 45 -2.86 -14.94 -5.17
CA ASP A 45 -3.24 -16.34 -5.44
C ASP A 45 -3.16 -16.68 -6.94
N GLN A 46 -2.49 -17.80 -7.26
CA GLN A 46 -2.46 -18.38 -8.61
C GLN A 46 -3.85 -18.68 -9.19
N GLN A 47 -4.79 -19.17 -8.36
CA GLN A 47 -6.15 -19.52 -8.80
C GLN A 47 -7.05 -18.29 -9.03
N GLU A 48 -6.78 -17.18 -8.34
CA GLU A 48 -7.55 -15.94 -8.45
C GLU A 48 -6.67 -14.72 -8.10
N GLN A 49 -6.10 -14.11 -9.14
CA GLN A 49 -5.06 -13.08 -9.02
C GLN A 49 -5.51 -11.83 -8.25
N HIS A 50 -6.82 -11.65 -8.05
CA HIS A 50 -7.41 -10.60 -7.22
C HIS A 50 -7.01 -10.68 -5.76
N MET A 51 -6.88 -11.90 -5.25
CA MET A 51 -6.71 -12.20 -3.83
C MET A 51 -5.24 -12.07 -3.43
N VAL A 52 -4.96 -11.11 -2.56
CA VAL A 52 -3.61 -10.80 -2.06
C VAL A 52 -3.47 -11.43 -0.67
N TYR A 53 -2.34 -12.09 -0.42
CA TYR A 53 -2.00 -12.79 0.82
C TYR A 53 -0.67 -12.25 1.41
N CYS A 54 -0.81 -11.26 2.30
CA CYS A 54 0.28 -10.58 3.02
C CYS A 54 0.62 -11.20 4.39
N GLY A 55 0.14 -12.41 4.71
CA GLY A 55 0.44 -13.07 5.97
C GLY A 55 1.96 -13.25 6.19
N GLY A 56 2.49 -12.62 7.24
CA GLY A 56 3.93 -12.59 7.55
C GLY A 56 4.75 -11.51 6.79
N ASP A 57 4.11 -10.69 5.96
CA ASP A 57 4.76 -9.55 5.26
C ASP A 57 4.66 -8.24 6.08
N LEU A 58 5.55 -7.27 5.80
CA LEU A 58 5.45 -5.94 6.39
C LEU A 58 4.13 -5.26 6.03
N LEU A 59 3.70 -5.35 4.75
CA LEU A 59 2.40 -4.82 4.34
C LEU A 59 1.24 -5.47 5.14
N GLY A 60 1.35 -6.76 5.47
CA GLY A 60 0.36 -7.48 6.29
C GLY A 60 0.33 -7.01 7.75
N GLU A 61 1.50 -6.78 8.36
CA GLU A 61 1.61 -6.23 9.71
C GLU A 61 1.05 -4.80 9.80
N LEU A 62 1.29 -4.00 8.75
CA LEU A 62 0.72 -2.66 8.59
C LEU A 62 -0.82 -2.69 8.44
N LEU A 63 -1.35 -3.64 7.67
CA LEU A 63 -2.78 -3.89 7.48
C LEU A 63 -3.48 -4.42 8.74
N GLY A 64 -2.77 -5.20 9.56
CA GLY A 64 -3.35 -5.94 10.70
C GLY A 64 -4.16 -7.19 10.28
N ARG A 65 -4.07 -7.58 9.00
CA ARG A 65 -4.76 -8.71 8.36
C ARG A 65 -3.90 -9.31 7.25
N GLN A 66 -3.99 -10.63 7.10
CA GLN A 66 -3.23 -11.40 6.11
C GLN A 66 -3.76 -11.25 4.68
N SER A 67 -4.97 -10.73 4.47
CA SER A 67 -5.57 -10.73 3.13
C SER A 67 -6.66 -9.69 2.84
N PHE A 68 -6.75 -9.31 1.56
CA PHE A 68 -7.70 -8.41 0.90
C PHE A 68 -7.73 -8.74 -0.61
N SER A 69 -8.53 -8.04 -1.41
CA SER A 69 -8.48 -8.13 -2.87
C SER A 69 -8.56 -6.78 -3.57
N VAL A 70 -8.30 -6.78 -4.87
CA VAL A 70 -8.56 -5.64 -5.76
C VAL A 70 -10.06 -5.38 -5.97
N LYS A 71 -10.93 -6.34 -5.61
CA LYS A 71 -12.40 -6.20 -5.58
C LYS A 71 -12.87 -5.45 -4.32
N ASP A 72 -12.19 -5.64 -3.20
CA ASP A 72 -12.43 -4.98 -1.91
C ASP A 72 -11.14 -4.42 -1.28
N PRO A 73 -10.60 -3.29 -1.80
CA PRO A 73 -9.36 -2.66 -1.33
C PRO A 73 -9.52 -1.83 -0.05
N SER A 74 -10.74 -1.73 0.50
CA SER A 74 -11.13 -0.91 1.65
C SER A 74 -10.14 -0.88 2.84
N PRO A 75 -9.59 -2.00 3.36
CA PRO A 75 -8.73 -1.93 4.55
C PRO A 75 -7.38 -1.26 4.31
N LEU A 76 -6.92 -1.14 3.05
CA LEU A 76 -5.72 -0.37 2.68
C LEU A 76 -5.93 1.12 3.02
N TYR A 77 -7.05 1.67 2.58
CA TYR A 77 -7.38 3.06 2.80
C TYR A 77 -7.51 3.37 4.30
N ASP A 78 -7.90 2.39 5.12
CA ASP A 78 -7.93 2.50 6.59
C ASP A 78 -6.52 2.47 7.20
N MET A 79 -5.64 1.65 6.64
CA MET A 79 -4.20 1.67 6.94
C MET A 79 -3.55 3.02 6.57
N LEU A 80 -4.08 3.74 5.55
CA LEU A 80 -3.67 5.10 5.22
C LEU A 80 -4.27 6.07 6.22
N ARG A 81 -5.56 5.98 6.57
CA ARG A 81 -6.30 6.97 7.40
C ARG A 81 -5.52 7.49 8.63
N LYS A 82 -4.82 6.59 9.32
CA LYS A 82 -4.06 6.80 10.56
C LYS A 82 -2.52 6.86 10.42
N ASN A 83 -1.98 6.67 9.21
CA ASN A 83 -0.53 6.75 8.90
C ASN A 83 -0.20 7.83 7.86
N LEU A 84 -1.19 8.26 7.10
CA LEU A 84 -1.08 9.24 6.03
C LEU A 84 -2.30 10.17 5.93
N VAL A 85 -2.02 11.47 5.82
CA VAL A 85 -2.97 12.54 5.47
C VAL A 85 -2.28 13.43 4.42
N THR A 86 -2.96 13.77 3.32
CA THR A 86 -2.34 14.55 2.20
C THR A 86 -3.12 15.82 1.87
N LEU A 87 -2.54 16.64 0.98
CA LEU A 87 -3.15 17.88 0.49
C LEU A 87 -4.18 17.57 -0.62
N ALA A 88 -5.38 18.16 -0.52
CA ALA A 88 -6.49 17.92 -1.44
C ALA A 88 -7.40 19.16 -1.56
N THR A 89 -8.06 19.31 -2.72
CA THR A 89 -8.93 20.46 -3.07
C THR A 89 -10.16 20.05 -3.88
N 48M B . -5.66 -2.97 -10.20
CG1 48M B . -3.48 -2.46 -7.62
CG2 48M B . -6.00 -1.20 -8.46
CG3 48M B . -5.16 -5.30 -10.54
CD1 48M B . -3.58 -3.73 -7.05
CD2 48M B . -3.23 -1.37 -6.80
CD3 48M B . -6.61 -2.06 -7.53
CD4 48M B . -6.29 0.16 -8.42
CD5 48M B . -6.44 -5.52 -11.08
CD6 48M B . -4.38 -6.43 -10.24
CE1 48M B . -3.44 -3.90 -5.67
CE2 48M B . -3.10 -1.53 -5.42
CE3 48M B . -7.50 -1.56 -6.58
CE4 48M B . -7.20 0.66 -7.48
CE5 48M B . -6.91 -6.80 -11.36
CE6 48M B . -4.85 -7.71 -10.54
CZ1 48M B . -3.20 -2.80 -4.86
CZ2 48M B . -7.81 -0.20 -6.56
CZ3 48M B . -6.11 -7.90 -11.10
CL2 48M B . -3.04 -2.99 -3.15
CL1 48M B . -7.57 2.35 -7.45
CM1 48M B . -6.63 -9.22 -11.40
CM2 48M B . -3.25 -7.77 -7.62
CM3 48M B . -1.10 -6.71 -8.40
NM1 48M B . -7.06 -10.24 -11.64
C1 48M B . -0.47 -5.28 -13.45
N1 48M B . -1.28 -4.78 -14.40
O1 48M B . 0.48 -5.96 -13.80
C2 48M B . -2.46 -3.96 -14.11
N2 48M B . -2.06 -4.29 -11.63
C3 48M B . -3.06 -4.27 -12.73
N3 48M B . -3.46 -3.44 -9.93
C4 48M B . -0.76 -4.96 -11.98
C5 48M B . -2.22 -3.73 -10.40
O5 48M B . -1.24 -3.44 -9.74
C6 48M B . -4.76 -3.87 -10.30
O6 48M B . -3.17 -6.28 -9.57
C7 48M B . -5.08 -1.76 -9.55
C8 48M B . -3.66 -2.23 -9.13
C9 48M B . -2.44 -7.31 -8.85
HD1 48M B . -3.77 -4.61 -7.66
HD2 48M B . -3.16 -0.36 -7.23
HD3 48M B . -6.39 -3.12 -7.55
HD4 48M B . -5.84 0.83 -9.14
HD5 48M B . -7.10 -4.67 -11.31
HE1 48M B . -3.51 -4.89 -5.23
HE2 48M B . -2.91 -0.67 -4.79
HE3 48M B . -7.98 -2.22 -5.87
HE5 48M B . -7.90 -6.92 -11.80
HE6 48M B . -4.25 -8.60 -10.33
HZ2 48M B . -8.51 0.20 -5.84
HM21 48M B . -3.42 -6.94 -6.94
HM22 48M B . -4.22 -8.19 -7.90
HM23 48M B . -2.70 -8.54 -7.08
HM31 48M B . -0.52 -6.38 -9.26
HM32 48M B . -1.26 -5.84 -7.75
HM33 48M B . -0.51 -7.45 -7.86
HN1 48M B . -1.05 -5.00 -15.35
H21 48M B . -2.16 -2.91 -14.13
H22 48M B . -3.21 -4.13 -14.88
H31 48M B . -3.81 -3.50 -12.55
H32 48M B . -3.55 -5.25 -12.77
H41 48M B . -0.71 -5.92 -11.47
H42 48M B . 0.06 -4.33 -11.66
H7 48M B . -4.96 -1.00 -10.33
H8 48M B . -2.95 -1.46 -9.45
H9 48M B . -2.25 -8.16 -9.52
N GLN A 1 9.64 17.78 -8.70
CA GLN A 1 9.37 17.90 -7.26
C GLN A 1 7.85 17.91 -6.95
N ILE A 2 7.48 17.35 -5.79
CA ILE A 2 6.10 17.18 -5.33
C ILE A 2 5.81 18.01 -4.08
N ASN A 3 4.54 18.46 -3.94
CA ASN A 3 4.05 19.32 -2.85
C ASN A 3 2.96 18.62 -2.00
N GLN A 4 3.20 17.35 -1.68
CA GLN A 4 2.29 16.37 -1.07
C GLN A 4 2.85 15.78 0.24
N VAL A 5 2.13 14.81 0.80
CA VAL A 5 2.34 14.28 2.17
C VAL A 5 3.06 12.92 2.25
N ARG A 6 3.68 12.67 3.41
CA ARG A 6 4.60 11.56 3.69
C ARG A 6 4.00 10.54 4.70
N PRO A 7 3.99 9.22 4.41
CA PRO A 7 3.65 8.18 5.39
C PRO A 7 4.67 8.09 6.53
N LYS A 8 4.34 7.39 7.63
CA LYS A 8 5.31 7.05 8.68
C LYS A 8 6.41 6.13 8.15
N LEU A 9 7.57 6.13 8.81
CA LEU A 9 8.73 5.28 8.51
C LEU A 9 8.40 3.80 8.22
N PRO A 10 7.63 3.07 9.07
CA PRO A 10 7.24 1.68 8.77
C PRO A 10 6.29 1.55 7.57
N LEU A 11 5.34 2.47 7.35
CA LEU A 11 4.42 2.40 6.20
C LEU A 11 5.14 2.74 4.88
N LEU A 12 5.99 3.77 4.88
CA LEU A 12 6.84 4.20 3.76
C LEU A 12 7.79 3.09 3.28
N LYS A 13 8.23 2.19 4.17
CA LYS A 13 9.15 1.10 3.86
C LYS A 13 8.64 0.20 2.74
N ILE A 14 7.34 -0.03 2.68
CA ILE A 14 6.67 -0.82 1.64
C ILE A 14 6.79 -0.09 0.28
N LEU A 15 6.53 1.22 0.24
CA LEU A 15 6.61 2.03 -0.97
C LEU A 15 8.04 2.07 -1.51
N HIS A 16 9.02 2.22 -0.61
CA HIS A 16 10.45 2.24 -0.96
C HIS A 16 10.98 0.87 -1.39
N ALA A 17 10.56 -0.20 -0.73
CA ALA A 17 10.87 -1.58 -1.12
C ALA A 17 10.35 -1.91 -2.53
N ALA A 18 9.30 -1.21 -2.97
CA ALA A 18 8.81 -1.28 -4.34
C ALA A 18 9.53 -0.34 -5.32
N GLY A 19 10.17 0.74 -4.85
CA GLY A 19 10.77 1.79 -5.69
C GLY A 19 9.80 2.94 -5.98
N ALA A 20 9.56 3.80 -4.98
CA ALA A 20 8.72 4.99 -5.10
C ALA A 20 9.47 6.20 -5.71
N GLN A 21 8.71 7.22 -6.14
CA GLN A 21 9.22 8.41 -6.83
C GLN A 21 9.52 9.60 -5.87
N GLY A 22 9.85 9.29 -4.62
CA GLY A 22 10.12 10.27 -3.56
C GLY A 22 9.70 9.81 -2.16
N GLU A 23 9.38 10.77 -1.30
CA GLU A 23 8.80 10.56 0.05
C GLU A 23 7.49 11.35 0.28
N MET A 24 7.03 12.12 -0.71
CA MET A 24 5.87 13.02 -0.65
C MET A 24 4.96 12.71 -1.84
N PHE A 25 3.74 12.23 -1.59
CA PHE A 25 2.78 11.80 -2.63
C PHE A 25 1.31 11.92 -2.16
N THR A 26 0.36 11.86 -3.09
CA THR A 26 -1.09 11.75 -2.83
C THR A 26 -1.52 10.31 -2.49
N VAL A 27 -2.75 10.12 -1.98
CA VAL A 27 -3.40 8.83 -1.65
C VAL A 27 -3.35 7.86 -2.82
N LYS A 28 -3.62 8.42 -4.01
CA LYS A 28 -3.68 7.71 -5.29
C LYS A 28 -2.31 7.27 -5.80
N GLU A 29 -1.25 8.02 -5.48
CA GLU A 29 0.14 7.64 -5.71
C GLU A 29 0.63 6.61 -4.65
N VAL A 30 0.42 6.87 -3.35
CA VAL A 30 0.88 5.96 -2.29
C VAL A 30 0.32 4.55 -2.43
N MET A 31 -0.99 4.45 -2.67
CA MET A 31 -1.65 3.15 -2.85
C MET A 31 -1.19 2.39 -4.11
N HIS A 32 -0.77 3.09 -5.18
CA HIS A 32 -0.29 2.45 -6.43
C HIS A 32 1.00 1.65 -6.21
N TYR A 33 1.91 2.15 -5.36
CA TYR A 33 3.12 1.43 -4.98
C TYR A 33 2.83 0.09 -4.27
N LEU A 34 1.68 -0.06 -3.59
CA LEU A 34 1.30 -1.34 -3.00
C LEU A 34 1.02 -2.37 -4.09
N GLY A 35 0.32 -1.98 -5.16
CA GLY A 35 0.08 -2.83 -6.33
C GLY A 35 1.37 -3.29 -7.00
N GLN A 36 2.31 -2.37 -7.24
CA GLN A 36 3.61 -2.73 -7.83
C GLN A 36 4.46 -3.58 -6.86
N TYR A 37 4.40 -3.31 -5.54
CA TYR A 37 5.07 -4.12 -4.52
C TYR A 37 4.57 -5.56 -4.58
N ILE A 38 3.25 -5.79 -4.57
CA ILE A 38 2.66 -7.14 -4.65
C ILE A 38 3.05 -7.82 -5.97
N MET A 39 3.05 -7.08 -7.08
CA MET A 39 3.40 -7.60 -8.40
C MET A 39 4.86 -8.08 -8.48
N VAL A 40 5.80 -7.34 -7.86
CA VAL A 40 7.22 -7.76 -7.78
C VAL A 40 7.44 -8.85 -6.72
N LYS A 41 6.79 -8.74 -5.56
CA LYS A 41 6.84 -9.72 -4.45
C LYS A 41 5.99 -10.98 -4.64
N GLN A 42 5.15 -11.05 -5.70
CA GLN A 42 4.09 -12.03 -5.99
C GLN A 42 3.37 -12.51 -4.72
N LEU A 43 2.76 -11.54 -4.02
CA LEU A 43 2.01 -11.78 -2.79
C LEU A 43 0.54 -12.01 -3.11
N TYR A 44 0.25 -12.75 -4.19
CA TYR A 44 -1.12 -13.12 -4.57
C TYR A 44 -1.34 -14.64 -4.66
N ASP A 45 -2.60 -15.06 -4.76
CA ASP A 45 -2.97 -16.47 -4.97
C ASP A 45 -2.66 -16.96 -6.40
N GLN A 46 -2.22 -18.22 -6.49
CA GLN A 46 -1.88 -18.96 -7.70
C GLN A 46 -3.02 -19.01 -8.73
N GLN A 47 -4.22 -19.30 -8.23
CA GLN A 47 -5.48 -19.34 -9.01
C GLN A 47 -6.16 -17.97 -9.11
N GLU A 48 -6.07 -17.12 -8.08
CA GLU A 48 -6.74 -15.80 -8.01
C GLU A 48 -5.76 -14.64 -7.81
N GLN A 49 -5.17 -14.14 -8.90
CA GLN A 49 -4.17 -13.06 -8.88
C GLN A 49 -4.64 -11.75 -8.22
N HIS A 50 -5.95 -11.47 -8.23
CA HIS A 50 -6.59 -10.33 -7.56
C HIS A 50 -6.82 -10.53 -6.05
N MET A 51 -6.66 -11.76 -5.52
CA MET A 51 -6.63 -12.07 -4.08
C MET A 51 -5.19 -12.00 -3.57
N VAL A 52 -4.95 -11.19 -2.55
CA VAL A 52 -3.61 -10.82 -2.06
C VAL A 52 -3.35 -11.50 -0.70
N TYR A 53 -2.15 -12.06 -0.51
CA TYR A 53 -1.70 -12.86 0.64
C TYR A 53 -0.29 -12.41 1.09
N CYS A 54 -0.24 -11.53 2.10
CA CYS A 54 0.95 -10.83 2.61
C CYS A 54 1.49 -11.35 3.96
N GLY A 55 0.98 -12.48 4.46
CA GLY A 55 1.35 -13.04 5.77
C GLY A 55 2.87 -13.18 5.95
N GLY A 56 3.42 -12.46 6.94
CA GLY A 56 4.85 -12.45 7.28
C GLY A 56 5.70 -11.41 6.54
N ASP A 57 5.15 -10.58 5.64
CA ASP A 57 5.90 -9.47 5.00
C ASP A 57 5.59 -8.09 5.61
N LEU A 58 6.39 -7.09 5.27
CA LEU A 58 6.21 -5.69 5.69
C LEU A 58 4.84 -5.15 5.28
N LEU A 59 4.37 -5.44 4.06
CA LEU A 59 3.02 -5.06 3.64
C LEU A 59 1.93 -5.68 4.55
N GLY A 60 2.09 -6.94 4.96
CA GLY A 60 1.20 -7.59 5.93
C GLY A 60 1.24 -6.91 7.31
N GLU A 61 2.43 -6.48 7.77
CA GLU A 61 2.59 -5.74 9.02
C GLU A 61 1.97 -4.33 8.95
N LEU A 62 2.09 -3.65 7.81
CA LEU A 62 1.43 -2.37 7.52
C LEU A 62 -0.10 -2.50 7.58
N LEU A 63 -0.64 -3.59 7.03
CA LEU A 63 -2.07 -3.89 7.02
C LEU A 63 -2.61 -4.38 8.38
N GLY A 64 -1.79 -5.07 9.17
CA GLY A 64 -2.21 -5.77 10.39
C GLY A 64 -2.98 -7.07 10.11
N ARG A 65 -2.98 -7.53 8.85
CA ARG A 65 -3.68 -8.73 8.33
C ARG A 65 -2.91 -9.35 7.16
N GLN A 66 -2.98 -10.67 7.08
CA GLN A 66 -2.32 -11.47 6.03
C GLN A 66 -3.00 -11.39 4.67
N SER A 67 -4.23 -10.90 4.57
CA SER A 67 -4.97 -10.92 3.30
C SER A 67 -6.06 -9.88 3.10
N PHE A 68 -6.29 -9.54 1.82
CA PHE A 68 -7.30 -8.62 1.29
C PHE A 68 -7.49 -8.92 -0.21
N SER A 69 -8.32 -8.16 -0.91
CA SER A 69 -8.56 -8.32 -2.36
C SER A 69 -8.57 -6.99 -3.10
N VAL A 70 -8.16 -7.03 -4.37
CA VAL A 70 -8.32 -5.96 -5.37
C VAL A 70 -9.79 -5.50 -5.43
N LYS A 71 -10.72 -6.45 -5.18
CA LYS A 71 -12.18 -6.29 -5.23
C LYS A 71 -12.80 -5.93 -3.87
N ASP A 72 -11.98 -5.83 -2.82
CA ASP A 72 -12.36 -5.42 -1.45
C ASP A 72 -11.23 -4.55 -0.83
N PRO A 73 -11.03 -3.31 -1.31
CA PRO A 73 -9.87 -2.47 -0.98
C PRO A 73 -9.91 -1.83 0.43
N SER A 74 -11.05 -1.85 1.11
CA SER A 74 -11.32 -1.12 2.36
C SER A 74 -10.24 -1.18 3.46
N PRO A 75 -9.51 -2.29 3.70
CA PRO A 75 -8.51 -2.34 4.77
C PRO A 75 -7.28 -1.47 4.49
N LEU A 76 -6.89 -1.36 3.21
CA LEU A 76 -5.88 -0.41 2.74
C LEU A 76 -6.34 1.01 3.04
N TYR A 77 -7.61 1.30 2.74
CA TYR A 77 -8.13 2.65 2.88
C TYR A 77 -8.24 3.05 4.35
N ASP A 78 -8.60 2.12 5.22
CA ASP A 78 -8.57 2.32 6.68
C ASP A 78 -7.17 2.59 7.23
N MET A 79 -6.15 1.88 6.75
CA MET A 79 -4.76 2.11 7.17
C MET A 79 -4.14 3.40 6.59
N LEU A 80 -4.55 3.86 5.41
CA LEU A 80 -4.09 5.13 4.86
C LEU A 80 -4.77 6.30 5.58
N ARG A 81 -6.08 6.21 5.88
CA ARG A 81 -6.85 7.37 6.36
C ARG A 81 -6.39 8.00 7.67
N LYS A 82 -5.78 7.18 8.54
CA LYS A 82 -5.07 7.58 9.76
C LYS A 82 -3.54 7.68 9.64
N ASN A 83 -2.89 7.13 8.60
CA ASN A 83 -1.42 7.29 8.45
C ASN A 83 -1.04 8.51 7.61
N LEU A 84 -1.76 8.68 6.49
CA LEU A 84 -1.68 9.88 5.66
C LEU A 84 -2.69 10.93 6.13
N VAL A 85 -2.37 12.20 5.86
CA VAL A 85 -3.29 13.34 6.03
C VAL A 85 -3.28 14.16 4.73
N THR A 86 -3.99 13.67 3.71
CA THR A 86 -3.94 14.20 2.33
C THR A 86 -4.79 15.46 2.15
N LEU A 87 -4.47 16.22 1.09
CA LEU A 87 -5.23 17.37 0.59
C LEU A 87 -6.54 16.94 -0.12
N ALA A 88 -6.65 15.66 -0.50
CA ALA A 88 -7.79 15.10 -1.23
C ALA A 88 -9.13 15.27 -0.47
N THR A 89 -10.18 15.63 -1.19
CA THR A 89 -11.50 15.98 -0.64
C THR A 89 -12.68 15.59 -1.55
N 48M B . -5.69 -3.49 -9.46
CG1 48M B . -3.39 -2.63 -7.07
CG2 48M B . -6.16 -1.73 -7.72
CG3 48M B . -4.88 -5.67 -10.04
CD1 48M B . -3.34 -3.89 -6.47
CD2 48M B . -3.19 -1.50 -6.28
CD3 48M B . -6.86 -0.53 -7.85
CD4 48M B . -6.33 -2.47 -6.55
CD5 48M B . -6.12 -6.02 -10.62
CD6 48M B . -3.93 -6.70 -9.84
CE1 48M B . -3.16 -4.02 -5.10
CE2 48M B . -3.00 -1.61 -4.92
CE3 48M B . -7.67 -0.06 -6.83
CE4 48M B . -7.08 -1.97 -5.49
CE5 48M B . -6.37 -7.32 -11.05
CE6 48M B . -4.20 -8.00 -10.28
CZ1 48M B . -2.99 -2.87 -4.32
CZ2 48M B . -7.77 -0.77 -5.63
CZ3 48M B . -5.41 -8.30 -10.90
CL2 48M B . -2.80 -3.01 -2.61
CL1 48M B . -7.09 -2.82 -3.98
CM1 48M B . -5.67 -9.63 -11.39
CM2 48M B . -2.80 -7.86 -7.15
CM3 48M B . -0.71 -6.69 -7.96
NM1 48M B . -5.90 -10.68 -11.81
C1 48M B . -0.30 -4.91 -13.02
N1 48M B . -1.17 -4.43 -13.91
O1 48M B . 0.74 -5.38 -13.44
C2 48M B . -2.48 -3.84 -13.56
N2 48M B . -1.99 -4.30 -11.14
C3 48M B . -3.01 -4.36 -12.21
N3 48M B . -3.42 -3.63 -9.38
C4 48M B . -0.66 -4.85 -11.53
C5 48M B . -2.17 -3.76 -9.90
O5 48M B . -1.22 -3.35 -9.28
C6 48M B . -4.68 -4.23 -9.69
O6 48M B . -2.77 -6.44 -9.14
C7 48M B . -5.25 -2.21 -8.86
C8 48M B . -3.73 -2.46 -8.56
C9 48M B . -2.00 -7.40 -8.39
HD1 48M B . -3.49 -4.79 -7.07
HD2 48M B . -3.21 -0.50 -6.73
HD3 48M B . -6.77 0.04 -8.77
HD4 48M B . -5.84 -3.43 -6.42
HD5 48M B . -6.88 -5.27 -10.78
HE1 48M B . -3.16 -4.99 -4.63
HE2 48M B . -2.87 -0.72 -4.30
HE3 48M B . -8.20 0.89 -6.95
HE5 48M B . -7.33 -7.55 -11.52
HE6 48M B . -3.46 -8.79 -10.15
HZ2 48M B . -8.37 -0.38 -4.80
HM21 48M B . -3.00 -7.04 -6.48
HM22 48M B . -3.75 -8.30 -7.46
HM23 48M B . -2.25 -8.64 -6.61
HM31 48M B . -0.02 -7.40 -7.49
HM32 48M B . -0.21 -6.27 -8.83
HM33 48M B . -0.91 -5.89 -7.25
HN1 48M B . -0.92 -4.48 -14.88
H21 48M B . -2.36 -2.76 -13.51
H22 48M B . -3.20 -4.07 -14.35
H31 48M B . -3.88 -3.74 -11.97
H32 48M B . -3.34 -5.40 -12.33
H41 48M B . -0.57 -5.87 -11.16
H42 48M B . 0.13 -4.25 -11.09
H7 48M B . -5.29 -1.46 -9.66
H8 48M B . -3.18 -1.60 -8.94
H9 48M B . -1.75 -8.25 -9.03
N GLN A 1 7.81 19.67 -8.73
CA GLN A 1 7.47 19.40 -7.33
C GLN A 1 6.00 18.96 -7.14
N ILE A 2 5.75 18.08 -6.16
CA ILE A 2 4.46 17.39 -5.98
C ILE A 2 3.43 18.16 -5.14
N ASN A 3 3.87 18.80 -4.05
CA ASN A 3 3.03 19.57 -3.11
C ASN A 3 1.98 18.73 -2.33
N GLN A 4 2.39 17.52 -1.94
CA GLN A 4 1.61 16.51 -1.20
C GLN A 4 2.38 15.98 0.03
N VAL A 5 1.80 15.05 0.77
CA VAL A 5 2.25 14.64 2.10
C VAL A 5 3.00 13.30 2.17
N ARG A 6 3.89 13.17 3.15
CA ARG A 6 4.64 11.94 3.45
C ARG A 6 3.91 11.03 4.47
N PRO A 7 3.84 9.71 4.22
CA PRO A 7 3.35 8.74 5.20
C PRO A 7 4.35 8.53 6.36
N LYS A 8 3.92 7.86 7.44
CA LYS A 8 4.79 7.39 8.53
C LYS A 8 5.73 6.27 8.05
N LEU A 9 6.80 6.02 8.81
CA LEU A 9 7.90 5.12 8.49
C LEU A 9 7.49 3.71 7.98
N PRO A 10 6.60 2.94 8.65
CA PRO A 10 6.17 1.61 8.15
C PRO A 10 5.58 1.61 6.76
N LEU A 11 4.73 2.59 6.51
CA LEU A 11 4.06 2.72 5.24
C LEU A 11 5.05 3.20 4.17
N LEU A 12 5.91 4.18 4.48
CA LEU A 12 6.98 4.59 3.58
C LEU A 12 7.92 3.42 3.23
N LYS A 13 8.23 2.53 4.18
CA LYS A 13 9.07 1.33 3.96
C LYS A 13 8.48 0.35 2.93
N ILE A 14 7.18 0.07 2.99
CA ILE A 14 6.45 -0.74 1.99
C ILE A 14 6.59 -0.09 0.59
N LEU A 15 6.34 1.22 0.47
CA LEU A 15 6.39 1.99 -0.77
C LEU A 15 7.81 2.05 -1.34
N HIS A 16 8.81 2.26 -0.49
CA HIS A 16 10.23 2.31 -0.85
C HIS A 16 10.78 0.94 -1.24
N ALA A 17 10.40 -0.12 -0.53
CA ALA A 17 10.72 -1.50 -0.90
C ALA A 17 10.11 -1.91 -2.26
N ALA A 18 9.09 -1.18 -2.72
CA ALA A 18 8.57 -1.30 -4.07
C ALA A 18 9.33 -0.46 -5.11
N GLY A 19 9.98 0.64 -4.71
CA GLY A 19 10.63 1.60 -5.61
C GLY A 19 9.73 2.82 -5.92
N ALA A 20 9.26 3.51 -4.88
CA ALA A 20 8.49 4.76 -5.01
C ALA A 20 9.28 5.90 -5.68
N GLN A 21 8.53 6.88 -6.20
CA GLN A 21 9.05 7.99 -7.00
C GLN A 21 9.22 9.29 -6.18
N GLY A 22 9.46 9.15 -4.87
CA GLY A 22 9.64 10.25 -3.92
C GLY A 22 9.37 9.85 -2.46
N GLU A 23 9.05 10.85 -1.63
CA GLU A 23 8.61 10.70 -0.24
C GLU A 23 7.26 11.39 0.06
N MET A 24 6.80 12.27 -0.83
CA MET A 24 5.55 13.06 -0.73
C MET A 24 4.61 12.64 -1.87
N PHE A 25 3.41 12.16 -1.55
CA PHE A 25 2.42 11.69 -2.55
C PHE A 25 0.99 11.67 -2.00
N THR A 26 0.01 11.66 -2.90
CA THR A 26 -1.42 11.43 -2.62
C THR A 26 -1.75 9.95 -2.36
N VAL A 27 -2.96 9.66 -1.88
CA VAL A 27 -3.54 8.30 -1.69
C VAL A 27 -3.43 7.49 -2.99
N LYS A 28 -3.81 8.12 -4.10
CA LYS A 28 -3.87 7.51 -5.42
C LYS A 28 -2.47 7.21 -6.00
N GLU A 29 -1.47 8.01 -5.63
CA GLU A 29 -0.06 7.75 -5.92
C GLU A 29 0.51 6.67 -4.98
N VAL A 30 0.29 6.76 -3.65
CA VAL A 30 0.87 5.80 -2.71
C VAL A 30 0.42 4.37 -2.98
N MET A 31 -0.87 4.19 -3.22
CA MET A 31 -1.44 2.89 -3.56
C MET A 31 -0.93 2.30 -4.88
N HIS A 32 -0.45 3.10 -5.84
CA HIS A 32 0.21 2.57 -7.04
C HIS A 32 1.48 1.79 -6.67
N TYR A 33 2.25 2.27 -5.67
CA TYR A 33 3.40 1.54 -5.14
C TYR A 33 2.97 0.29 -4.36
N LEU A 34 1.78 0.23 -3.75
CA LEU A 34 1.26 -1.03 -3.18
C LEU A 34 1.02 -2.07 -4.28
N GLY A 35 0.39 -1.67 -5.38
CA GLY A 35 0.15 -2.57 -6.52
C GLY A 35 1.43 -3.14 -7.11
N GLN A 36 2.44 -2.29 -7.35
CA GLN A 36 3.75 -2.73 -7.81
C GLN A 36 4.49 -3.54 -6.74
N TYR A 37 4.34 -3.21 -5.44
CA TYR A 37 4.93 -3.95 -4.33
C TYR A 37 4.40 -5.38 -4.32
N ILE A 38 3.08 -5.57 -4.36
CA ILE A 38 2.44 -6.89 -4.36
C ILE A 38 2.88 -7.67 -5.61
N MET A 39 2.94 -7.01 -6.77
CA MET A 39 3.37 -7.60 -8.03
C MET A 39 4.85 -8.08 -7.99
N VAL A 40 5.77 -7.33 -7.38
CA VAL A 40 7.19 -7.72 -7.23
C VAL A 40 7.41 -8.73 -6.10
N LYS A 41 6.69 -8.57 -4.98
CA LYS A 41 6.66 -9.50 -3.83
C LYS A 41 5.84 -10.78 -4.04
N GLN A 42 5.02 -10.83 -5.11
CA GLN A 42 3.99 -11.82 -5.46
C GLN A 42 3.17 -12.24 -4.23
N LEU A 43 2.51 -11.24 -3.62
CA LEU A 43 1.64 -11.42 -2.47
C LEU A 43 0.21 -11.65 -2.94
N TYR A 44 0.00 -12.42 -4.01
CA TYR A 44 -1.33 -12.75 -4.54
C TYR A 44 -1.54 -14.27 -4.75
N ASP A 45 -2.79 -14.70 -4.81
CA ASP A 45 -3.16 -16.11 -5.03
C ASP A 45 -2.95 -16.54 -6.48
N GLN A 46 -2.26 -17.67 -6.70
CA GLN A 46 -2.17 -18.35 -8.00
C GLN A 46 -3.53 -18.49 -8.74
N GLN A 47 -4.54 -18.88 -7.98
CA GLN A 47 -5.89 -19.19 -8.43
C GLN A 47 -6.77 -17.94 -8.63
N GLU A 48 -6.40 -16.82 -7.99
CA GLU A 48 -7.11 -15.53 -8.01
C GLU A 48 -6.10 -14.38 -7.90
N GLN A 49 -5.55 -13.94 -9.02
CA GLN A 49 -4.43 -12.99 -9.07
C GLN A 49 -4.76 -11.60 -8.49
N HIS A 50 -6.03 -11.21 -8.50
CA HIS A 50 -6.59 -10.00 -7.88
C HIS A 50 -6.82 -10.14 -6.35
N MET A 51 -6.75 -11.36 -5.80
CA MET A 51 -6.82 -11.63 -4.35
C MET A 51 -5.42 -11.61 -3.75
N VAL A 52 -5.23 -10.82 -2.69
CA VAL A 52 -3.93 -10.48 -2.10
C VAL A 52 -3.76 -11.21 -0.74
N TYR A 53 -2.58 -11.78 -0.51
CA TYR A 53 -2.16 -12.53 0.68
C TYR A 53 -0.81 -12.00 1.22
N CYS A 54 -0.89 -11.09 2.20
CA CYS A 54 0.23 -10.42 2.87
C CYS A 54 0.64 -11.04 4.22
N GLY A 55 0.21 -12.27 4.55
CA GLY A 55 0.53 -12.92 5.83
C GLY A 55 2.04 -12.99 6.10
N GLY A 56 2.49 -12.38 7.21
CA GLY A 56 3.89 -12.29 7.61
C GLY A 56 4.71 -11.16 6.94
N ASP A 57 4.11 -10.34 6.07
CA ASP A 57 4.77 -9.20 5.41
C ASP A 57 4.60 -7.88 6.19
N LEU A 58 5.46 -6.87 5.94
CA LEU A 58 5.31 -5.51 6.46
C LEU A 58 3.95 -4.91 6.08
N LEU A 59 3.55 -5.07 4.81
CA LEU A 59 2.22 -4.66 4.35
C LEU A 59 1.09 -5.32 5.15
N GLY A 60 1.22 -6.62 5.47
CA GLY A 60 0.27 -7.35 6.33
C GLY A 60 0.24 -6.84 7.77
N GLU A 61 1.41 -6.49 8.33
CA GLU A 61 1.53 -5.93 9.69
C GLU A 61 0.86 -4.55 9.79
N LEU A 62 1.01 -3.70 8.77
CA LEU A 62 0.34 -2.40 8.69
C LEU A 62 -1.18 -2.54 8.48
N LEU A 63 -1.61 -3.49 7.65
CA LEU A 63 -3.03 -3.83 7.44
C LEU A 63 -3.67 -4.42 8.72
N GLY A 64 -2.90 -5.13 9.55
CA GLY A 64 -3.39 -5.88 10.71
C GLY A 64 -4.15 -7.17 10.34
N ARG A 65 -3.99 -7.60 9.08
CA ARG A 65 -4.67 -8.73 8.42
C ARG A 65 -3.82 -9.29 7.30
N GLN A 66 -3.91 -10.60 7.10
CA GLN A 66 -3.16 -11.33 6.08
C GLN A 66 -3.72 -11.19 4.67
N SER A 67 -4.93 -10.67 4.50
CA SER A 67 -5.57 -10.64 3.16
C SER A 67 -6.66 -9.59 2.93
N PHE A 68 -6.79 -9.22 1.65
CA PHE A 68 -7.80 -8.33 1.06
C PHE A 68 -7.83 -8.58 -0.47
N SER A 69 -8.70 -7.90 -1.22
CA SER A 69 -8.80 -8.06 -2.67
C SER A 69 -8.81 -6.73 -3.41
N VAL A 70 -8.32 -6.74 -4.65
CA VAL A 70 -8.46 -5.64 -5.62
C VAL A 70 -9.95 -5.28 -5.81
N LYS A 71 -10.84 -6.27 -5.62
CA LYS A 71 -12.31 -6.17 -5.75
C LYS A 71 -13.02 -5.90 -4.40
N ASP A 72 -12.30 -5.88 -3.29
CA ASP A 72 -12.75 -5.51 -1.94
C ASP A 72 -11.59 -4.82 -1.18
N PRO A 73 -11.25 -3.57 -1.57
CA PRO A 73 -10.02 -2.87 -1.14
C PRO A 73 -10.11 -2.08 0.17
N SER A 74 -11.28 -2.02 0.81
CA SER A 74 -11.60 -1.14 1.96
C SER A 74 -10.53 -1.03 3.07
N PRO A 75 -9.88 -2.11 3.57
CA PRO A 75 -8.94 -1.98 4.68
C PRO A 75 -7.64 -1.23 4.32
N LEU A 76 -7.25 -1.13 3.04
CA LEU A 76 -6.06 -0.37 2.65
C LEU A 76 -6.26 1.12 2.94
N TYR A 77 -7.40 1.68 2.54
CA TYR A 77 -7.70 3.09 2.80
C TYR A 77 -7.75 3.38 4.29
N ASP A 78 -8.17 2.42 5.12
CA ASP A 78 -8.20 2.55 6.58
C ASP A 78 -6.79 2.50 7.21
N MET A 79 -5.92 1.67 6.64
CA MET A 79 -4.49 1.67 6.98
C MET A 79 -3.82 3.01 6.59
N LEU A 80 -4.32 3.70 5.55
CA LEU A 80 -3.85 5.02 5.17
C LEU A 80 -4.45 6.07 6.13
N ARG A 81 -5.75 6.00 6.48
CA ARG A 81 -6.47 7.03 7.26
C ARG A 81 -5.70 7.59 8.47
N LYS A 82 -5.00 6.70 9.19
CA LYS A 82 -4.23 6.95 10.41
C LYS A 82 -2.69 6.97 10.24
N ASN A 83 -2.17 6.64 9.06
CA ASN A 83 -0.72 6.64 8.74
C ASN A 83 -0.32 7.74 7.75
N LEU A 84 -1.28 8.14 6.92
CA LEU A 84 -1.17 9.13 5.85
C LEU A 84 -2.37 10.11 5.87
N VAL A 85 -2.05 11.41 5.85
CA VAL A 85 -3.03 12.51 5.71
C VAL A 85 -2.93 13.13 4.31
N THR A 86 -4.04 13.61 3.75
CA THR A 86 -4.10 14.28 2.43
C THR A 86 -4.92 15.57 2.49
N LEU A 87 -5.18 16.21 1.34
CA LEU A 87 -5.83 17.52 1.24
C LEU A 87 -7.29 17.53 1.73
N ALA A 88 -8.00 16.41 1.55
CA ALA A 88 -9.38 16.25 1.98
C ALA A 88 -9.54 16.21 3.51
N THR A 89 -10.61 16.84 4.02
CA THR A 89 -10.88 16.99 5.47
C THR A 89 -12.38 16.95 5.82
N 48M B . -5.40 -3.19 -9.67
CG1 48M B . -3.21 -2.27 -7.25
CG2 48M B . -5.94 -1.37 -8.03
CG3 48M B . -4.51 -5.37 -10.18
CD1 48M B . -3.19 -3.52 -6.64
CD2 48M B . -3.10 -1.13 -6.44
CD3 48M B . -6.65 -0.18 -8.21
CD4 48M B . -6.14 -2.08 -6.84
CD5 48M B . -5.72 -5.76 -10.78
CD6 48M B . -3.53 -6.36 -9.96
CE1 48M B . -3.13 -3.64 -5.24
CE2 48M B . -3.05 -1.24 -5.06
CE3 48M B . -7.49 0.30 -7.20
CE4 48M B . -6.91 -1.57 -5.82
CE5 48M B . -5.90 -7.05 -11.28
CE6 48M B . -3.72 -7.65 -10.48
CZ1 48M B . -3.07 -2.50 -4.47
CZ2 48M B . -7.61 -0.38 -6.00
CZ3 48M B . -4.88 -7.98 -11.16
CL2 48M B . -3.07 -2.62 -2.74
CL1 48M B . -6.92 -2.39 -4.29
CM1 48M B . -5.03 -9.27 -11.79
CM2 48M B . -0.82 -7.92 -8.80
CM3 48M B . -2.80 -7.50 -7.23
NM1 48M B . -5.16 -10.26 -12.33
C1 48M B . -0.24 -5.40 -12.87
N1 48M B . -1.34 -5.70 -13.56
O1 48M B . 0.83 -5.84 -13.27
C2 48M B . -2.68 -5.16 -13.27
N2 48M B . -1.71 -4.02 -11.26
C3 48M B . -2.61 -3.87 -12.42
N3 48M B . -3.13 -3.29 -9.55
C4 48M B . -0.35 -4.50 -11.64
C5 48M B . -1.89 -3.40 -10.06
O5 48M B . -0.93 -2.94 -9.47
C6 48M B . -4.37 -3.92 -9.85
O6 48M B . -2.41 -6.06 -9.21
C7 48M B . -4.99 -1.87 -9.12
C8 48M B . -3.49 -2.10 -8.74
C9 48M B . -1.77 -6.87 -8.18
HD1 48M B . -3.28 -4.43 -7.24
HD2 48M B . -3.11 -0.13 -6.90
HD3 48M B . -6.55 0.36 -9.14
HD4 48M B . -5.64 -3.03 -6.69
HD5 48M B . -6.52 -5.04 -10.95
HE1 48M B . -3.16 -4.62 -4.78
HE2 48M B . -3.01 -0.35 -4.44
HE3 48M B . -8.04 1.23 -7.36
HE5 48M B . -6.82 -7.30 -11.80
HE6 48M B . -2.94 -8.39 -10.38
HZ2 48M B . -8.24 0.01 -5.21
HM21 48M B . 0.00 -8.13 -8.11
HM22 48M B . -1.33 -8.87 -9.01
HM23 48M B . -0.38 -7.54 -9.73
HM31 48M B . -3.46 -8.20 -7.76
HM32 48M B . -2.30 -8.06 -6.44
HM33 48M B . -3.41 -6.73 -6.76
HN1 48M B . -1.24 -6.31 -14.36
H21 48M B . -3.20 -4.95 -14.21
H22 48M B . -3.26 -5.92 -12.72
H31 48M B . -2.21 -3.08 -13.05
H32 48M B . -3.62 -3.58 -12.14
H41 48M B . 0.06 -5.09 -10.81
H42 48M B . 0.30 -3.64 -11.82
H7 48M B . -5.01 -1.17 -9.95
H8 48M B . -2.91 -1.24 -9.11
H9 48M B . -1.15 -6.18 -7.61
N GLN A 1 5.26 19.76 -9.10
CA GLN A 1 5.85 19.88 -7.76
C GLN A 1 5.02 19.18 -6.66
N ILE A 2 4.10 18.31 -7.08
CA ILE A 2 3.13 17.47 -6.34
C ILE A 2 2.21 18.17 -5.33
N ASN A 3 2.78 18.84 -4.33
CA ASN A 3 2.09 19.55 -3.24
C ASN A 3 1.29 18.62 -2.30
N GLN A 4 1.93 17.53 -1.87
CA GLN A 4 1.34 16.46 -1.04
C GLN A 4 2.30 16.01 0.09
N VAL A 5 1.86 15.02 0.89
CA VAL A 5 2.47 14.62 2.19
C VAL A 5 3.24 13.29 2.18
N ARG A 6 4.17 13.16 3.13
CA ARG A 6 4.98 11.97 3.41
C ARG A 6 4.29 11.00 4.40
N PRO A 7 4.20 9.69 4.10
CA PRO A 7 3.72 8.66 5.04
C PRO A 7 4.61 8.51 6.28
N LYS A 8 4.14 7.77 7.30
CA LYS A 8 4.99 7.35 8.43
C LYS A 8 6.08 6.39 7.95
N LEU A 9 7.17 6.25 8.71
CA LEU A 9 8.34 5.41 8.35
C LEU A 9 7.99 3.98 7.92
N PRO A 10 7.17 3.19 8.65
CA PRO A 10 6.78 1.84 8.22
C PRO A 10 5.92 1.81 6.94
N LEU A 11 5.09 2.85 6.71
CA LEU A 11 4.33 2.97 5.45
C LEU A 11 5.28 3.25 4.29
N LEU A 12 6.18 4.23 4.44
CA LEU A 12 7.15 4.60 3.42
C LEU A 12 8.10 3.44 3.07
N LYS A 13 8.46 2.58 4.03
CA LYS A 13 9.28 1.39 3.81
C LYS A 13 8.70 0.41 2.78
N ILE A 14 7.38 0.13 2.83
CA ILE A 14 6.66 -0.70 1.85
C ILE A 14 6.78 -0.09 0.44
N LEU A 15 6.52 1.23 0.33
CA LEU A 15 6.53 1.99 -0.93
C LEU A 15 7.94 2.05 -1.54
N HIS A 16 8.95 2.28 -0.70
CA HIS A 16 10.37 2.33 -1.10
C HIS A 16 10.91 0.95 -1.46
N ALA A 17 10.51 -0.11 -0.75
CA ALA A 17 10.82 -1.49 -1.10
C ALA A 17 10.24 -1.91 -2.46
N ALA A 18 9.22 -1.17 -2.94
CA ALA A 18 8.70 -1.31 -4.29
C ALA A 18 9.45 -0.44 -5.33
N GLY A 19 10.07 0.68 -4.91
CA GLY A 19 10.66 1.69 -5.80
C GLY A 19 9.69 2.84 -6.12
N ALA A 20 9.44 3.71 -5.13
CA ALA A 20 8.64 4.93 -5.27
C ALA A 20 9.40 6.07 -5.98
N GLN A 21 8.66 7.08 -6.45
CA GLN A 21 9.19 8.22 -7.23
C GLN A 21 9.43 9.49 -6.39
N GLY A 22 9.63 9.32 -5.08
CA GLY A 22 9.79 10.41 -4.11
C GLY A 22 9.50 9.99 -2.67
N GLU A 23 9.18 10.98 -1.83
CA GLU A 23 8.72 10.79 -0.44
C GLU A 23 7.35 11.45 -0.15
N MET A 24 6.86 12.35 -1.02
CA MET A 24 5.62 13.12 -0.84
C MET A 24 4.63 12.75 -1.95
N PHE A 25 3.45 12.21 -1.61
CA PHE A 25 2.45 11.72 -2.59
C PHE A 25 1.00 11.75 -2.06
N THR A 26 0.02 11.65 -2.97
CA THR A 26 -1.42 11.45 -2.65
C THR A 26 -1.74 9.99 -2.32
N VAL A 27 -2.95 9.74 -1.78
CA VAL A 27 -3.54 8.41 -1.53
C VAL A 27 -3.45 7.52 -2.77
N LYS A 28 -3.72 8.14 -3.93
CA LYS A 28 -3.71 7.58 -5.26
C LYS A 28 -2.31 7.15 -5.71
N GLU A 29 -1.30 7.97 -5.43
CA GLU A 29 0.10 7.68 -5.72
C GLU A 29 0.67 6.63 -4.74
N VAL A 30 0.38 6.75 -3.43
CA VAL A 30 0.87 5.78 -2.44
C VAL A 30 0.37 4.36 -2.69
N MET A 31 -0.93 4.23 -2.96
CA MET A 31 -1.53 2.93 -3.30
C MET A 31 -1.02 2.35 -4.63
N HIS A 32 -0.55 3.15 -5.59
CA HIS A 32 0.02 2.64 -6.85
C HIS A 32 1.29 1.81 -6.60
N TYR A 33 2.14 2.23 -5.66
CA TYR A 33 3.32 1.47 -5.24
C TYR A 33 2.95 0.15 -4.54
N LEU A 34 1.78 0.05 -3.90
CA LEU A 34 1.32 -1.23 -3.34
C LEU A 34 1.06 -2.27 -4.43
N GLY A 35 0.44 -1.88 -5.56
CA GLY A 35 0.19 -2.79 -6.66
C GLY A 35 1.47 -3.37 -7.25
N GLN A 36 2.47 -2.51 -7.51
CA GLN A 36 3.79 -2.96 -7.98
C GLN A 36 4.54 -3.75 -6.90
N TYR A 37 4.40 -3.39 -5.62
CA TYR A 37 5.00 -4.11 -4.50
C TYR A 37 4.46 -5.54 -4.43
N ILE A 38 3.13 -5.72 -4.45
CA ILE A 38 2.50 -7.04 -4.40
C ILE A 38 2.90 -7.86 -5.63
N MET A 39 2.96 -7.23 -6.80
CA MET A 39 3.39 -7.88 -8.05
C MET A 39 4.84 -8.40 -7.94
N VAL A 40 5.79 -7.57 -7.49
CA VAL A 40 7.21 -7.97 -7.32
C VAL A 40 7.43 -8.95 -6.16
N LYS A 41 6.71 -8.77 -5.05
CA LYS A 41 6.69 -9.67 -3.89
C LYS A 41 5.85 -10.94 -4.07
N GLN A 42 5.02 -11.03 -5.13
CA GLN A 42 3.97 -12.00 -5.45
C GLN A 42 3.16 -12.41 -4.20
N LEU A 43 2.52 -11.40 -3.59
CA LEU A 43 1.68 -11.58 -2.41
C LEU A 43 0.23 -11.81 -2.83
N TYR A 44 -0.01 -12.56 -3.92
CA TYR A 44 -1.36 -12.80 -4.45
C TYR A 44 -1.64 -14.30 -4.71
N ASP A 45 -2.92 -14.65 -4.92
CA ASP A 45 -3.34 -16.04 -5.17
C ASP A 45 -3.09 -16.50 -6.61
N GLN A 46 -2.79 -17.79 -6.76
CA GLN A 46 -2.65 -18.53 -8.01
C GLN A 46 -4.00 -18.62 -8.76
N GLN A 47 -5.08 -18.77 -8.00
CA GLN A 47 -6.45 -18.87 -8.53
C GLN A 47 -7.04 -17.50 -8.93
N GLU A 48 -6.70 -16.43 -8.18
CA GLU A 48 -7.23 -15.08 -8.36
C GLU A 48 -6.12 -14.04 -8.15
N GLN A 49 -5.52 -13.53 -9.23
CA GLN A 49 -4.39 -12.60 -9.18
C GLN A 49 -4.74 -11.25 -8.52
N HIS A 50 -5.99 -10.80 -8.66
CA HIS A 50 -6.58 -9.64 -8.01
C HIS A 50 -6.91 -9.86 -6.51
N MET A 51 -6.73 -11.08 -5.98
CA MET A 51 -6.86 -11.40 -4.54
C MET A 51 -5.47 -11.47 -3.89
N VAL A 52 -5.27 -10.72 -2.82
CA VAL A 52 -3.96 -10.48 -2.17
C VAL A 52 -3.89 -11.19 -0.81
N TYR A 53 -2.72 -11.74 -0.49
CA TYR A 53 -2.37 -12.49 0.72
C TYR A 53 -1.03 -11.99 1.30
N CYS A 54 -1.11 -11.00 2.21
CA CYS A 54 0.02 -10.32 2.87
C CYS A 54 0.43 -10.88 4.24
N GLY A 55 -0.09 -12.04 4.66
CA GLY A 55 0.23 -12.63 5.97
C GLY A 55 1.74 -12.79 6.21
N GLY A 56 2.25 -12.15 7.26
CA GLY A 56 3.68 -12.14 7.63
C GLY A 56 4.56 -11.09 6.93
N ASP A 57 4.01 -10.27 6.02
CA ASP A 57 4.74 -9.19 5.34
C ASP A 57 4.65 -7.85 6.11
N LEU A 58 5.54 -6.89 5.80
CA LEU A 58 5.43 -5.51 6.29
C LEU A 58 4.11 -4.86 5.88
N LEU A 59 3.69 -5.02 4.61
CA LEU A 59 2.37 -4.59 4.16
C LEU A 59 1.23 -5.25 4.96
N GLY A 60 1.37 -6.52 5.34
CA GLY A 60 0.42 -7.21 6.22
C GLY A 60 0.36 -6.63 7.63
N GLU A 61 1.51 -6.26 8.20
CA GLU A 61 1.60 -5.62 9.52
C GLU A 61 0.95 -4.23 9.50
N LEU A 62 1.11 -3.47 8.41
CA LEU A 62 0.43 -2.20 8.20
C LEU A 62 -1.09 -2.39 8.11
N LEU A 63 -1.54 -3.32 7.26
CA LEU A 63 -2.96 -3.61 7.04
C LEU A 63 -3.67 -4.01 8.34
N GLY A 64 -3.04 -4.87 9.16
CA GLY A 64 -3.66 -5.51 10.33
C GLY A 64 -4.53 -6.74 9.98
N ARG A 65 -4.54 -7.13 8.70
CA ARG A 65 -5.22 -8.30 8.12
C ARG A 65 -4.35 -8.92 7.03
N GLN A 66 -4.31 -10.24 6.97
CA GLN A 66 -3.51 -11.02 6.02
C GLN A 66 -4.04 -11.00 4.59
N SER A 67 -5.27 -10.54 4.37
CA SER A 67 -5.88 -10.55 3.02
C SER A 67 -6.92 -9.45 2.75
N PHE A 68 -7.01 -9.12 1.46
CA PHE A 68 -7.94 -8.16 0.83
C PHE A 68 -7.90 -8.39 -0.70
N SER A 69 -8.70 -7.67 -1.48
CA SER A 69 -8.64 -7.72 -2.95
C SER A 69 -8.59 -6.35 -3.62
N VAL A 70 -8.19 -6.35 -4.88
CA VAL A 70 -8.25 -5.22 -5.82
C VAL A 70 -9.69 -4.70 -5.98
N LYS A 71 -10.68 -5.58 -5.81
CA LYS A 71 -12.12 -5.33 -6.03
C LYS A 71 -12.88 -4.92 -4.75
N ASP A 72 -12.27 -5.14 -3.57
CA ASP A 72 -12.72 -4.71 -2.25
C ASP A 72 -11.58 -3.98 -1.50
N PRO A 73 -11.28 -2.72 -1.89
CA PRO A 73 -10.09 -1.98 -1.45
C PRO A 73 -10.14 -1.37 -0.04
N SER A 74 -11.30 -1.38 0.63
CA SER A 74 -11.55 -0.72 1.92
C SER A 74 -10.45 -0.86 3.00
N PRO A 75 -9.83 -2.04 3.26
CA PRO A 75 -8.78 -2.15 4.28
C PRO A 75 -7.50 -1.37 3.96
N LEU A 76 -7.22 -1.01 2.71
CA LEU A 76 -6.13 -0.09 2.34
C LEU A 76 -6.41 1.30 2.91
N TYR A 77 -7.59 1.82 2.63
CA TYR A 77 -7.97 3.15 3.09
C TYR A 77 -8.07 3.19 4.61
N ASP A 78 -8.42 2.07 5.26
CA ASP A 78 -8.45 1.93 6.72
C ASP A 78 -7.06 1.96 7.36
N MET A 79 -6.07 1.38 6.68
CA MET A 79 -4.65 1.45 7.08
C MET A 79 -4.02 2.84 6.81
N LEU A 80 -4.49 3.58 5.78
CA LEU A 80 -3.94 4.88 5.41
C LEU A 80 -4.57 5.99 6.24
N ARG A 81 -5.90 5.96 6.48
CA ARG A 81 -6.66 7.07 7.08
C ARG A 81 -6.14 7.63 8.42
N LYS A 82 -5.51 6.76 9.21
CA LYS A 82 -4.90 7.04 10.52
C LYS A 82 -3.37 7.25 10.53
N ASN A 83 -2.66 6.99 9.43
CA ASN A 83 -1.21 7.25 9.30
C ASN A 83 -0.88 8.32 8.25
N LEU A 84 -1.51 8.24 7.08
CA LEU A 84 -1.34 9.13 5.96
C LEU A 84 -2.36 10.28 6.07
N VAL A 85 -1.89 11.51 5.91
CA VAL A 85 -2.72 12.71 5.89
C VAL A 85 -2.84 13.23 4.45
N THR A 86 -4.05 13.36 3.93
CA THR A 86 -4.31 13.68 2.51
C THR A 86 -5.50 14.65 2.33
N LEU A 87 -5.83 14.97 1.08
CA LEU A 87 -6.86 15.97 0.70
C LEU A 87 -8.31 15.48 0.92
N ALA A 88 -8.52 14.16 0.97
CA ALA A 88 -9.83 13.55 1.22
C ALA A 88 -10.37 13.88 2.63
N THR A 89 -11.69 14.11 2.73
CA THR A 89 -12.39 14.54 3.95
C THR A 89 -13.81 13.99 4.08
N 48M B . -5.24 -3.17 -10.10
CG1 48M B . -3.13 -2.47 -7.50
CG2 48M B . -5.65 -1.21 -8.57
CG3 48M B . -4.67 -5.47 -10.55
CD1 48M B . -3.23 -3.70 -6.85
CD2 48M B . -2.96 -1.30 -6.74
CD3 48M B . -6.19 0.01 -8.95
CD4 48M B . -6.03 -1.76 -7.36
CD5 48M B . -5.85 -5.67 -11.27
CD6 48M B . -3.86 -6.60 -10.25
CE1 48M B . -3.19 -3.78 -5.46
CE2 48M B . -2.94 -1.38 -5.35
CE3 48M B . -7.07 0.70 -8.11
CE4 48M B . -6.87 -1.07 -6.49
CE5 48M B . -6.18 -6.93 -11.77
CE6 48M B . -4.19 -7.84 -10.78
CZ1 48M B . -3.05 -2.62 -4.71
CZ2 48M B . -7.39 0.16 -6.86
CZ3 48M B . -5.34 -8.02 -11.56
CL2 48M B . -3.03 -2.68 -2.99
CL1 48M B . -7.19 -1.72 -4.92
CM1 48M B . -5.67 -9.30 -12.12
CM2 48M B . -2.18 -7.07 -7.08
CM3 48M B . -1.03 -8.11 -9.09
NM1 48M B . -5.95 -10.31 -12.58
C1 48M B . 0.05 -5.62 -13.07
N1 48M B . -0.66 -5.11 -14.07
O1 48M B . 0.92 -6.44 -13.34
C2 48M B . -1.76 -4.15 -13.87
N2 48M B . -1.57 -4.50 -11.37
C3 48M B . -2.49 -4.41 -12.53
N3 48M B . -3.04 -3.62 -9.76
C4 48M B . -0.27 -5.18 -11.65
C5 48M B . -1.79 -3.91 -10.16
O5 48M B . -0.84 -3.64 -9.46
C6 48M B . -4.33 -4.05 -10.18
O6 48M B . -2.82 -6.48 -9.35
C7 48M B . -4.68 -1.92 -9.54
C8 48M B . -3.28 -2.35 -9.03
C9 48M B . -2.36 -7.58 -8.52
HD1 48M B . -3.37 -4.61 -7.43
HD2 48M B . -2.87 -0.34 -7.22
HD3 48M B . -5.95 0.44 -9.92
HD4 48M B . -5.66 -2.73 -7.05
HD5 48M B . -6.51 -4.84 -11.51
HE1 48M B . -3.29 -4.74 -4.96
HE2 48M B . -2.85 -0.48 -4.76
HE3 48M B . -7.49 1.66 -8.41
HE5 48M B . -7.09 -7.05 -12.36
HE6 48M B . -3.55 -8.71 -10.60
HZ2 48M B . -8.06 0.70 -6.19
HM21 48M B . -1.48 -6.24 -7.04
HM22 48M B . -3.15 -6.75 -6.68
HM23 48M B . -1.82 -7.88 -6.45
HM31 48M B . -0.25 -7.35 -9.02
HM32 48M B . -0.71 -8.99 -8.53
HM33 48M B . -1.15 -8.40 -10.14
HN1 48M B . -0.43 -5.40 -15.01
H21 48M B . -1.34 -3.14 -13.86
H22 48M B . -2.47 -4.24 -14.69
H31 48M B . -3.20 -3.59 -12.40
H32 48M B . -3.04 -5.35 -12.63
H41 48M B . -0.21 -6.08 -11.03
H42 48M B . 0.55 -4.51 -11.36
H7 48M B . -4.50 -1.26 -10.39
H8 48M B . -2.56 -1.60 -9.38
H9 48M B . -3.11 -8.38 -8.51
N GLN A 1 8.65 18.85 -8.76
CA GLN A 1 8.18 18.55 -7.41
C GLN A 1 6.67 18.21 -7.39
N ILE A 2 6.27 17.28 -6.52
CA ILE A 2 4.90 16.75 -6.48
C ILE A 2 3.89 17.63 -5.71
N ASN A 3 4.37 18.31 -4.66
CA ASN A 3 3.55 19.16 -3.77
C ASN A 3 2.48 18.37 -2.96
N GLN A 4 2.90 17.22 -2.42
CA GLN A 4 2.09 16.31 -1.59
C GLN A 4 2.86 15.83 -0.34
N VAL A 5 2.30 14.89 0.43
CA VAL A 5 2.78 14.51 1.78
C VAL A 5 3.55 13.19 1.86
N ARG A 6 4.33 13.04 2.95
CA ARG A 6 5.13 11.85 3.26
C ARG A 6 4.40 10.92 4.26
N PRO A 7 4.32 9.59 3.99
CA PRO A 7 3.81 8.59 4.93
C PRO A 7 4.64 8.45 6.21
N LYS A 8 4.10 7.74 7.22
CA LYS A 8 4.90 7.33 8.40
C LYS A 8 5.95 6.29 7.99
N LEU A 9 6.99 6.11 8.80
CA LEU A 9 8.14 5.24 8.50
C LEU A 9 7.78 3.82 8.01
N PRO A 10 6.90 3.03 8.69
CA PRO A 10 6.52 1.70 8.21
C PRO A 10 5.72 1.71 6.90
N LEU A 11 4.90 2.74 6.67
CA LEU A 11 4.18 2.91 5.40
C LEU A 11 5.17 3.20 4.26
N LEU A 12 6.08 4.13 4.48
CA LEU A 12 7.10 4.52 3.49
C LEU A 12 8.04 3.35 3.16
N LYS A 13 8.39 2.49 4.12
CA LYS A 13 9.24 1.32 3.91
C LYS A 13 8.69 0.33 2.87
N ILE A 14 7.38 0.04 2.89
CA ILE A 14 6.68 -0.79 1.90
C ILE A 14 6.82 -0.15 0.50
N LEU A 15 6.55 1.16 0.37
CA LEU A 15 6.59 1.91 -0.88
C LEU A 15 8.03 1.99 -1.45
N HIS A 16 9.03 2.19 -0.58
CA HIS A 16 10.44 2.22 -0.94
C HIS A 16 10.97 0.84 -1.31
N ALA A 17 10.55 -0.22 -0.62
CA ALA A 17 10.84 -1.61 -0.99
C ALA A 17 10.22 -1.99 -2.35
N ALA A 18 9.21 -1.24 -2.80
CA ALA A 18 8.67 -1.33 -4.16
C ALA A 18 9.46 -0.51 -5.20
N GLY A 19 10.17 0.55 -4.79
CA GLY A 19 10.83 1.52 -5.68
C GLY A 19 9.94 2.73 -6.02
N ALA A 20 9.65 3.57 -5.02
CA ALA A 20 8.90 4.81 -5.18
C ALA A 20 9.72 5.94 -5.85
N GLN A 21 9.03 6.93 -6.43
CA GLN A 21 9.62 8.04 -7.19
C GLN A 21 9.88 9.31 -6.34
N GLY A 22 10.12 9.13 -5.04
CA GLY A 22 10.33 10.21 -4.06
C GLY A 22 9.95 9.82 -2.62
N GLU A 23 9.62 10.84 -1.82
CA GLU A 23 9.07 10.69 -0.47
C GLU A 23 7.71 11.39 -0.28
N MET A 24 7.26 12.22 -1.23
CA MET A 24 6.03 13.03 -1.16
C MET A 24 5.03 12.59 -2.24
N PHE A 25 3.87 12.04 -1.86
CA PHE A 25 2.87 11.54 -2.83
C PHE A 25 1.41 11.65 -2.34
N THR A 26 0.47 11.57 -3.29
CA THR A 26 -0.99 11.48 -3.07
C THR A 26 -1.45 10.06 -2.72
N VAL A 27 -2.69 9.90 -2.23
CA VAL A 27 -3.35 8.62 -1.89
C VAL A 27 -3.28 7.64 -3.06
N LYS A 28 -3.51 8.18 -4.27
CA LYS A 28 -3.55 7.46 -5.52
C LYS A 28 -2.16 7.01 -6.00
N GLU A 29 -1.11 7.76 -5.66
CA GLU A 29 0.30 7.37 -5.87
C GLU A 29 0.78 6.39 -4.80
N VAL A 30 0.51 6.62 -3.51
CA VAL A 30 0.93 5.70 -2.44
C VAL A 30 0.36 4.31 -2.62
N MET A 31 -0.94 4.23 -2.93
CA MET A 31 -1.57 2.95 -3.27
C MET A 31 -1.09 2.33 -4.59
N HIS A 32 -0.60 3.10 -5.56
CA HIS A 32 -0.02 2.54 -6.79
C HIS A 32 1.27 1.76 -6.47
N TYR A 33 2.08 2.27 -5.54
CA TYR A 33 3.23 1.53 -5.03
C TYR A 33 2.85 0.27 -4.25
N LEU A 34 1.66 0.18 -3.64
CA LEU A 34 1.18 -1.09 -3.07
C LEU A 34 0.94 -2.12 -4.19
N GLY A 35 0.26 -1.70 -5.26
CA GLY A 35 0.02 -2.55 -6.43
C GLY A 35 1.31 -3.07 -7.05
N GLN A 36 2.30 -2.19 -7.27
CA GLN A 36 3.62 -2.61 -7.79
C GLN A 36 4.40 -3.44 -6.77
N TYR A 37 4.29 -3.15 -5.46
CA TYR A 37 4.92 -3.92 -4.39
C TYR A 37 4.41 -5.36 -4.40
N ILE A 38 3.09 -5.55 -4.43
CA ILE A 38 2.46 -6.88 -4.48
C ILE A 38 2.88 -7.61 -5.77
N MET A 39 2.89 -6.90 -6.89
CA MET A 39 3.30 -7.42 -8.19
C MET A 39 4.76 -7.92 -8.21
N VAL A 40 5.70 -7.21 -7.56
CA VAL A 40 7.10 -7.66 -7.43
C VAL A 40 7.28 -8.72 -6.34
N LYS A 41 6.62 -8.56 -5.19
CA LYS A 41 6.61 -9.50 -4.06
C LYS A 41 5.75 -10.78 -4.26
N GLN A 42 4.99 -10.86 -5.35
CA GLN A 42 3.95 -11.85 -5.68
C GLN A 42 3.13 -12.27 -4.45
N LEU A 43 2.46 -11.27 -3.85
CA LEU A 43 1.58 -11.46 -2.72
C LEU A 43 0.15 -11.66 -3.22
N TYR A 44 -0.06 -12.38 -4.33
CA TYR A 44 -1.38 -12.65 -4.90
C TYR A 44 -1.57 -14.13 -5.29
N ASP A 45 -2.83 -14.58 -5.44
CA ASP A 45 -3.16 -15.96 -5.79
C ASP A 45 -3.01 -16.24 -7.30
N GLN A 46 -2.31 -17.32 -7.64
CA GLN A 46 -2.19 -17.90 -8.99
C GLN A 46 -3.55 -18.02 -9.72
N GLN A 47 -4.59 -18.42 -8.97
CA GLN A 47 -5.96 -18.62 -9.48
C GLN A 47 -6.84 -17.35 -9.45
N GLU A 48 -6.52 -16.37 -8.62
CA GLU A 48 -7.23 -15.09 -8.48
C GLU A 48 -6.23 -13.94 -8.29
N GLN A 49 -5.72 -13.41 -9.40
CA GLN A 49 -4.63 -12.41 -9.39
C GLN A 49 -4.99 -11.11 -8.67
N HIS A 50 -6.27 -10.75 -8.67
CA HIS A 50 -6.89 -9.64 -7.94
C HIS A 50 -7.12 -9.92 -6.44
N MET A 51 -6.88 -11.14 -5.95
CA MET A 51 -6.91 -11.51 -4.53
C MET A 51 -5.49 -11.53 -3.96
N VAL A 52 -5.28 -10.80 -2.86
CA VAL A 52 -3.96 -10.51 -2.27
C VAL A 52 -3.79 -11.28 -0.95
N TYR A 53 -2.59 -11.84 -0.74
CA TYR A 53 -2.16 -12.64 0.40
C TYR A 53 -0.81 -12.14 0.95
N CYS A 54 -0.88 -11.25 1.95
CA CYS A 54 0.24 -10.57 2.62
C CYS A 54 0.68 -11.21 3.95
N GLY A 55 0.26 -12.43 4.28
CA GLY A 55 0.57 -13.08 5.55
C GLY A 55 2.09 -13.15 5.82
N GLY A 56 2.53 -12.57 6.94
CA GLY A 56 3.94 -12.49 7.34
C GLY A 56 4.76 -11.35 6.70
N ASP A 57 4.17 -10.51 5.83
CA ASP A 57 4.84 -9.36 5.20
C ASP A 57 4.70 -8.07 6.04
N LEU A 58 5.56 -7.07 5.81
CA LEU A 58 5.41 -5.73 6.39
C LEU A 58 4.07 -5.10 5.99
N LEU A 59 3.71 -5.21 4.70
CA LEU A 59 2.41 -4.77 4.23
C LEU A 59 1.25 -5.46 4.97
N GLY A 60 1.37 -6.76 5.27
CA GLY A 60 0.40 -7.50 6.07
C GLY A 60 0.30 -7.02 7.52
N GLU A 61 1.42 -6.69 8.15
CA GLU A 61 1.46 -6.14 9.52
C GLU A 61 0.82 -4.74 9.58
N LEU A 62 1.04 -3.91 8.56
CA LEU A 62 0.38 -2.61 8.40
C LEU A 62 -1.14 -2.75 8.22
N LEU A 63 -1.57 -3.67 7.36
CA LEU A 63 -2.99 -4.02 7.16
C LEU A 63 -3.63 -4.60 8.43
N GLY A 64 -2.85 -5.30 9.27
CA GLY A 64 -3.33 -6.03 10.45
C GLY A 64 -4.05 -7.35 10.10
N ARG A 65 -3.89 -7.81 8.86
CA ARG A 65 -4.57 -8.94 8.21
C ARG A 65 -3.72 -9.49 7.07
N GLN A 66 -3.81 -10.80 6.88
CA GLN A 66 -3.09 -11.56 5.85
C GLN A 66 -3.66 -11.42 4.45
N SER A 67 -4.89 -10.91 4.31
CA SER A 67 -5.55 -10.86 2.98
C SER A 67 -6.65 -9.81 2.81
N PHE A 68 -6.81 -9.38 1.56
CA PHE A 68 -7.82 -8.45 1.04
C PHE A 68 -7.93 -8.65 -0.49
N SER A 69 -8.95 -8.06 -1.13
CA SER A 69 -9.17 -8.17 -2.57
C SER A 69 -9.24 -6.81 -3.25
N VAL A 70 -8.80 -6.74 -4.50
CA VAL A 70 -9.01 -5.60 -5.41
C VAL A 70 -10.50 -5.32 -5.60
N LYS A 71 -11.35 -6.35 -5.41
CA LYS A 71 -12.83 -6.28 -5.46
C LYS A 71 -13.49 -5.82 -4.15
N ASP A 72 -12.72 -5.77 -3.06
CA ASP A 72 -13.13 -5.32 -1.71
C ASP A 72 -11.92 -4.63 -1.02
N PRO A 73 -11.51 -3.43 -1.51
CA PRO A 73 -10.26 -2.77 -1.15
C PRO A 73 -10.25 -2.02 0.19
N SER A 74 -11.37 -1.97 0.91
CA SER A 74 -11.59 -1.15 2.12
C SER A 74 -10.45 -1.11 3.16
N PRO A 75 -9.79 -2.23 3.55
CA PRO A 75 -8.77 -2.16 4.61
C PRO A 75 -7.49 -1.39 4.23
N LEU A 76 -7.20 -1.20 2.93
CA LEU A 76 -6.05 -0.39 2.50
C LEU A 76 -6.27 1.09 2.88
N TYR A 77 -7.46 1.60 2.58
CA TYR A 77 -7.83 2.97 2.91
C TYR A 77 -7.85 3.16 4.43
N ASP A 78 -8.30 2.18 5.21
CA ASP A 78 -8.26 2.23 6.68
C ASP A 78 -6.83 2.23 7.25
N MET A 79 -5.93 1.47 6.65
CA MET A 79 -4.50 1.47 7.02
C MET A 79 -3.77 2.76 6.61
N LEU A 80 -4.22 3.49 5.58
CA LEU A 80 -3.67 4.78 5.18
C LEU A 80 -4.27 5.93 5.99
N ARG A 81 -5.61 6.04 6.08
CA ARG A 81 -6.35 7.22 6.59
C ARG A 81 -5.93 7.80 7.93
N LYS A 82 -5.46 6.96 8.85
CA LYS A 82 -4.96 7.31 10.19
C LYS A 82 -3.45 7.61 10.28
N ASN A 83 -2.64 7.17 9.30
CA ASN A 83 -1.17 7.30 9.30
C ASN A 83 -0.73 8.30 8.23
N LEU A 84 -1.24 8.09 7.02
CA LEU A 84 -1.13 9.03 5.93
C LEU A 84 -2.15 10.14 6.15
N VAL A 85 -1.66 11.38 6.17
CA VAL A 85 -2.48 12.57 6.45
C VAL A 85 -2.32 13.57 5.30
N THR A 86 -3.04 13.32 4.20
CA THR A 86 -3.00 14.13 2.97
C THR A 86 -4.11 15.20 2.93
N LEU A 87 -4.25 15.91 1.80
CA LEU A 87 -5.21 17.00 1.60
C LEU A 87 -6.69 16.55 1.62
N ALA A 88 -6.96 15.32 1.17
CA ALA A 88 -8.30 14.75 1.10
C ALA A 88 -8.93 14.52 2.48
N THR A 89 -10.23 14.77 2.61
CA THR A 89 -10.98 14.72 3.88
C THR A 89 -12.43 14.22 3.72
N 48M B . -5.87 -2.65 -9.46
CG1 48M B . -3.49 -2.00 -7.05
CG2 48M B . -6.29 -1.12 -7.54
CG3 48M B . -5.13 -4.81 -10.20
CD1 48M B . -3.37 -3.31 -6.56
CD2 48M B . -3.38 -0.92 -6.18
CD3 48M B . -7.06 0.05 -7.52
CD4 48M B . -6.38 -1.99 -6.46
CD5 48M B . -6.38 -5.09 -10.77
CD6 48M B . -4.20 -5.86 -10.09
CE1 48M B . -3.22 -3.52 -5.19
CE2 48M B . -3.24 -1.14 -4.81
CE3 48M B . -7.86 0.35 -6.41
CE4 48M B . -7.13 -1.68 -5.34
CE5 48M B . -6.67 -6.34 -11.32
CE6 48M B . -4.49 -7.12 -10.65
CZ1 48M B . -3.17 -2.44 -4.31
CZ2 48M B . -7.88 -0.51 -5.31
CZ3 48M B . -5.72 -7.35 -11.28
CL2 48M B . -3.09 -2.68 -2.60
CL1 48M B . -7.03 -2.73 -3.97
CM1 48M B . -6.00 -8.61 -11.90
CM2 48M B . -3.17 -7.26 -7.50
CM3 48M B . -1.00 -6.14 -8.16
NM1 48M B . -6.26 -9.61 -12.41
C1 48M B . -1.00 -4.77 -13.07
N1 48M B . -2.16 -4.97 -13.71
O1 48M B . 0.01 -5.27 -13.55
C2 48M B . -3.44 -4.36 -13.31
N2 48M B . -2.30 -3.47 -11.27
C3 48M B . -3.25 -3.16 -12.36
N3 48M B . -3.61 -2.86 -9.43
C4 48M B . -0.99 -3.96 -11.78
C5 48M B . -2.39 -2.99 -10.00
O5 48M B . -1.39 -2.66 -9.39
C6 48M B . -4.89 -3.41 -9.74
O6 48M B . -3.03 -5.69 -9.38
C7 48M B . -5.40 -1.43 -8.76
C8 48M B . -3.87 -1.74 -8.52
C9 48M B . -2.31 -6.75 -8.68
HD1 48M B . -3.46 -4.16 -7.22
HD2 48M B . -3.45 0.10 -6.55
HD3 48M B . -7.04 0.72 -8.37
HD4 48M B . -5.84 -2.92 -6.48
HD5 48M B . -7.14 -4.31 -10.86
HE1 48M B . -3.18 -4.53 -4.79
HE2 48M B . -3.20 -0.29 -4.13
HE3 48M B . -8.45 1.26 -6.41
HE5 48M B . -7.63 -6.51 -11.79
HE6 48M B . -3.77 -7.92 -10.60
HZ2 48M B . -8.47 -0.26 -4.44
HM21 48M B . -2.63 -8.06 -6.96
HM22 48M B . -3.40 -6.47 -6.79
HM23 48M B . -4.11 -7.68 -7.87
HM31 48M B . -0.39 -6.90 -7.67
HM32 48M B . -0.42 -5.72 -8.99
HM33 48M B . -1.20 -5.34 -7.44
HN1 48M B . -2.12 -5.52 -14.55
H21 48M B . -3.97 -4.03 -14.21
H22 48M B . -4.04 -5.13 -12.81
H31 48M B . -2.83 -2.34 -12.94
H32 48M B . -4.21 -2.82 -12.00
H41 48M B . -0.52 -4.60 -11.03
H42 48M B . -0.34 -3.10 -11.97
H7 48M B . -5.45 -0.60 -9.47
H8 48M B . -3.31 -0.87 -8.87
H9 48M B . -2.07 -7.56 -9.36
N GLN A 1 9.77 18.07 -9.07
CA GLN A 1 9.21 18.01 -7.71
C GLN A 1 7.68 17.79 -7.72
N ILE A 2 7.17 17.04 -6.72
CA ILE A 2 5.77 16.56 -6.68
C ILE A 2 4.79 17.52 -6.00
N ASN A 3 5.21 18.21 -4.92
CA ASN A 3 4.39 19.14 -4.12
C ASN A 3 3.24 18.46 -3.33
N GLN A 4 3.51 17.28 -2.76
CA GLN A 4 2.58 16.43 -2.00
C GLN A 4 3.19 16.00 -0.64
N VAL A 5 2.44 15.16 0.08
CA VAL A 5 2.71 14.81 1.50
C VAL A 5 3.33 13.42 1.70
N ARG A 6 4.11 13.28 2.78
CA ARG A 6 4.75 12.03 3.19
C ARG A 6 3.86 11.16 4.10
N PRO A 7 3.82 9.82 3.92
CA PRO A 7 3.19 8.89 4.85
C PRO A 7 4.11 8.59 6.05
N LYS A 8 3.60 7.87 7.06
CA LYS A 8 4.42 7.40 8.20
C LYS A 8 5.48 6.38 7.77
N LEU A 9 6.56 6.25 8.55
CA LEU A 9 7.73 5.39 8.27
C LEU A 9 7.40 3.95 7.84
N PRO A 10 6.46 3.20 8.48
CA PRO A 10 6.12 1.83 8.04
C PRO A 10 5.55 1.77 6.62
N LEU A 11 4.70 2.73 6.25
CA LEU A 11 4.14 2.87 4.90
C LEU A 11 5.26 3.24 3.92
N LEU A 12 6.08 4.24 4.27
CA LEU A 12 7.21 4.67 3.44
C LEU A 12 8.16 3.51 3.13
N LYS A 13 8.42 2.62 4.11
CA LYS A 13 9.23 1.41 3.92
C LYS A 13 8.65 0.42 2.90
N ILE A 14 7.35 0.17 2.91
CA ILE A 14 6.64 -0.65 1.91
C ILE A 14 6.78 0.00 0.51
N LEU A 15 6.54 1.31 0.39
CA LEU A 15 6.63 2.07 -0.86
C LEU A 15 8.06 2.06 -1.42
N HIS A 16 9.07 2.19 -0.56
CA HIS A 16 10.49 2.14 -0.92
C HIS A 16 10.96 0.73 -1.27
N ALA A 17 10.49 -0.30 -0.56
CA ALA A 17 10.72 -1.71 -0.89
C ALA A 17 10.16 -2.06 -2.27
N ALA A 18 9.16 -1.32 -2.74
CA ALA A 18 8.66 -1.39 -4.10
C ALA A 18 9.46 -0.56 -5.12
N GLY A 19 10.14 0.52 -4.69
CA GLY A 19 10.81 1.49 -5.57
C GLY A 19 9.92 2.69 -5.93
N ALA A 20 9.69 3.58 -4.95
CA ALA A 20 8.94 4.83 -5.12
C ALA A 20 9.78 5.95 -5.76
N GLN A 21 9.11 7.01 -6.25
CA GLN A 21 9.73 8.14 -6.97
C GLN A 21 9.99 9.37 -6.07
N GLY A 22 10.21 9.14 -4.77
CA GLY A 22 10.43 10.18 -3.75
C GLY A 22 9.96 9.75 -2.36
N GLU A 23 9.64 10.75 -1.52
CA GLU A 23 9.06 10.56 -0.18
C GLU A 23 7.69 11.27 0.00
N MET A 24 7.24 12.02 -1.01
CA MET A 24 6.06 12.90 -1.01
C MET A 24 5.13 12.53 -2.17
N PHE A 25 3.89 12.12 -1.90
CA PHE A 25 2.92 11.65 -2.92
C PHE A 25 1.45 11.79 -2.47
N THR A 26 0.50 11.63 -3.40
CA THR A 26 -0.96 11.52 -3.15
C THR A 26 -1.37 10.08 -2.84
N VAL A 27 -2.60 9.89 -2.31
CA VAL A 27 -3.25 8.59 -1.99
C VAL A 27 -3.16 7.64 -3.18
N LYS A 28 -3.46 8.17 -4.37
CA LYS A 28 -3.45 7.43 -5.63
C LYS A 28 -2.05 6.95 -6.05
N GLU A 29 -1.01 7.72 -5.72
CA GLU A 29 0.39 7.35 -5.95
C GLU A 29 0.92 6.39 -4.88
N VAL A 30 0.68 6.65 -3.58
CA VAL A 30 1.10 5.75 -2.50
C VAL A 30 0.54 4.34 -2.68
N MET A 31 -0.75 4.23 -2.97
CA MET A 31 -1.37 2.94 -3.25
C MET A 31 -0.91 2.30 -4.58
N HIS A 32 -0.43 3.06 -5.57
CA HIS A 32 0.17 2.48 -6.79
C HIS A 32 1.44 1.72 -6.47
N TYR A 33 2.25 2.23 -5.53
CA TYR A 33 3.40 1.49 -5.01
C TYR A 33 3.01 0.23 -4.22
N LEU A 34 1.81 0.16 -3.61
CA LEU A 34 1.31 -1.10 -3.05
C LEU A 34 1.03 -2.11 -4.16
N GLY A 35 0.35 -1.69 -5.23
CA GLY A 35 0.09 -2.53 -6.40
C GLY A 35 1.38 -3.08 -7.01
N GLN A 36 2.38 -2.22 -7.22
CA GLN A 36 3.68 -2.69 -7.74
C GLN A 36 4.46 -3.52 -6.71
N TYR A 37 4.34 -3.25 -5.41
CA TYR A 37 4.95 -4.06 -4.35
C TYR A 37 4.41 -5.48 -4.42
N ILE A 38 3.07 -5.64 -4.44
CA ILE A 38 2.42 -6.95 -4.52
C ILE A 38 2.81 -7.66 -5.82
N MET A 39 2.90 -6.92 -6.93
CA MET A 39 3.34 -7.43 -8.23
C MET A 39 4.77 -8.00 -8.17
N VAL A 40 5.75 -7.23 -7.66
CA VAL A 40 7.16 -7.68 -7.57
C VAL A 40 7.36 -8.77 -6.52
N LYS A 41 6.63 -8.69 -5.40
CA LYS A 41 6.60 -9.70 -4.34
C LYS A 41 5.71 -10.93 -4.64
N GLN A 42 4.87 -10.88 -5.69
CA GLN A 42 3.79 -11.80 -6.08
C GLN A 42 3.00 -12.31 -4.88
N LEU A 43 2.39 -11.36 -4.14
CA LEU A 43 1.60 -11.65 -2.95
C LEU A 43 0.12 -11.78 -3.34
N TYR A 44 -0.17 -12.45 -4.45
CA TYR A 44 -1.53 -12.73 -4.92
C TYR A 44 -1.82 -14.24 -5.10
N ASP A 45 -3.09 -14.59 -5.33
CA ASP A 45 -3.48 -15.96 -5.69
C ASP A 45 -3.09 -16.30 -7.15
N GLN A 46 -2.73 -17.57 -7.37
CA GLN A 46 -2.47 -18.21 -8.66
C GLN A 46 -3.73 -18.21 -9.54
N GLN A 47 -4.89 -18.41 -8.91
CA GLN A 47 -6.20 -18.44 -9.59
C GLN A 47 -6.78 -17.04 -9.84
N GLU A 48 -6.48 -16.07 -8.97
CA GLU A 48 -7.04 -14.70 -8.99
C GLU A 48 -5.97 -13.66 -8.63
N GLN A 49 -5.30 -13.10 -9.64
CA GLN A 49 -4.20 -12.14 -9.45
C GLN A 49 -4.63 -10.84 -8.76
N HIS A 50 -5.89 -10.42 -8.94
CA HIS A 50 -6.54 -9.30 -8.24
C HIS A 50 -6.89 -9.60 -6.77
N MET A 51 -6.80 -10.86 -6.31
CA MET A 51 -6.95 -11.26 -4.90
C MET A 51 -5.57 -11.37 -4.23
N VAL A 52 -5.37 -10.62 -3.15
CA VAL A 52 -4.07 -10.42 -2.49
C VAL A 52 -3.96 -11.25 -1.20
N TYR A 53 -2.76 -11.78 -0.93
CA TYR A 53 -2.35 -12.65 0.17
C TYR A 53 -0.94 -12.24 0.67
N CYS A 54 -0.86 -11.14 1.44
CA CYS A 54 0.34 -10.54 2.04
C CYS A 54 0.82 -11.18 3.36
N GLY A 55 0.34 -12.38 3.71
CA GLY A 55 0.73 -13.05 4.96
C GLY A 55 2.25 -13.22 5.11
N GLY A 56 2.79 -12.70 6.22
CA GLY A 56 4.23 -12.70 6.52
C GLY A 56 5.04 -11.53 5.94
N ASP A 57 4.44 -10.62 5.16
CA ASP A 57 5.09 -9.42 4.61
C ASP A 57 4.75 -8.14 5.40
N LEU A 58 5.57 -7.09 5.27
CA LEU A 58 5.40 -5.82 6.00
C LEU A 58 4.04 -5.20 5.70
N LEU A 59 3.65 -5.21 4.42
CA LEU A 59 2.34 -4.75 3.99
C LEU A 59 1.19 -5.48 4.72
N GLY A 60 1.28 -6.80 4.90
CA GLY A 60 0.29 -7.59 5.65
C GLY A 60 0.29 -7.27 7.15
N GLU A 61 1.46 -7.07 7.75
CA GLU A 61 1.59 -6.69 9.17
C GLU A 61 0.99 -5.29 9.42
N LEU A 62 1.16 -4.36 8.49
CA LEU A 62 0.54 -3.03 8.51
C LEU A 62 -1.00 -3.09 8.37
N LEU A 63 -1.48 -3.90 7.43
CA LEU A 63 -2.91 -4.17 7.23
C LEU A 63 -3.54 -4.86 8.46
N GLY A 64 -2.76 -5.65 9.21
CA GLY A 64 -3.24 -6.46 10.35
C GLY A 64 -4.01 -7.71 9.93
N ARG A 65 -3.88 -8.09 8.65
CA ARG A 65 -4.59 -9.14 7.91
C ARG A 65 -3.75 -9.55 6.72
N GLN A 66 -3.83 -10.82 6.35
CA GLN A 66 -3.12 -11.36 5.19
C GLN A 66 -3.81 -11.02 3.87
N SER A 67 -5.10 -10.68 3.84
CA SER A 67 -5.82 -10.61 2.56
C SER A 67 -6.88 -9.52 2.40
N PHE A 68 -7.02 -9.09 1.14
CA PHE A 68 -8.01 -8.15 0.60
C PHE A 68 -8.03 -8.33 -0.94
N SER A 69 -8.89 -7.60 -1.66
CA SER A 69 -8.98 -7.68 -3.12
C SER A 69 -8.95 -6.31 -3.77
N VAL A 70 -8.49 -6.25 -5.02
CA VAL A 70 -8.60 -5.08 -5.92
C VAL A 70 -10.09 -4.67 -6.08
N LYS A 71 -11.02 -5.63 -5.92
CA LYS A 71 -12.48 -5.44 -5.95
C LYS A 71 -13.11 -5.21 -4.56
N ASP A 72 -12.35 -5.38 -3.48
CA ASP A 72 -12.75 -5.13 -2.08
C ASP A 72 -11.55 -4.63 -1.25
N PRO A 73 -11.12 -3.37 -1.44
CA PRO A 73 -9.85 -2.83 -0.92
C PRO A 73 -9.95 -2.04 0.39
N SER A 74 -11.13 -1.91 0.98
CA SER A 74 -11.43 -1.04 2.14
C SER A 74 -10.37 -0.99 3.27
N PRO A 75 -9.76 -2.10 3.74
CA PRO A 75 -8.77 -2.03 4.82
C PRO A 75 -7.47 -1.30 4.44
N LEU A 76 -7.12 -1.17 3.15
CA LEU A 76 -5.97 -0.37 2.72
C LEU A 76 -6.24 1.12 2.96
N TYR A 77 -7.41 1.60 2.51
CA TYR A 77 -7.84 2.98 2.74
C TYR A 77 -7.90 3.28 4.23
N ASP A 78 -8.44 2.36 5.04
CA ASP A 78 -8.49 2.50 6.50
C ASP A 78 -7.13 2.50 7.18
N MET A 79 -6.17 1.73 6.68
CA MET A 79 -4.76 1.84 7.14
C MET A 79 -4.11 3.15 6.71
N LEU A 80 -4.50 3.77 5.59
CA LEU A 80 -4.06 5.13 5.26
C LEU A 80 -4.74 6.13 6.20
N ARG A 81 -6.03 5.98 6.54
CA ARG A 81 -6.85 6.97 7.26
C ARG A 81 -6.20 7.57 8.51
N LYS A 82 -5.49 6.71 9.26
CA LYS A 82 -4.76 7.01 10.51
C LYS A 82 -3.24 7.16 10.37
N ASN A 83 -2.63 6.71 9.26
CA ASN A 83 -1.18 6.81 9.06
C ASN A 83 -0.78 7.97 8.14
N LEU A 84 -1.65 8.27 7.17
CA LEU A 84 -1.45 9.26 6.11
C LEU A 84 -2.56 10.31 6.10
N VAL A 85 -2.16 11.59 6.04
CA VAL A 85 -3.05 12.74 5.80
C VAL A 85 -2.66 13.42 4.49
N THR A 86 -3.63 13.73 3.63
CA THR A 86 -3.41 14.37 2.31
C THR A 86 -3.57 15.90 2.38
N LEU A 87 -3.06 16.58 1.35
CA LEU A 87 -3.29 18.01 1.11
C LEU A 87 -4.75 18.30 0.70
N ALA A 88 -5.47 17.30 0.17
CA ALA A 88 -6.85 17.41 -0.26
C ALA A 88 -7.83 17.67 0.91
N THR A 89 -8.87 18.48 0.67
CA THR A 89 -9.83 18.92 1.68
C THR A 89 -11.26 19.12 1.12
N 48M B . -5.31 -2.74 -9.91
CG1 48M B . -3.26 -2.08 -7.29
CG2 48M B . -5.80 -0.82 -8.38
CG3 48M B . -4.62 -4.98 -10.43
CD1 48M B . -3.34 -3.37 -6.73
CD2 48M B . -3.10 -0.98 -6.44
CD3 48M B . -6.41 0.38 -8.76
CD4 48M B . -6.20 -1.41 -7.17
CD5 48M B . -5.81 -5.23 -11.12
CD6 48M B . -3.76 -6.07 -10.18
CE1 48M B . -3.28 -3.53 -5.35
CE2 48M B . -3.05 -1.15 -5.07
CE3 48M B . -7.34 1.02 -7.93
CE4 48M B . -7.10 -0.77 -6.34
CE5 48M B . -6.10 -6.48 -11.65
CE6 48M B . -4.05 -7.33 -10.73
CZ1 48M B . -3.12 -2.42 -4.52
CZ2 48M B . -7.67 0.45 -6.71
CZ3 48M B . -5.20 -7.53 -11.48
CL2 48M B . -3.01 -2.62 -2.81
CL1 48M B . -7.47 -1.47 -4.81
CM1 48M B . -5.48 -8.80 -12.12
CM2 48M B . -2.99 -7.22 -7.33
CM3 48M B . -0.72 -6.40 -8.05
NM1 48M B . -5.72 -9.78 -12.64
C1 48M B . -0.28 -5.36 -12.84
N1 48M B . -1.39 -5.53 -13.57
O1 48M B . 0.71 -6.00 -13.13
C2 48M B . -2.64 -4.80 -13.36
N2 48M B . -1.64 -3.82 -11.29
C3 48M B . -2.46 -3.55 -12.48
N3 48M B . -3.08 -3.06 -9.62
C4 48M B . -0.32 -4.40 -11.65
C5 48M B . -1.83 -3.27 -10.07
O5 48M B . -0.87 -2.94 -9.40
C6 48M B . -4.35 -3.57 -10.02
O6 48M B . -2.65 -5.91 -9.37
C7 48M B . -4.80 -1.47 -9.33
C8 48M B . -3.38 -1.86 -8.81
C9 48M B . -2.07 -6.94 -8.53
HD1 48M B . -3.47 -4.23 -7.37
HD2 48M B . -3.01 0.02 -6.85
HD3 48M B . -6.17 0.81 -9.72
HD4 48M B . -5.79 -2.36 -6.87
HD5 48M B . -6.52 -4.42 -11.31
HE1 48M B . -3.34 -4.53 -4.92
HE2 48M B . -2.96 -0.29 -4.41
HE3 48M B . -7.80 1.96 -8.24
HE5 48M B . -7.01 -6.62 -12.23
HE6 48M B . -3.36 -8.15 -10.59
HZ2 48M B . -8.40 0.94 -6.05
HM21 48M B . -3.07 -6.36 -6.67
HM22 48M B . -3.99 -7.48 -7.67
HM23 48M B . -2.60 -8.06 -6.75
HM31 48M B . -0.20 -7.16 -7.44
HM32 48M B . -0.08 -6.16 -8.89
HM33 48M B . -0.85 -5.51 -7.44
HN1 48M B . -1.33 -6.19 -14.33
H21 48M B . -3.05 -4.50 -14.34
H22 48M B . -3.36 -5.48 -12.89
H31 48M B . -1.95 -2.79 -13.07
H32 48M B . -3.44 -3.12 -12.24
H41 48M B . 0.09 -4.94 -10.81
H42 48M B . 0.36 -3.58 -11.91
H7 48M B . -4.64 -0.79 -10.17
H8 48M B . -2.69 -1.05 -9.10
H9 48M B . -1.90 -7.85 -9.11
N GLN A 1 8.88 17.94 -8.62
CA GLN A 1 9.04 17.62 -7.19
C GLN A 1 7.71 17.27 -6.50
N ILE A 2 6.71 16.87 -7.30
CA ILE A 2 5.35 16.40 -6.96
C ILE A 2 4.42 17.35 -6.18
N ASN A 3 4.88 17.93 -5.07
CA ASN A 3 4.14 18.86 -4.20
C ASN A 3 2.93 18.22 -3.46
N GLN A 4 3.13 17.01 -2.95
CA GLN A 4 2.20 16.18 -2.18
C GLN A 4 2.80 15.70 -0.85
N VAL A 5 2.11 14.84 -0.10
CA VAL A 5 2.41 14.54 1.31
C VAL A 5 3.13 13.22 1.58
N ARG A 6 3.75 13.13 2.77
CA ARG A 6 4.59 12.03 3.22
C ARG A 6 3.87 11.12 4.25
N PRO A 7 3.78 9.80 4.03
CA PRO A 7 3.30 8.83 5.01
C PRO A 7 4.30 8.59 6.15
N LYS A 8 3.83 7.99 7.25
CA LYS A 8 4.69 7.52 8.37
C LYS A 8 5.64 6.39 7.91
N LEU A 9 6.71 6.18 8.67
CA LEU A 9 7.82 5.25 8.35
C LEU A 9 7.39 3.83 7.90
N PRO A 10 6.48 3.09 8.57
CA PRO A 10 6.02 1.77 8.10
C PRO A 10 5.45 1.77 6.69
N LEU A 11 4.63 2.76 6.41
CA LEU A 11 4.02 2.89 5.11
C LEU A 11 5.04 3.38 4.06
N LEU A 12 5.91 4.33 4.41
CA LEU A 12 7.02 4.74 3.54
C LEU A 12 7.94 3.56 3.20
N LYS A 13 8.16 2.62 4.14
CA LYS A 13 8.94 1.39 3.92
C LYS A 13 8.36 0.51 2.83
N ILE A 14 7.04 0.32 2.77
CA ILE A 14 6.34 -0.45 1.72
C ILE A 14 6.58 0.21 0.35
N LEU A 15 6.42 1.53 0.26
CA LEU A 15 6.58 2.30 -0.98
C LEU A 15 8.04 2.25 -1.47
N HIS A 16 9.00 2.38 -0.56
CA HIS A 16 10.44 2.32 -0.85
C HIS A 16 10.91 0.90 -1.20
N ALA A 17 10.40 -0.12 -0.51
CA ALA A 17 10.66 -1.53 -0.83
C ALA A 17 10.16 -1.89 -2.24
N ALA A 18 9.15 -1.18 -2.74
CA ALA A 18 8.68 -1.27 -4.11
C ALA A 18 9.51 -0.43 -5.11
N GLY A 19 10.19 0.64 -4.67
CA GLY A 19 10.84 1.64 -5.52
C GLY A 19 9.91 2.81 -5.88
N ALA A 20 9.71 3.73 -4.94
CA ALA A 20 8.93 4.97 -5.14
C ALA A 20 9.78 6.13 -5.73
N GLN A 21 9.11 7.19 -6.18
CA GLN A 21 9.72 8.34 -6.87
C GLN A 21 10.01 9.54 -5.93
N GLY A 22 10.25 9.26 -4.64
CA GLY A 22 10.51 10.25 -3.60
C GLY A 22 9.98 9.84 -2.22
N GLU A 23 9.59 10.84 -1.42
CA GLU A 23 8.89 10.69 -0.13
C GLU A 23 7.51 11.37 -0.10
N MET A 24 7.12 12.06 -1.18
CA MET A 24 5.91 12.90 -1.28
C MET A 24 5.00 12.35 -2.39
N PHE A 25 3.79 11.89 -2.05
CA PHE A 25 2.83 11.35 -3.02
C PHE A 25 1.37 11.46 -2.54
N THR A 26 0.42 11.35 -3.46
CA THR A 26 -1.04 11.26 -3.18
C THR A 26 -1.46 9.85 -2.72
N VAL A 27 -2.70 9.69 -2.25
CA VAL A 27 -3.37 8.41 -1.95
C VAL A 27 -3.26 7.46 -3.16
N LYS A 28 -3.58 8.00 -4.34
CA LYS A 28 -3.60 7.31 -5.62
C LYS A 28 -2.20 6.91 -6.12
N GLU A 29 -1.16 7.69 -5.79
CA GLU A 29 0.23 7.32 -6.02
C GLU A 29 0.75 6.32 -4.97
N VAL A 30 0.47 6.50 -3.68
CA VAL A 30 0.94 5.57 -2.64
C VAL A 30 0.42 4.16 -2.86
N MET A 31 -0.88 4.04 -3.12
CA MET A 31 -1.50 2.75 -3.47
C MET A 31 -1.00 2.16 -4.81
N HIS A 32 -0.48 2.96 -5.75
CA HIS A 32 0.18 2.41 -6.94
C HIS A 32 1.48 1.68 -6.56
N TYR A 33 2.23 2.21 -5.60
CA TYR A 33 3.39 1.51 -5.04
C TYR A 33 3.00 0.25 -4.26
N LEU A 34 1.84 0.19 -3.59
CA LEU A 34 1.33 -1.07 -3.02
C LEU A 34 1.05 -2.11 -4.12
N GLY A 35 0.41 -1.70 -5.22
CA GLY A 35 0.13 -2.60 -6.34
C GLY A 35 1.41 -3.17 -6.96
N GLN A 36 2.41 -2.31 -7.23
CA GLN A 36 3.71 -2.78 -7.73
C GLN A 36 4.50 -3.58 -6.69
N TYR A 37 4.37 -3.26 -5.38
CA TYR A 37 4.98 -4.02 -4.30
C TYR A 37 4.44 -5.46 -4.32
N ILE A 38 3.13 -5.64 -4.36
CA ILE A 38 2.50 -6.97 -4.40
C ILE A 38 2.93 -7.71 -5.68
N MET A 39 2.98 -7.02 -6.81
CA MET A 39 3.43 -7.58 -8.09
C MET A 39 4.87 -8.11 -8.01
N VAL A 40 5.83 -7.31 -7.50
CA VAL A 40 7.24 -7.72 -7.36
C VAL A 40 7.48 -8.74 -6.25
N LYS A 41 6.75 -8.62 -5.13
CA LYS A 41 6.74 -9.57 -4.00
C LYS A 41 5.91 -10.85 -4.26
N GLN A 42 5.08 -10.88 -5.31
CA GLN A 42 4.05 -11.86 -5.68
C GLN A 42 3.26 -12.35 -4.48
N LEU A 43 2.57 -11.40 -3.82
CA LEU A 43 1.75 -11.65 -2.64
C LEU A 43 0.30 -11.89 -3.06
N TYR A 44 0.05 -12.58 -4.17
CA TYR A 44 -1.29 -12.82 -4.69
C TYR A 44 -1.55 -14.29 -5.11
N ASP A 45 -2.83 -14.65 -5.29
CA ASP A 45 -3.24 -16.01 -5.70
C ASP A 45 -3.07 -16.29 -7.21
N GLN A 46 -2.80 -17.55 -7.52
CA GLN A 46 -2.69 -18.14 -8.85
C GLN A 46 -4.06 -18.21 -9.54
N GLN A 47 -5.10 -18.52 -8.75
CA GLN A 47 -6.47 -18.73 -9.25
C GLN A 47 -7.17 -17.41 -9.62
N GLU A 48 -6.92 -16.34 -8.86
CA GLU A 48 -7.50 -15.00 -9.08
C GLU A 48 -6.51 -13.95 -8.56
N GLN A 49 -5.83 -13.25 -9.47
CA GLN A 49 -4.73 -12.32 -9.15
C GLN A 49 -5.18 -11.13 -8.30
N HIS A 50 -6.47 -10.77 -8.34
CA HIS A 50 -7.07 -9.78 -7.44
C HIS A 50 -6.84 -10.08 -5.96
N MET A 51 -6.78 -11.37 -5.58
CA MET A 51 -6.76 -11.80 -4.20
C MET A 51 -5.34 -11.77 -3.65
N VAL A 52 -5.12 -10.92 -2.65
CA VAL A 52 -3.80 -10.60 -2.09
C VAL A 52 -3.65 -11.29 -0.72
N TYR A 53 -2.46 -11.81 -0.43
CA TYR A 53 -2.07 -12.57 0.76
C TYR A 53 -0.74 -12.02 1.33
N CYS A 54 -0.81 -10.97 2.14
CA CYS A 54 0.31 -10.25 2.76
C CYS A 54 0.77 -10.79 4.12
N GLY A 55 0.27 -11.94 4.58
CA GLY A 55 0.63 -12.52 5.88
C GLY A 55 2.15 -12.70 6.06
N GLY A 56 2.72 -12.01 7.05
CA GLY A 56 4.16 -11.99 7.35
C GLY A 56 5.00 -10.91 6.66
N ASP A 57 4.41 -10.07 5.79
CA ASP A 57 5.07 -8.93 5.13
C ASP A 57 4.66 -7.58 5.76
N LEU A 58 5.45 -6.52 5.53
CA LEU A 58 5.23 -5.19 6.12
C LEU A 58 3.85 -4.64 5.77
N LEU A 59 3.45 -4.80 4.50
CA LEU A 59 2.11 -4.42 4.05
C LEU A 59 0.99 -5.11 4.85
N GLY A 60 1.14 -6.39 5.17
CA GLY A 60 0.20 -7.14 6.02
C GLY A 60 0.20 -6.67 7.48
N GLU A 61 1.37 -6.35 8.02
CA GLU A 61 1.52 -5.83 9.38
C GLU A 61 0.85 -4.45 9.53
N LEU A 62 0.97 -3.59 8.50
CA LEU A 62 0.31 -2.29 8.45
C LEU A 62 -1.22 -2.40 8.26
N LEU A 63 -1.66 -3.32 7.39
CA LEU A 63 -3.08 -3.66 7.20
C LEU A 63 -3.72 -4.23 8.48
N GLY A 64 -2.93 -4.95 9.31
CA GLY A 64 -3.42 -5.66 10.50
C GLY A 64 -4.16 -6.97 10.17
N ARG A 65 -4.05 -7.41 8.91
CA ARG A 65 -4.72 -8.57 8.29
C ARG A 65 -3.88 -9.10 7.14
N GLN A 66 -3.91 -10.42 6.96
CA GLN A 66 -3.16 -11.10 5.90
C GLN A 66 -3.80 -10.97 4.51
N SER A 67 -5.06 -10.56 4.41
CA SER A 67 -5.78 -10.63 3.11
C SER A 67 -6.86 -9.57 2.85
N PHE A 68 -7.01 -9.25 1.56
CA PHE A 68 -7.97 -8.33 0.91
C PHE A 68 -7.93 -8.60 -0.61
N SER A 69 -8.71 -7.89 -1.44
CA SER A 69 -8.59 -7.97 -2.90
C SER A 69 -8.69 -6.62 -3.62
N VAL A 70 -8.37 -6.63 -4.92
CA VAL A 70 -8.61 -5.53 -5.86
C VAL A 70 -10.12 -5.21 -5.96
N LYS A 71 -11.01 -6.20 -5.73
CA LYS A 71 -12.47 -6.00 -5.64
C LYS A 71 -12.91 -5.34 -4.33
N ASP A 72 -12.15 -5.52 -3.24
CA ASP A 72 -12.46 -5.06 -1.88
C ASP A 72 -11.32 -4.18 -1.30
N PRO A 73 -11.18 -2.92 -1.75
CA PRO A 73 -10.06 -2.03 -1.39
C PRO A 73 -10.14 -1.43 0.03
N SER A 74 -11.30 -1.48 0.68
CA SER A 74 -11.62 -0.79 1.94
C SER A 74 -10.58 -0.87 3.06
N PRO A 75 -9.92 -2.02 3.39
CA PRO A 75 -8.96 -2.03 4.48
C PRO A 75 -7.65 -1.27 4.18
N LEU A 76 -7.33 -0.99 2.91
CA LEU A 76 -6.22 -0.13 2.53
C LEU A 76 -6.48 1.30 3.04
N TYR A 77 -7.66 1.83 2.76
CA TYR A 77 -8.06 3.17 3.18
C TYR A 77 -8.12 3.28 4.70
N ASP A 78 -8.55 2.23 5.39
CA ASP A 78 -8.53 2.14 6.86
C ASP A 78 -7.11 2.14 7.45
N MET A 79 -6.14 1.57 6.74
CA MET A 79 -4.71 1.69 7.10
C MET A 79 -4.04 3.01 6.67
N LEU A 80 -4.48 3.68 5.60
CA LEU A 80 -3.94 4.98 5.21
C LEU A 80 -4.45 6.05 6.18
N ARG A 81 -5.72 6.02 6.59
CA ARG A 81 -6.35 7.14 7.34
C ARG A 81 -5.65 7.58 8.63
N LYS A 82 -4.97 6.63 9.28
CA LYS A 82 -4.08 6.81 10.45
C LYS A 82 -2.56 6.76 10.20
N ASN A 83 -2.09 6.33 9.02
CA ASN A 83 -0.64 6.33 8.68
C ASN A 83 -0.22 7.48 7.74
N LEU A 84 -1.19 7.95 6.95
CA LEU A 84 -1.04 8.99 5.94
C LEU A 84 -2.11 10.07 6.11
N VAL A 85 -1.65 11.30 6.36
CA VAL A 85 -2.48 12.51 6.50
C VAL A 85 -2.46 13.28 5.18
N THR A 86 -3.56 13.22 4.42
CA THR A 86 -3.73 13.90 3.12
C THR A 86 -4.46 15.25 3.25
N LEU A 87 -4.56 15.98 2.13
CA LEU A 87 -5.14 17.31 2.03
C LEU A 87 -6.65 17.28 2.34
N ALA A 88 -7.35 16.30 1.78
CA ALA A 88 -8.79 16.02 1.92
C ALA A 88 -9.73 17.18 1.48
N THR A 89 -11.04 16.96 1.60
CA THR A 89 -12.10 17.89 1.17
C THR A 89 -13.31 17.92 2.11
N 48M B . -5.39 -2.72 -9.69
CG1 48M B . -3.23 -2.25 -7.06
CG2 48M B . -5.88 -1.10 -7.87
CG3 48M B . -4.75 -4.94 -10.35
CD1 48M B . -3.28 -3.55 -6.55
CD2 48M B . -3.05 -1.18 -6.18
CD3 48M B . -6.56 0.12 -8.01
CD4 48M B . -6.18 -1.89 -6.76
CD5 48M B . -5.96 -5.13 -11.03
CD6 48M B . -3.92 -6.06 -10.15
CE1 48M B . -3.22 -3.78 -5.18
CE2 48M B . -3.01 -1.40 -4.80
CE3 48M B . -7.47 0.54 -7.06
CE4 48M B . -7.06 -1.44 -5.77
CE5 48M B . -6.33 -6.37 -11.54
CE6 48M B . -4.29 -7.30 -10.68
CZ1 48M B . -3.10 -2.69 -4.31
CZ2 48M B . -7.72 -0.24 -5.93
CZ3 48M B . -5.49 -7.46 -11.38
CL2 48M B . -3.05 -2.93 -2.60
CL1 48M B . -7.29 -2.40 -4.34
CM1 48M B . -5.87 -8.72 -11.94
CM2 48M B . -3.08 -7.51 -7.51
CM3 48M B . -0.85 -6.45 -8.05
NM1 48M B . -6.19 -9.72 -12.42
C1 48M B . -0.06 -4.62 -13.00
N1 48M B . -0.81 -4.01 -13.94
O1 48M B . 0.87 -5.31 -13.38
C2 48M B . -1.98 -3.17 -13.62
N2 48M B . -1.71 -3.76 -11.18
C3 48M B . -2.66 -3.61 -12.31
N3 48M B . -3.17 -3.10 -9.45
C4 48M B . -0.41 -4.40 -11.53
C5 48M B . -1.91 -3.30 -9.92
O5 48M B . -0.96 -3.04 -9.21
C6 48M B . -4.45 -3.54 -9.90
O6 48M B . -2.79 -5.95 -9.37
C7 48M B . -4.89 -1.54 -8.96
C8 48M B . -3.44 -1.96 -8.55
C9 48M B . -2.15 -7.03 -8.64
HD1 48M B . -3.41 -4.39 -7.22
HD2 48M B . -2.97 -0.16 -6.54
HD3 48M B . -6.38 0.72 -8.90
HD4 48M B . -5.72 -2.86 -6.63
HD5 48M B . -6.64 -4.29 -11.20
HE1 48M B . -3.29 -4.79 -4.78
HE2 48M B . -2.91 -0.57 -4.12
HE3 48M B . -8.01 1.48 -7.19
HE5 48M B . -7.27 -6.48 -12.08
HE6 48M B . -3.65 -8.17 -10.55
HZ2 48M B . -8.42 0.10 -5.17
HM21 48M B . -4.02 -7.88 -7.92
HM22 48M B . -2.62 -8.32 -6.95
HM23 48M B . -3.32 -6.70 -6.81
HM31 48M B . -1.07 -5.65 -7.33
HM32 48M B . -0.29 -7.23 -7.52
HM33 48M B . -0.22 -6.04 -8.83
HN1 48M B . -0.56 -4.15 -14.90
H21 48M B . -1.64 -2.13 -13.52
H22 48M B . -2.69 -3.22 -14.45
H31 48M B . -3.42 -2.85 -12.08
H32 48M B . -3.16 -4.57 -12.48
H41 48M B . -0.38 -5.40 -11.08
H42 48M B . 0.41 -3.80 -11.13
H7 48M B . -4.80 -0.73 -9.68
H8 48M B . -2.78 -1.13 -8.84
H9 48M B . -1.91 -7.84 -9.31
N GLN A 1 9.40 19.12 -8.04
CA GLN A 1 8.72 18.95 -6.75
C GLN A 1 7.22 18.64 -6.92
N ILE A 2 6.68 17.79 -6.03
CA ILE A 2 5.28 17.30 -6.09
C ILE A 2 4.28 18.18 -5.33
N ASN A 3 4.68 18.70 -4.17
CA ASN A 3 3.85 19.52 -3.26
C ASN A 3 2.65 18.77 -2.62
N GLN A 4 2.87 17.49 -2.34
CA GLN A 4 1.94 16.55 -1.68
C GLN A 4 2.54 15.98 -0.41
N VAL A 5 1.87 14.99 0.18
CA VAL A 5 2.14 14.57 1.57
C VAL A 5 2.94 13.28 1.78
N ARG A 6 3.62 13.24 2.94
CA ARG A 6 4.50 12.17 3.40
C ARG A 6 3.72 11.16 4.27
N PRO A 7 3.71 9.85 3.94
CA PRO A 7 3.18 8.81 4.81
C PRO A 7 4.17 8.48 5.95
N LYS A 8 3.69 7.87 7.05
CA LYS A 8 4.54 7.47 8.18
C LYS A 8 5.58 6.41 7.76
N LEU A 9 6.68 6.30 8.50
CA LEU A 9 7.83 5.45 8.16
C LEU A 9 7.47 3.96 7.86
N PRO A 10 6.58 3.29 8.61
CA PRO A 10 6.15 1.91 8.28
C PRO A 10 5.47 1.79 6.91
N LEU A 11 4.67 2.80 6.50
CA LEU A 11 4.05 2.87 5.17
C LEU A 11 5.12 3.16 4.12
N LEU A 12 5.96 4.17 4.37
CA LEU A 12 7.02 4.60 3.45
C LEU A 12 7.99 3.45 3.13
N LYS A 13 8.29 2.56 4.08
CA LYS A 13 9.14 1.38 3.87
C LYS A 13 8.57 0.37 2.86
N ILE A 14 7.26 0.09 2.93
CA ILE A 14 6.53 -0.77 1.96
C ILE A 14 6.65 -0.14 0.55
N LEU A 15 6.40 1.16 0.43
CA LEU A 15 6.43 1.93 -0.82
C LEU A 15 7.84 2.00 -1.42
N HIS A 16 8.85 2.24 -0.58
CA HIS A 16 10.27 2.30 -0.97
C HIS A 16 10.81 0.92 -1.36
N ALA A 17 10.41 -0.14 -0.65
CA ALA A 17 10.74 -1.52 -1.02
C ALA A 17 10.13 -1.93 -2.37
N ALA A 18 9.13 -1.19 -2.86
CA ALA A 18 8.61 -1.32 -4.22
C ALA A 18 9.37 -0.46 -5.25
N GLY A 19 10.00 0.65 -4.84
CA GLY A 19 10.62 1.64 -5.73
C GLY A 19 9.69 2.83 -6.05
N ALA A 20 9.40 3.64 -5.04
CA ALA A 20 8.63 4.89 -5.18
C ALA A 20 9.45 6.02 -5.84
N GLN A 21 8.76 7.06 -6.34
CA GLN A 21 9.35 8.19 -7.08
C GLN A 21 9.55 9.45 -6.19
N GLY A 22 9.78 9.25 -4.89
CA GLY A 22 9.97 10.33 -3.91
C GLY A 22 9.62 9.93 -2.47
N GLU A 23 9.26 10.94 -1.66
CA GLU A 23 8.82 10.80 -0.25
C GLU A 23 7.49 11.55 0.04
N MET A 24 7.00 12.35 -0.92
CA MET A 24 5.78 13.18 -0.86
C MET A 24 4.90 12.82 -2.07
N PHE A 25 3.71 12.27 -1.83
CA PHE A 25 2.77 11.82 -2.88
C PHE A 25 1.30 11.97 -2.43
N THR A 26 0.38 11.73 -3.36
CA THR A 26 -1.07 11.60 -3.09
C THR A 26 -1.48 10.18 -2.70
N VAL A 27 -2.71 10.00 -2.18
CA VAL A 27 -3.35 8.72 -1.83
C VAL A 27 -3.30 7.73 -3.01
N LYS A 28 -3.57 8.28 -4.19
CA LYS A 28 -3.63 7.57 -5.46
C LYS A 28 -2.25 7.14 -5.98
N GLU A 29 -1.20 7.91 -5.68
CA GLU A 29 0.19 7.53 -5.92
C GLU A 29 0.71 6.52 -4.87
N VAL A 30 0.53 6.79 -3.56
CA VAL A 30 0.98 5.87 -2.50
C VAL A 30 0.40 4.46 -2.67
N MET A 31 -0.90 4.38 -2.93
CA MET A 31 -1.57 3.09 -3.13
C MET A 31 -1.16 2.39 -4.44
N HIS A 32 -0.68 3.11 -5.47
CA HIS A 32 -0.20 2.51 -6.72
C HIS A 32 1.09 1.70 -6.49
N TYR A 33 1.98 2.18 -5.62
CA TYR A 33 3.17 1.43 -5.20
C TYR A 33 2.82 0.11 -4.51
N LEU A 34 1.65 -0.04 -3.87
CA LEU A 34 1.21 -1.33 -3.32
C LEU A 34 1.01 -2.36 -4.43
N GLY A 35 0.39 -1.98 -5.55
CA GLY A 35 0.17 -2.87 -6.69
C GLY A 35 1.48 -3.40 -7.28
N GLN A 36 2.46 -2.51 -7.52
CA GLN A 36 3.78 -2.92 -7.99
C GLN A 36 4.55 -3.70 -6.91
N TYR A 37 4.38 -3.38 -5.63
CA TYR A 37 4.99 -4.10 -4.51
C TYR A 37 4.48 -5.55 -4.49
N ILE A 38 3.17 -5.77 -4.55
CA ILE A 38 2.59 -7.12 -4.56
C ILE A 38 3.04 -7.88 -5.80
N MET A 39 3.10 -7.22 -6.96
CA MET A 39 3.58 -7.81 -8.22
C MET A 39 5.03 -8.28 -8.10
N VAL A 40 5.96 -7.45 -7.59
CA VAL A 40 7.37 -7.84 -7.38
C VAL A 40 7.54 -8.87 -6.26
N LYS A 41 6.80 -8.72 -5.15
CA LYS A 41 6.80 -9.65 -4.00
C LYS A 41 5.95 -10.93 -4.20
N GLN A 42 5.18 -11.04 -5.29
CA GLN A 42 4.15 -12.04 -5.60
C GLN A 42 3.35 -12.46 -4.37
N LEU A 43 2.68 -11.47 -3.74
CA LEU A 43 1.86 -11.68 -2.56
C LEU A 43 0.41 -11.97 -2.98
N TYR A 44 0.21 -12.73 -4.06
CA TYR A 44 -1.12 -13.14 -4.52
C TYR A 44 -1.27 -14.66 -4.68
N ASP A 45 -2.50 -15.16 -4.81
CA ASP A 45 -2.77 -16.59 -5.01
C ASP A 45 -2.53 -17.05 -6.47
N GLN A 46 -2.06 -18.28 -6.62
CA GLN A 46 -1.89 -19.03 -7.87
C GLN A 46 -3.25 -19.27 -8.55
N GLN A 47 -4.28 -19.51 -7.74
CA GLN A 47 -5.66 -19.74 -8.21
C GLN A 47 -6.42 -18.44 -8.54
N GLU A 48 -6.13 -17.35 -7.82
CA GLU A 48 -6.82 -16.05 -7.93
C GLU A 48 -5.84 -14.88 -7.79
N GLN A 49 -5.33 -14.38 -8.92
CA GLN A 49 -4.30 -13.34 -8.98
C GLN A 49 -4.76 -12.00 -8.37
N HIS A 50 -6.06 -11.72 -8.35
CA HIS A 50 -6.69 -10.56 -7.73
C HIS A 50 -6.92 -10.70 -6.21
N MET A 51 -6.71 -11.89 -5.63
CA MET A 51 -6.71 -12.11 -4.19
C MET A 51 -5.28 -12.02 -3.65
N VAL A 52 -5.06 -11.07 -2.74
CA VAL A 52 -3.74 -10.73 -2.20
C VAL A 52 -3.60 -11.37 -0.82
N TYR A 53 -2.44 -11.98 -0.56
CA TYR A 53 -2.06 -12.73 0.65
C TYR A 53 -0.69 -12.23 1.19
N CYS A 54 -0.74 -11.22 2.06
CA CYS A 54 0.39 -10.55 2.70
C CYS A 54 0.78 -11.12 4.08
N GLY A 55 0.29 -12.31 4.46
CA GLY A 55 0.60 -12.93 5.76
C GLY A 55 2.12 -13.10 5.97
N GLY A 56 2.65 -12.49 7.04
CA GLY A 56 4.09 -12.47 7.36
C GLY A 56 4.92 -11.37 6.65
N ASP A 57 4.31 -10.54 5.80
CA ASP A 57 4.96 -9.37 5.18
C ASP A 57 4.74 -8.08 5.99
N LEU A 58 5.59 -7.05 5.80
CA LEU A 58 5.38 -5.74 6.41
C LEU A 58 4.05 -5.14 6.00
N LEU A 59 3.70 -5.26 4.71
CA LEU A 59 2.41 -4.81 4.20
C LEU A 59 1.24 -5.42 4.99
N GLY A 60 1.28 -6.73 5.28
CA GLY A 60 0.26 -7.42 6.07
C GLY A 60 0.25 -7.04 7.55
N GLU A 61 1.43 -6.94 8.17
CA GLU A 61 1.57 -6.56 9.59
C GLU A 61 1.05 -5.13 9.84
N LEU A 62 1.26 -4.24 8.86
CA LEU A 62 0.78 -2.86 8.87
C LEU A 62 -0.74 -2.80 8.66
N LEU A 63 -1.23 -3.43 7.58
CA LEU A 63 -2.66 -3.67 7.32
C LEU A 63 -3.41 -4.26 8.53
N GLY A 64 -2.74 -5.05 9.37
CA GLY A 64 -3.33 -5.78 10.49
C GLY A 64 -4.10 -7.04 10.06
N ARG A 65 -3.89 -7.48 8.81
CA ARG A 65 -4.54 -8.65 8.17
C ARG A 65 -3.63 -9.24 7.10
N GLN A 66 -3.81 -10.54 6.88
CA GLN A 66 -3.10 -11.31 5.85
C GLN A 66 -3.70 -11.15 4.46
N SER A 67 -4.94 -10.67 4.32
CA SER A 67 -5.61 -10.66 3.00
C SER A 67 -6.68 -9.58 2.72
N PHE A 68 -6.78 -9.26 1.43
CA PHE A 68 -7.72 -8.32 0.77
C PHE A 68 -7.75 -8.66 -0.74
N SER A 69 -8.54 -7.94 -1.54
CA SER A 69 -8.58 -8.10 -3.01
C SER A 69 -8.50 -6.77 -3.75
N VAL A 70 -8.20 -6.80 -5.05
CA VAL A 70 -8.22 -5.60 -5.92
C VAL A 70 -9.63 -5.02 -6.11
N LYS A 71 -10.68 -5.80 -5.80
CA LYS A 71 -12.10 -5.41 -5.83
C LYS A 71 -12.62 -4.94 -4.45
N ASP A 72 -11.82 -5.10 -3.40
CA ASP A 72 -12.11 -4.71 -2.01
C ASP A 72 -10.95 -3.90 -1.40
N PRO A 73 -10.75 -2.63 -1.81
CA PRO A 73 -9.64 -1.78 -1.37
C PRO A 73 -9.77 -1.24 0.06
N SER A 74 -10.96 -1.33 0.66
CA SER A 74 -11.32 -0.73 1.95
C SER A 74 -10.28 -0.87 3.08
N PRO A 75 -9.65 -2.04 3.35
CA PRO A 75 -8.66 -2.13 4.43
C PRO A 75 -7.37 -1.35 4.15
N LEU A 76 -7.00 -1.10 2.90
CA LEU A 76 -5.87 -0.24 2.54
C LEU A 76 -6.18 1.20 3.00
N TYR A 77 -7.34 1.72 2.60
CA TYR A 77 -7.74 3.08 2.95
C TYR A 77 -7.90 3.25 4.47
N ASP A 78 -8.26 2.18 5.19
CA ASP A 78 -8.31 2.15 6.66
C ASP A 78 -6.92 2.19 7.29
N MET A 79 -5.95 1.49 6.69
CA MET A 79 -4.54 1.55 7.08
C MET A 79 -3.92 2.94 6.78
N LEU A 80 -4.40 3.66 5.76
CA LEU A 80 -3.88 4.97 5.38
C LEU A 80 -4.50 6.02 6.28
N ARG A 81 -5.83 6.06 6.46
CA ARG A 81 -6.53 7.18 7.09
C ARG A 81 -6.03 7.67 8.46
N LYS A 82 -5.47 6.75 9.27
CA LYS A 82 -4.84 7.00 10.58
C LYS A 82 -3.31 7.22 10.59
N ASN A 83 -2.60 6.83 9.54
CA ASN A 83 -1.14 7.06 9.36
C ASN A 83 -0.83 8.20 8.38
N LEU A 84 -1.69 8.40 7.40
CA LEU A 84 -1.60 9.35 6.29
C LEU A 84 -2.89 10.16 6.14
N VAL A 85 -2.75 11.49 6.06
CA VAL A 85 -3.82 12.45 5.74
C VAL A 85 -3.34 13.40 4.64
N THR A 86 -4.18 13.68 3.64
CA THR A 86 -3.82 14.42 2.41
C THR A 86 -4.54 15.76 2.27
N LEU A 87 -3.97 16.62 1.41
CA LEU A 87 -4.55 17.90 0.98
C LEU A 87 -5.61 17.73 -0.13
N ALA A 88 -5.75 16.52 -0.70
CA ALA A 88 -6.73 16.18 -1.72
C ALA A 88 -8.19 16.36 -1.23
N THR A 89 -9.06 16.86 -2.10
CA THR A 89 -10.46 17.22 -1.79
C THR A 89 -11.43 17.00 -2.96
N 48M B . -5.33 -3.43 -10.12
CG1 48M B . -3.22 -2.65 -7.60
CG2 48M B . -5.74 -1.44 -8.63
CG3 48M B . -4.67 -5.73 -10.43
CD1 48M B . -3.32 -3.89 -6.96
CD2 48M B . -3.02 -1.50 -6.84
CD3 48M B . -6.18 -0.15 -8.90
CD4 48M B . -6.18 -2.08 -7.47
CD5 48M B . -5.91 -6.05 -11.00
CD6 48M B . -3.80 -6.79 -10.09
CE1 48M B . -3.25 -3.98 -5.57
CE2 48M B . -2.97 -1.58 -5.45
CE3 48M B . -7.03 0.51 -8.01
CE4 48M B . -6.99 -1.41 -6.56
CE5 48M B . -6.23 -7.37 -11.34
CE6 48M B . -4.13 -8.11 -10.43
CZ1 48M B . -3.08 -2.81 -4.82
CZ2 48M B . -7.44 -0.12 -6.84
CZ3 48M B . -5.34 -8.39 -11.07
CL2 48M B . -3.04 -2.90 -3.10
CL1 48M B . -7.37 -2.15 -5.05
CM1 48M B . -5.67 -9.74 -11.44
CM2 48M B . -2.80 -7.95 -7.35
CM3 48M B . -0.66 -6.80 -8.05
NM1 48M B . -5.95 -10.81 -11.75
C1 48M B . 0.01 -5.72 -13.20
N1 48M B . -0.79 -5.30 -14.20
O1 48M B . 0.95 -6.43 -13.48
C2 48M B . -1.97 -4.46 -13.99
N2 48M B . -1.64 -4.63 -11.50
C3 48M B . -2.61 -4.71 -12.61
N3 48M B . -3.10 -3.75 -9.87
C4 48M B . -0.32 -5.28 -11.77
C5 48M B . -1.84 -3.99 -10.31
O5 48M B . -0.88 -3.61 -9.66
C6 48M B . -4.38 -4.28 -10.20
O6 48M B . -2.65 -6.54 -9.36
C7 48M B . -4.80 -2.14 -9.62
C8 48M B . -3.37 -2.51 -9.13
C9 48M B . -1.93 -7.50 -8.55
HD1 48M B . -3.48 -4.80 -7.54
HD2 48M B . -2.94 -0.53 -7.31
HD3 48M B . -5.86 0.37 -9.81
HD4 48M B . -5.85 -3.09 -7.25
HD5 48M B . -6.62 -5.27 -11.26
HE1 48M B . -3.35 -4.94 -5.08
HE2 48M B . -2.85 -0.69 -4.86
HE3 48M B . -7.38 1.53 -8.23
HE5 48M B . -7.19 -7.58 -11.82
HE6 48M B . -3.45 -8.92 -10.21
HZ2 48M B . -8.08 0.40 -6.13
HM21 48M B . -3.07 -7.09 -6.73
HM22 48M B . -3.72 -8.43 -7.70
HM23 48M B . -2.25 -8.66 -6.74
HM31 48M B . -0.09 -6.39 -8.90
HM32 48M B . -0.91 -5.97 -7.38
HM33 48M B . -0.01 -7.49 -7.53
HN1 48M B . -0.55 -5.60 -15.13
H21 48M B . -1.68 -3.42 -14.06
H22 48M B . -2.72 -4.68 -14.77
H31 48M B . -3.38 -3.94 -12.49
H32 48M B . -3.09 -5.69 -12.61
H41 48M B . -0.25 -6.18 -11.17
H42 48M B . 0.48 -4.60 -11.49
H7 48M B . -4.67 -1.49 -10.50
H8 48M B . -2.69 -1.73 -9.48
H9 48M B . -1.64 -8.35 -9.16
N GLN A 1 7.34 18.81 -9.37
CA GLN A 1 7.70 18.57 -7.96
C GLN A 1 6.51 18.05 -7.12
N ILE A 2 5.49 17.52 -7.79
CA ILE A 2 4.25 16.88 -7.32
C ILE A 2 3.29 17.72 -6.47
N ASN A 3 3.80 18.45 -5.47
CA ASN A 3 3.04 19.29 -4.54
C ASN A 3 2.06 18.50 -3.63
N GLN A 4 2.55 17.40 -3.07
CA GLN A 4 1.84 16.45 -2.19
C GLN A 4 2.68 16.03 -0.97
N VAL A 5 2.14 15.15 -0.12
CA VAL A 5 2.67 14.80 1.21
C VAL A 5 3.39 13.46 1.28
N ARG A 6 4.18 13.24 2.33
CA ARG A 6 4.77 11.95 2.67
C ARG A 6 3.97 11.18 3.73
N PRO A 7 3.81 9.85 3.60
CA PRO A 7 3.20 8.99 4.62
C PRO A 7 4.19 8.76 5.79
N LYS A 8 3.69 8.16 6.89
CA LYS A 8 4.54 7.78 8.04
C LYS A 8 5.56 6.70 7.65
N LEU A 9 6.66 6.60 8.39
CA LEU A 9 7.81 5.73 8.09
C LEU A 9 7.45 4.26 7.81
N PRO A 10 6.52 3.59 8.52
CA PRO A 10 6.11 2.21 8.19
C PRO A 10 5.45 2.08 6.82
N LEU A 11 4.57 3.02 6.43
CA LEU A 11 3.98 3.07 5.08
C LEU A 11 5.03 3.38 4.02
N LEU A 12 5.89 4.37 4.27
CA LEU A 12 6.99 4.74 3.37
C LEU A 12 7.91 3.53 3.13
N LYS A 13 8.14 2.69 4.15
CA LYS A 13 8.87 1.42 4.03
C LYS A 13 8.28 0.47 2.98
N ILE A 14 6.96 0.35 2.87
CA ILE A 14 6.31 -0.48 1.84
C ILE A 14 6.61 0.08 0.44
N LEU A 15 6.40 1.38 0.26
CA LEU A 15 6.56 2.11 -1.00
C LEU A 15 8.02 2.05 -1.48
N HIS A 16 8.98 2.18 -0.54
CA HIS A 16 10.42 2.09 -0.81
C HIS A 16 10.89 0.64 -1.01
N ALA A 17 10.33 -0.33 -0.30
CA ALA A 17 10.53 -1.76 -0.53
C ALA A 17 10.09 -2.16 -1.96
N ALA A 18 9.15 -1.41 -2.54
CA ALA A 18 8.76 -1.52 -3.93
C ALA A 18 9.63 -0.69 -4.90
N GLY A 19 10.32 0.36 -4.44
CA GLY A 19 11.03 1.33 -5.29
C GLY A 19 10.15 2.49 -5.75
N ALA A 20 9.87 3.45 -4.85
CA ALA A 20 9.10 4.67 -5.14
C ALA A 20 9.93 5.78 -5.81
N GLN A 21 9.24 6.77 -6.40
CA GLN A 21 9.84 7.87 -7.17
C GLN A 21 10.04 9.15 -6.34
N GLY A 22 10.21 9.01 -5.01
CA GLY A 22 10.36 10.11 -4.06
C GLY A 22 9.80 9.78 -2.66
N GLU A 23 9.43 10.84 -1.93
CA GLU A 23 8.68 10.76 -0.66
C GLU A 23 7.30 11.45 -0.73
N MET A 24 7.06 12.33 -1.70
CA MET A 24 5.83 13.13 -1.82
C MET A 24 4.88 12.53 -2.86
N PHE A 25 3.69 12.06 -2.46
CA PHE A 25 2.68 11.51 -3.37
C PHE A 25 1.23 11.60 -2.86
N THR A 26 0.27 11.52 -3.79
CA THR A 26 -1.19 11.42 -3.52
C THR A 26 -1.62 10.00 -3.14
N VAL A 27 -2.85 9.84 -2.64
CA VAL A 27 -3.50 8.56 -2.26
C VAL A 27 -3.41 7.52 -3.38
N LYS A 28 -3.63 8.00 -4.61
CA LYS A 28 -3.65 7.20 -5.82
C LYS A 28 -2.26 6.73 -6.25
N GLU A 29 -1.23 7.53 -5.95
CA GLU A 29 0.18 7.19 -6.15
C GLU A 29 0.72 6.28 -5.04
N VAL A 30 0.44 6.58 -3.75
CA VAL A 30 0.87 5.72 -2.64
C VAL A 30 0.32 4.31 -2.76
N MET A 31 -0.97 4.18 -3.05
CA MET A 31 -1.57 2.88 -3.33
C MET A 31 -1.02 2.21 -4.61
N HIS A 32 -0.56 2.95 -5.63
CA HIS A 32 0.04 2.33 -6.83
C HIS A 32 1.35 1.59 -6.51
N TYR A 33 2.14 2.12 -5.58
CA TYR A 33 3.32 1.40 -5.06
C TYR A 33 2.95 0.11 -4.31
N LEU A 34 1.76 0.00 -3.71
CA LEU A 34 1.28 -1.28 -3.17
C LEU A 34 1.04 -2.27 -4.31
N GLY A 35 0.38 -1.84 -5.39
CA GLY A 35 0.18 -2.65 -6.59
C GLY A 35 1.50 -3.18 -7.17
N GLN A 36 2.51 -2.31 -7.31
CA GLN A 36 3.84 -2.74 -7.77
C GLN A 36 4.58 -3.59 -6.74
N TYR A 37 4.44 -3.32 -5.42
CA TYR A 37 5.01 -4.14 -4.36
C TYR A 37 4.47 -5.57 -4.47
N ILE A 38 3.15 -5.73 -4.58
CA ILE A 38 2.51 -7.05 -4.73
C ILE A 38 2.98 -7.71 -6.03
N MET A 39 3.08 -6.96 -7.13
CA MET A 39 3.51 -7.49 -8.42
C MET A 39 4.96 -8.01 -8.39
N VAL A 40 5.89 -7.32 -7.71
CA VAL A 40 7.28 -7.78 -7.55
C VAL A 40 7.40 -8.89 -6.51
N LYS A 41 6.68 -8.78 -5.38
CA LYS A 41 6.59 -9.81 -4.32
C LYS A 41 5.69 -11.02 -4.68
N GLN A 42 4.96 -10.96 -5.80
CA GLN A 42 3.88 -11.86 -6.27
C GLN A 42 3.02 -12.42 -5.13
N LEU A 43 2.30 -11.51 -4.43
CA LEU A 43 1.48 -11.87 -3.26
C LEU A 43 0.04 -12.24 -3.62
N TYR A 44 -0.30 -12.33 -4.91
CA TYR A 44 -1.65 -12.69 -5.36
C TYR A 44 -1.83 -14.21 -5.57
N ASP A 45 -3.09 -14.64 -5.69
CA ASP A 45 -3.44 -16.04 -6.00
C ASP A 45 -3.17 -16.40 -7.47
N GLN A 46 -2.61 -17.59 -7.70
CA GLN A 46 -2.48 -18.21 -9.03
C GLN A 46 -3.79 -18.24 -9.84
N GLN A 47 -4.88 -18.54 -9.14
CA GLN A 47 -6.23 -18.70 -9.67
C GLN A 47 -6.99 -17.36 -9.79
N GLU A 48 -6.54 -16.33 -9.05
CA GLU A 48 -7.22 -15.03 -8.92
C GLU A 48 -6.21 -13.88 -8.72
N GLN A 49 -5.71 -13.32 -9.82
CA GLN A 49 -4.66 -12.28 -9.82
C GLN A 49 -5.04 -10.98 -9.11
N HIS A 50 -6.34 -10.65 -9.05
CA HIS A 50 -6.90 -9.51 -8.32
C HIS A 50 -7.03 -9.75 -6.80
N MET A 51 -6.90 -11.00 -6.34
CA MET A 51 -7.00 -11.38 -4.92
C MET A 51 -5.60 -11.52 -4.32
N VAL A 52 -5.33 -10.75 -3.26
CA VAL A 52 -3.99 -10.57 -2.66
C VAL A 52 -3.94 -11.23 -1.28
N TYR A 53 -2.79 -11.85 -0.96
CA TYR A 53 -2.51 -12.58 0.27
C TYR A 53 -1.17 -12.11 0.89
N CYS A 54 -1.22 -11.07 1.72
CA CYS A 54 -0.07 -10.42 2.36
C CYS A 54 0.38 -11.01 3.70
N GLY A 55 -0.25 -12.09 4.17
CA GLY A 55 0.12 -12.74 5.44
C GLY A 55 1.60 -13.12 5.50
N GLY A 56 2.31 -12.60 6.52
CA GLY A 56 3.75 -12.79 6.72
C GLY A 56 4.66 -11.72 6.08
N ASP A 57 4.14 -10.77 5.31
CA ASP A 57 4.89 -9.63 4.76
C ASP A 57 4.60 -8.32 5.52
N LEU A 58 5.51 -7.33 5.41
CA LEU A 58 5.40 -6.05 6.14
C LEU A 58 4.09 -5.33 5.80
N LEU A 59 3.73 -5.30 4.50
CA LEU A 59 2.46 -4.74 4.07
C LEU A 59 1.25 -5.38 4.79
N GLY A 60 1.24 -6.71 4.95
CA GLY A 60 0.18 -7.44 5.68
C GLY A 60 0.14 -7.10 7.17
N GLU A 61 1.31 -7.04 7.82
CA GLU A 61 1.42 -6.66 9.23
C GLU A 61 0.95 -5.21 9.47
N LEU A 62 1.24 -4.31 8.52
CA LEU A 62 0.82 -2.90 8.54
C LEU A 62 -0.67 -2.70 8.21
N LEU A 63 -1.23 -3.51 7.30
CA LEU A 63 -2.67 -3.60 7.03
C LEU A 63 -3.44 -4.07 8.27
N GLY A 64 -2.89 -5.04 9.01
CA GLY A 64 -3.57 -5.74 10.11
C GLY A 64 -4.49 -6.88 9.65
N ARG A 65 -4.46 -7.21 8.35
CA ARG A 65 -5.18 -8.30 7.69
C ARG A 65 -4.30 -8.91 6.59
N GLN A 66 -4.36 -10.24 6.47
CA GLN A 66 -3.56 -11.03 5.53
C GLN A 66 -4.11 -11.07 4.11
N SER A 67 -5.30 -10.54 3.87
CA SER A 67 -5.89 -10.50 2.50
C SER A 67 -6.86 -9.36 2.21
N PHE A 68 -6.97 -9.04 0.92
CA PHE A 68 -7.86 -8.04 0.31
C PHE A 68 -7.93 -8.27 -1.22
N SER A 69 -8.80 -7.54 -1.93
CA SER A 69 -8.91 -7.53 -3.39
C SER A 69 -8.79 -6.13 -3.98
N VAL A 70 -8.30 -5.99 -5.20
CA VAL A 70 -8.33 -4.71 -5.95
C VAL A 70 -9.77 -4.19 -6.18
N LYS A 71 -10.76 -5.09 -6.06
CA LYS A 71 -12.21 -4.81 -6.18
C LYS A 71 -12.84 -4.32 -4.86
N ASP A 72 -12.07 -4.34 -3.77
CA ASP A 72 -12.51 -3.97 -2.41
C ASP A 72 -11.34 -3.28 -1.64
N PRO A 73 -11.09 -1.98 -1.89
CA PRO A 73 -9.90 -1.27 -1.39
C PRO A 73 -9.96 -0.82 0.08
N SER A 74 -11.13 -0.93 0.74
CA SER A 74 -11.36 -0.49 2.12
C SER A 74 -10.27 -0.85 3.16
N PRO A 75 -9.69 -2.06 3.23
CA PRO A 75 -8.61 -2.36 4.18
C PRO A 75 -7.33 -1.55 3.96
N LEU A 76 -7.05 -1.10 2.72
CA LEU A 76 -5.94 -0.20 2.41
C LEU A 76 -6.24 1.18 3.02
N TYR A 77 -7.42 1.72 2.74
CA TYR A 77 -7.80 3.03 3.24
C TYR A 77 -7.87 3.06 4.78
N ASP A 78 -8.18 1.94 5.43
CA ASP A 78 -8.20 1.78 6.88
C ASP A 78 -6.80 1.85 7.51
N MET A 79 -5.80 1.35 6.78
CA MET A 79 -4.38 1.52 7.15
C MET A 79 -3.85 2.93 6.81
N LEU A 80 -4.37 3.61 5.78
CA LEU A 80 -3.91 4.95 5.39
C LEU A 80 -4.50 5.98 6.34
N ARG A 81 -5.82 5.93 6.61
CA ARG A 81 -6.58 6.98 7.31
C ARG A 81 -6.00 7.53 8.63
N LYS A 82 -5.33 6.66 9.38
CA LYS A 82 -4.66 6.95 10.67
C LYS A 82 -3.15 7.22 10.61
N ASN A 83 -2.47 6.85 9.52
CA ASN A 83 -1.04 7.11 9.30
C ASN A 83 -0.79 8.29 8.34
N LEU A 84 -1.55 8.31 7.25
CA LEU A 84 -1.51 9.31 6.18
C LEU A 84 -2.80 10.16 6.16
N VAL A 85 -2.64 11.45 6.40
CA VAL A 85 -3.75 12.43 6.50
C VAL A 85 -4.14 13.09 5.17
N THR A 86 -3.16 13.20 4.28
CA THR A 86 -3.21 13.77 2.91
C THR A 86 -3.88 15.17 2.82
N LEU A 87 -4.28 15.59 1.61
CA LEU A 87 -4.90 16.90 1.32
C LEU A 87 -6.12 17.18 2.20
N ALA A 88 -7.05 16.21 2.24
CA ALA A 88 -8.26 16.18 3.06
C ALA A 88 -9.20 17.40 2.87
N THR A 89 -10.29 17.45 3.66
CA THR A 89 -11.34 18.48 3.59
C THR A 89 -11.96 18.83 4.94
N 48M B . -5.17 -2.51 -10.17
CG1 48M B . -3.13 -2.09 -7.55
CG2 48M B . -5.45 -0.55 -8.63
CG3 48M B . -4.70 -4.84 -10.62
CD1 48M B . -3.25 -3.38 -7.01
CD2 48M B . -3.01 -1.01 -6.69
CD3 48M B . -5.76 0.79 -8.89
CD4 48M B . -6.01 -1.18 -7.52
CD5 48M B . -5.95 -5.01 -11.24
CD6 48M B . -3.93 -5.99 -10.37
CE1 48M B . -3.24 -3.56 -5.62
CE2 48M B . -3.04 -1.19 -5.31
CE3 48M B . -6.61 1.50 -8.02
CE4 48M B . -6.83 -0.46 -6.64
CE5 48M B . -6.39 -6.25 -11.67
CE6 48M B . -4.38 -7.25 -10.81
CZ1 48M B . -3.14 -2.47 -4.78
CZ2 48M B . -7.14 0.87 -6.90
CZ3 48M B . -5.61 -7.37 -11.47
CL2 48M B . -3.12 -2.68 -3.06
CL1 48M B . -7.40 -1.23 -5.20
CM1 48M B . -6.06 -8.65 -11.96
CM2 48M B . -3.02 -7.34 -7.67
CM3 48M B . -0.77 -6.46 -8.40
NM1 48M B . -6.45 -9.65 -12.36
C1 48M B . 0.13 -4.72 -13.37
N1 48M B . -0.62 -4.10 -14.29
O1 48M B . 1.11 -5.34 -13.74
C2 48M B . -1.83 -3.34 -14.01
N2 48M B . -1.56 -3.88 -11.57
C3 48M B . -2.51 -3.78 -12.69
N3 48M B . -2.98 -3.05 -9.88
C4 48M B . -0.29 -4.60 -11.89
C5 48M B . -1.74 -3.34 -10.33
O5 48M B . -0.76 -3.09 -9.63
C6 48M B . -4.29 -3.44 -10.28
O6 48M B . -2.76 -5.90 -9.64
C7 48M B . -4.53 -1.31 -9.60
C8 48M B . -3.17 -1.84 -9.06
C9 48M B . -2.14 -6.97 -8.88
HD1 48M B . -3.35 -4.25 -7.65
HD2 48M B . -2.92 0.00 -7.09
HD3 48M B . -5.35 1.28 -9.76
HD4 48M B . -5.78 -2.21 -7.30
HD5 48M B . -6.59 -4.14 -11.43
HE1 48M B . -3.33 -4.57 -5.21
HE2 48M B . -2.99 -0.34 -4.64
HE3 48M B . -6.84 2.54 -8.23
HE5 48M B . -7.36 -6.34 -12.16
HE6 48M B . -3.78 -8.13 -10.64
HZ2 48M B . -7.79 1.42 -6.22
HM21 48M B . -3.12 -6.49 -6.99
HM22 48M B . -4.03 -7.63 -8.00
HM23 48M B . -2.59 -8.18 -7.13
HM31 48M B . -0.24 -7.24 -7.87
HM32 48M B . -0.17 -6.14 -9.26
HM33 48M B . -0.89 -5.60 -7.73
HN1 48M B . -0.31 -4.19 -15.25
H21 48M B . -1.57 -2.28 -13.91
H22 48M B . -2.54 -3.45 -14.84
H31 48M B . -3.29 -3.05 -12.49
H32 48M B . -2.98 -4.75 -12.85
H41 48M B . -0.36 -5.64 -11.53
H42 48M B . 0.55 -4.12 -11.40
H7 48M B . -4.30 -0.64 -10.45
H8 48M B . -2.41 -1.10 -9.32
H9 48M B . -1.99 -7.84 -9.52
#